data_8OFK
#
_entry.id   8OFK
#
_cell.length_a   107.195
_cell.length_b   125.475
_cell.length_c   238.581
_cell.angle_alpha   90.000
_cell.angle_beta   90.000
_cell.angle_gamma   90.000
#
_symmetry.space_group_name_H-M   'C 2 2 21'
#
loop_
_entity.id
_entity.type
_entity.pdbx_description
1 polymer Uricase
2 non-polymer 8-AZAXANTHINE
3 non-polymer 'OXYGEN MOLECULE'
4 non-polymer 1,2-ETHANEDIOL
5 non-polymer 'CHLORIDE ION'
6 water water
#
_entity_poly.entity_id   1
_entity_poly.type   'polypeptide(L)'
_entity_poly.pdbx_seq_one_letter_code
;MGSSHHHHHHSSGLVPRGSHMASMSQVTIKDIEVLNCEYGKNTIKFLRLHREGKKHFVKEVEVCTHLRLTSAHEYLDGNN
SFVIPTDTIKNIVLVLAKKNGISSIEQFAIDICKHFMTTFCQVAYVKTYIQEVPWQRQYQNGVPHIHSFILVPDGIRFCE
AEQCRNGPLVVCAGIKDLKLMKTTQSGFEGFYRNEHTTLPERNDRILCGEFFCKWSYGECRDFDFDCIWSKVRECILEAF
SGPPDCGEYSPSYQRTVNCIQMCVLSRVPQVQVIEVILNNNFYNVVDMKALGCTNDKEVLVPVETPYGSCACTLGRKKYL
EAQSHMIKDEKQSQFGLVAAQGK
;
_entity_poly.pdbx_strand_id   AAA,BBB,CCC,DDD
#
loop_
_chem_comp.id
_chem_comp.type
_chem_comp.name
_chem_comp.formula
AZA non-polymer 8-AZAXANTHINE 'C4 H3 N5 O2'
CL non-polymer 'CHLORIDE ION' 'Cl -1'
EDO non-polymer 1,2-ETHANEDIOL 'C2 H6 O2'
OXY non-polymer 'OXYGEN MOLECULE' O2
#
# COMPACT_ATOMS: atom_id res chain seq x y z
N SER A 25 -12.27 58.13 9.37
CA SER A 25 -12.97 57.49 10.52
C SER A 25 -12.13 56.30 11.03
N GLN A 26 -11.61 56.39 12.26
CA GLN A 26 -10.77 55.33 12.88
C GLN A 26 -11.66 54.15 13.30
N VAL A 27 -11.29 52.94 12.87
CA VAL A 27 -12.07 51.70 13.11
C VAL A 27 -11.71 51.20 14.52
N THR A 28 -12.67 50.57 15.20
CA THR A 28 -12.45 49.88 16.50
C THR A 28 -12.65 48.38 16.29
N ILE A 29 -12.27 47.61 17.31
CA ILE A 29 -12.46 46.13 17.37
C ILE A 29 -13.92 45.78 17.01
N LYS A 30 -14.88 46.67 17.33
CA LYS A 30 -16.34 46.43 17.14
C LYS A 30 -16.72 46.42 15.66
N ASP A 31 -16.02 47.17 14.80
CA ASP A 31 -16.31 47.24 13.33
C ASP A 31 -15.66 46.07 12.57
N ILE A 32 -14.75 45.33 13.22
CA ILE A 32 -13.81 44.39 12.51
C ILE A 32 -14.05 42.97 13.00
N GLU A 33 -14.07 42.00 12.08
CA GLU A 33 -14.11 40.55 12.37
C GLU A 33 -12.72 39.94 12.18
N VAL A 34 -12.27 39.13 13.14
CA VAL A 34 -11.06 38.25 13.01
C VAL A 34 -11.47 37.02 12.20
N LEU A 35 -11.06 36.92 10.93
CA LEU A 35 -11.41 35.76 10.07
C LEU A 35 -10.47 34.59 10.35
N ASN A 36 -9.21 34.85 10.65
CA ASN A 36 -8.17 33.81 10.84
C ASN A 36 -7.03 34.40 11.67
N CYS A 37 -6.51 33.62 12.62
CA CYS A 37 -5.30 33.88 13.43
C CYS A 37 -4.51 32.58 13.54
N GLU A 38 -3.25 32.58 13.10
CA GLU A 38 -2.45 31.34 13.13
C GLU A 38 -0.98 31.75 13.37
N TYR A 39 -0.22 30.93 14.06
CA TYR A 39 1.21 31.22 14.31
C TYR A 39 1.93 29.90 14.46
N GLY A 40 3.26 29.94 14.35
CA GLY A 40 4.01 28.70 14.54
C GLY A 40 5.49 28.85 14.37
N LYS A 41 6.16 27.70 14.36
CA LYS A 41 7.61 27.62 14.19
C LYS A 41 7.88 26.90 12.87
N ASN A 42 8.77 27.46 12.07
CA ASN A 42 9.05 27.01 10.69
C ASN A 42 10.50 26.53 10.59
N THR A 43 10.73 25.46 9.82
CA THR A 43 12.08 24.98 9.44
C THR A 43 12.86 24.62 10.71
N ILE A 44 12.26 23.84 11.58
CA ILE A 44 12.99 23.15 12.69
C ILE A 44 13.74 21.98 12.07
N LYS A 45 15.05 22.09 11.99
CA LYS A 45 15.92 21.09 11.32
C LYS A 45 16.66 20.32 12.40
N PHE A 46 16.63 19.00 12.33
CA PHE A 46 17.45 18.14 13.20
C PHE A 46 17.60 16.74 12.59
N LEU A 47 18.62 16.05 13.06
CA LEU A 47 18.91 14.65 12.74
C LEU A 47 18.62 13.82 13.99
N ARG A 48 17.83 12.77 13.83
CA ARG A 48 17.62 11.75 14.86
C ARG A 48 18.54 10.58 14.54
N LEU A 49 19.49 10.31 15.43
CA LEU A 49 20.49 9.23 15.26
C LEU A 49 20.08 8.05 16.15
N HIS A 50 20.07 6.85 15.59
CA HIS A 50 19.78 5.58 16.31
C HIS A 50 20.92 4.61 16.01
N ARG A 51 21.43 3.93 17.04
CA ARG A 51 22.59 3.01 16.95
C ARG A 51 22.13 1.63 17.40
N GLU A 52 22.28 0.62 16.52
CA GLU A 52 22.14 -0.82 16.85
C GLU A 52 23.54 -1.44 16.79
N GLY A 53 24.26 -1.44 17.91
CA GLY A 53 25.70 -1.75 17.98
C GLY A 53 26.46 -0.80 17.08
N LYS A 54 27.26 -1.33 16.14
CA LYS A 54 28.10 -0.55 15.20
C LYS A 54 27.24 0.15 14.14
N LYS A 55 26.03 -0.37 13.88
CA LYS A 55 25.21 0.08 12.72
C LYS A 55 24.43 1.33 13.14
N HIS A 56 24.63 2.44 12.41
CA HIS A 56 23.96 3.74 12.65
C HIS A 56 22.82 3.91 11.64
N PHE A 57 21.72 4.50 12.09
CA PHE A 57 20.51 4.85 11.31
C PHE A 57 20.26 6.34 11.50
N VAL A 58 19.90 7.03 10.43
CA VAL A 58 19.64 8.49 10.51
C VAL A 58 18.27 8.79 9.95
N LYS A 59 17.61 9.75 10.55
CA LYS A 59 16.45 10.42 9.97
C LYS A 59 16.64 11.90 10.23
N GLU A 60 16.94 12.66 9.17
CA GLU A 60 17.06 14.11 9.26
C GLU A 60 15.79 14.70 8.65
N VAL A 61 15.19 15.63 9.35
CA VAL A 61 13.88 16.20 8.97
C VAL A 61 13.91 17.72 9.14
N GLU A 62 12.95 18.36 8.47
N GLU A 62 12.95 18.35 8.48
CA GLU A 62 12.59 19.78 8.62
CA GLU A 62 12.59 19.77 8.62
C GLU A 62 11.12 19.79 9.00
C GLU A 62 11.12 19.79 9.00
N VAL A 63 10.80 20.39 10.15
CA VAL A 63 9.44 20.39 10.73
C VAL A 63 8.92 21.82 10.79
N CYS A 64 7.66 22.03 10.40
CA CYS A 64 6.90 23.27 10.67
C CYS A 64 5.67 22.86 11.48
N THR A 65 5.42 23.51 12.61
CA THR A 65 4.20 23.25 13.41
C THR A 65 3.49 24.58 13.60
N HIS A 66 2.21 24.65 13.26
CA HIS A 66 1.37 25.87 13.39
C HIS A 66 0.17 25.56 14.29
N LEU A 67 -0.24 26.57 15.06
CA LEU A 67 -1.35 26.52 16.02
C LEU A 67 -2.37 27.60 15.66
N ARG A 68 -3.64 27.33 15.88
CA ARG A 68 -4.67 28.37 16.08
C ARG A 68 -5.16 28.25 17.53
N LEU A 69 -5.18 29.36 18.25
CA LEU A 69 -5.64 29.40 19.67
C LEU A 69 -7.14 29.71 19.69
N THR A 70 -7.79 29.45 20.82
CA THR A 70 -9.24 29.65 21.02
C THR A 70 -9.53 31.13 21.27
N SER A 71 -8.50 31.97 21.43
CA SER A 71 -8.64 33.43 21.68
C SER A 71 -7.57 34.20 20.89
N ALA A 72 -7.76 35.51 20.73
CA ALA A 72 -6.82 36.36 19.96
C ALA A 72 -6.44 37.60 20.78
N HIS A 73 -6.37 37.48 22.11
CA HIS A 73 -6.02 38.59 23.02
C HIS A 73 -4.63 39.14 22.69
N GLU A 74 -3.69 38.30 22.22
CA GLU A 74 -2.30 38.75 21.90
C GLU A 74 -2.37 39.76 20.75
N TYR A 75 -3.28 39.58 19.80
CA TYR A 75 -3.50 40.50 18.66
C TYR A 75 -4.33 41.70 19.10
N LEU A 76 -5.49 41.42 19.72
CA LEU A 76 -6.56 42.43 19.96
C LEU A 76 -6.28 43.33 21.16
N ASP A 77 -5.57 42.83 22.17
CA ASP A 77 -5.45 43.49 23.51
C ASP A 77 -3.99 43.64 23.95
N GLY A 78 -3.03 43.05 23.24
CA GLY A 78 -1.62 43.02 23.65
C GLY A 78 -1.41 42.19 24.91
N ASN A 79 -2.23 41.16 25.10
CA ASN A 79 -2.20 40.25 26.28
C ASN A 79 -1.75 38.87 25.81
N ASN A 80 -0.61 38.39 26.31
CA ASN A 80 0.07 37.18 25.82
C ASN A 80 -0.23 35.97 26.72
N SER A 81 -1.12 36.09 27.70
CA SER A 81 -1.37 35.07 28.76
C SER A 81 -1.49 33.65 28.18
N PHE A 82 -2.15 33.49 27.04
CA PHE A 82 -2.51 32.16 26.46
C PHE A 82 -1.50 31.73 25.40
N VAL A 83 -0.53 32.59 25.05
CA VAL A 83 0.35 32.31 23.89
C VAL A 83 1.44 31.33 24.33
N ILE A 84 1.51 30.20 23.63
CA ILE A 84 2.62 29.21 23.75
C ILE A 84 3.74 29.73 22.85
N PRO A 85 4.90 30.13 23.41
CA PRO A 85 5.96 30.68 22.57
C PRO A 85 6.32 29.71 21.43
N THR A 86 6.66 30.26 20.26
CA THR A 86 7.11 29.42 19.11
C THR A 86 8.39 28.67 19.54
N ASP A 87 9.17 29.26 20.44
CA ASP A 87 10.38 28.61 21.02
C ASP A 87 9.97 27.32 21.74
N THR A 88 8.83 27.33 22.45
CA THR A 88 8.30 26.12 23.13
C THR A 88 7.88 25.07 22.08
N ILE A 89 7.30 25.50 20.96
CA ILE A 89 6.94 24.57 19.86
C ILE A 89 8.21 23.82 19.44
N LYS A 90 9.28 24.56 19.21
CA LYS A 90 10.59 23.97 18.80
C LYS A 90 11.04 22.97 19.86
N ASN A 91 11.05 23.37 21.14
CA ASN A 91 11.51 22.49 22.25
C ASN A 91 10.71 21.18 22.26
N ILE A 92 9.39 21.28 22.10
CA ILE A 92 8.49 20.09 22.12
C ILE A 92 8.85 19.15 20.97
N VAL A 93 9.05 19.68 19.77
CA VAL A 93 9.41 18.85 18.59
C VAL A 93 10.70 18.07 18.90
N LEU A 94 11.70 18.75 19.44
CA LEU A 94 13.03 18.12 19.74
C LEU A 94 12.88 17.07 20.84
N VAL A 95 12.12 17.41 21.89
CA VAL A 95 11.89 16.49 23.04
C VAL A 95 11.16 15.22 22.54
N LEU A 96 10.13 15.36 21.72
CA LEU A 96 9.38 14.20 21.21
C LEU A 96 10.29 13.33 20.33
N ALA A 97 11.16 13.94 19.51
CA ALA A 97 12.10 13.17 18.66
C ALA A 97 13.02 12.35 19.56
N LYS A 98 13.53 12.94 20.64
CA LYS A 98 14.42 12.23 21.59
C LYS A 98 13.63 11.09 22.24
N LYS A 99 12.47 11.39 22.81
CA LYS A 99 11.69 10.40 23.63
C LYS A 99 11.11 9.29 22.76
N ASN A 100 10.51 9.64 21.62
CA ASN A 100 9.73 8.69 20.78
C ASN A 100 10.60 8.07 19.67
N GLY A 101 11.67 8.74 19.26
CA GLY A 101 12.34 8.41 17.98
C GLY A 101 11.45 8.77 16.80
N ILE A 102 11.90 8.48 15.59
CA ILE A 102 11.12 8.72 14.35
C ILE A 102 11.11 7.40 13.55
N SER A 103 10.06 6.59 13.68
CA SER A 103 9.88 5.36 12.88
C SER A 103 9.50 5.77 11.45
N SER A 104 8.59 6.73 11.33
CA SER A 104 8.18 7.34 10.05
C SER A 104 7.88 8.81 10.32
N ILE A 105 8.04 9.68 9.33
CA ILE A 105 7.69 11.10 9.54
C ILE A 105 6.19 11.20 9.84
N GLU A 106 5.36 10.32 9.27
CA GLU A 106 3.89 10.38 9.51
C GLU A 106 3.61 10.15 11.00
N GLN A 107 4.21 9.12 11.60
CA GLN A 107 3.98 8.80 13.03
C GLN A 107 4.49 9.99 13.86
N PHE A 108 5.60 10.62 13.48
CA PHE A 108 6.16 11.77 14.23
C PHE A 108 5.19 12.95 14.14
N ALA A 109 4.63 13.23 12.96
CA ALA A 109 3.65 14.33 12.76
C ALA A 109 2.40 14.05 13.62
N ILE A 110 1.94 12.80 13.66
CA ILE A 110 0.79 12.38 14.52
C ILE A 110 1.14 12.67 15.98
N ASP A 111 2.33 12.24 16.43
CA ASP A 111 2.79 12.40 17.83
C ASP A 111 2.80 13.89 18.18
N ILE A 112 3.28 14.76 17.28
CA ILE A 112 3.35 16.23 17.55
C ILE A 112 1.92 16.79 17.67
N CYS A 113 1.04 16.50 16.72
CA CYS A 113 -0.36 17.02 16.74
C CYS A 113 -1.06 16.53 18.02
N LYS A 114 -0.92 15.25 18.35
CA LYS A 114 -1.55 14.65 19.56
C LYS A 114 -1.01 15.36 20.80
N HIS A 115 0.30 15.63 20.86
CA HIS A 115 0.92 16.30 22.04
C HIS A 115 0.24 17.65 22.25
N PHE A 116 0.12 18.46 21.19
CA PHE A 116 -0.44 19.83 21.29
C PHE A 116 -1.90 19.76 21.73
N MET A 117 -2.68 18.88 21.10
N MET A 117 -2.68 18.88 21.10
CA MET A 117 -4.14 18.77 21.35
CA MET A 117 -4.14 18.78 21.36
C MET A 117 -4.38 18.30 22.80
C MET A 117 -4.39 18.31 22.80
N THR A 118 -3.56 17.39 23.31
CA THR A 118 -3.79 16.77 24.65
C THR A 118 -3.10 17.58 25.75
N THR A 119 -2.23 18.54 25.41
CA THR A 119 -1.43 19.30 26.40
C THR A 119 -2.02 20.68 26.66
N PHE A 120 -2.51 21.34 25.63
CA PHE A 120 -2.88 22.78 25.68
C PHE A 120 -4.37 22.94 25.36
N CYS A 121 -5.18 23.31 26.36
CA CYS A 121 -6.63 23.50 26.13
C CYS A 121 -6.90 24.78 25.35
N GLN A 122 -5.91 25.69 25.19
CA GLN A 122 -6.13 26.93 24.39
C GLN A 122 -5.87 26.66 22.90
N VAL A 123 -5.42 25.46 22.52
CA VAL A 123 -5.22 25.09 21.08
C VAL A 123 -6.55 24.62 20.47
N ALA A 124 -7.00 25.35 19.45
CA ALA A 124 -8.19 25.06 18.65
C ALA A 124 -7.83 24.11 17.49
N TYR A 125 -6.59 24.23 16.98
CA TYR A 125 -6.15 23.56 15.74
C TYR A 125 -4.63 23.44 15.76
N VAL A 126 -4.10 22.31 15.31
CA VAL A 126 -2.64 22.12 15.10
C VAL A 126 -2.44 21.53 13.70
N LYS A 127 -1.39 21.98 13.01
CA LYS A 127 -0.94 21.37 11.75
C LYS A 127 0.57 21.20 11.82
N THR A 128 1.06 19.99 11.53
CA THR A 128 2.51 19.70 11.45
C THR A 128 2.86 19.29 10.04
N TYR A 129 3.85 19.94 9.43
CA TYR A 129 4.42 19.58 8.11
C TYR A 129 5.83 19.07 8.35
N ILE A 130 6.18 17.93 7.78
CA ILE A 130 7.55 17.38 7.91
C ILE A 130 8.07 17.01 6.53
N GLN A 131 9.31 17.36 6.22
CA GLN A 131 9.97 16.78 5.03
C GLN A 131 11.26 16.10 5.45
N GLU A 132 11.58 15.02 4.76
CA GLU A 132 12.79 14.22 5.01
C GLU A 132 13.92 14.81 4.18
N VAL A 133 15.09 14.90 4.80
CA VAL A 133 16.35 15.09 4.06
C VAL A 133 16.72 13.73 3.47
N PRO A 134 16.91 13.64 2.14
CA PRO A 134 17.11 12.35 1.48
C PRO A 134 18.52 11.75 1.61
N TRP A 135 18.95 11.45 2.84
CA TRP A 135 20.18 10.66 3.10
C TRP A 135 19.95 9.22 2.65
N GLN A 136 20.90 8.65 1.92
CA GLN A 136 20.94 7.20 1.58
C GLN A 136 22.22 6.63 2.17
N ARG A 137 22.16 5.42 2.71
CA ARG A 137 23.36 4.70 3.17
C ARG A 137 24.29 4.46 1.96
N GLN A 138 25.57 4.69 2.16
CA GLN A 138 26.60 4.32 1.15
C GLN A 138 26.75 2.79 1.10
N TYR A 139 27.06 2.26 -0.07
CA TYR A 139 27.46 0.84 -0.28
C TYR A 139 28.86 0.78 -0.90
N GLN A 140 29.70 -0.16 -0.45
CA GLN A 140 30.99 -0.50 -1.12
C GLN A 140 30.94 -1.97 -1.52
N ASN A 141 31.02 -2.24 -2.82
CA ASN A 141 31.07 -3.62 -3.37
C ASN A 141 29.84 -4.38 -2.85
N GLY A 142 28.66 -3.75 -2.87
CA GLY A 142 27.38 -4.37 -2.44
C GLY A 142 27.21 -4.42 -0.93
N VAL A 143 28.16 -3.92 -0.15
CA VAL A 143 28.11 -4.03 1.34
C VAL A 143 27.64 -2.69 1.90
N PRO A 144 26.53 -2.65 2.67
CA PRO A 144 26.06 -1.39 3.25
C PRO A 144 27.03 -0.87 4.30
N HIS A 145 27.37 0.42 4.25
CA HIS A 145 28.28 1.06 5.22
C HIS A 145 27.55 1.24 6.55
N ILE A 146 28.22 0.88 7.65
CA ILE A 146 27.61 0.97 9.01
C ILE A 146 27.23 2.42 9.35
N HIS A 147 27.93 3.44 8.87
CA HIS A 147 27.72 4.81 9.40
C HIS A 147 28.04 5.92 8.39
N SER A 148 27.96 5.65 7.10
CA SER A 148 28.26 6.67 6.06
C SER A 148 27.11 6.74 5.07
N PHE A 149 26.81 7.97 4.67
CA PHE A 149 25.59 8.34 3.92
C PHE A 149 25.96 9.34 2.84
N ILE A 150 25.09 9.44 1.82
CA ILE A 150 25.22 10.39 0.70
C ILE A 150 23.84 10.99 0.47
N LEU A 151 23.79 12.27 0.14
CA LEU A 151 22.52 12.97 -0.14
C LEU A 151 22.09 12.64 -1.57
N VAL A 152 20.90 12.05 -1.73
CA VAL A 152 20.37 11.63 -3.06
C VAL A 152 18.92 12.11 -3.18
N PRO A 153 18.71 13.38 -3.61
CA PRO A 153 17.37 13.91 -3.82
C PRO A 153 16.72 13.43 -5.13
N ASP A 154 15.93 12.36 -5.05
CA ASP A 154 15.14 11.84 -6.21
C ASP A 154 13.64 12.00 -5.92
N GLY A 155 13.23 13.19 -5.47
N GLY A 155 13.23 13.19 -5.47
CA GLY A 155 11.86 13.45 -5.00
CA GLY A 155 11.86 13.45 -5.00
C GLY A 155 11.79 13.49 -3.49
C GLY A 155 11.79 13.49 -3.49
N ILE A 156 11.42 14.64 -2.92
CA ILE A 156 11.43 14.90 -1.46
C ILE A 156 10.15 14.31 -0.85
N ARG A 157 10.34 13.47 0.14
CA ARG A 157 9.23 12.86 0.91
C ARG A 157 8.76 13.88 1.93
N PHE A 158 7.46 14.06 2.04
CA PHE A 158 6.88 14.91 3.09
C PHE A 158 5.57 14.29 3.59
N CYS A 159 5.12 14.83 4.70
CA CYS A 159 3.80 14.50 5.26
C CYS A 159 3.24 15.72 5.98
N GLU A 160 1.98 15.63 6.31
CA GLU A 160 1.22 16.73 6.93
C GLU A 160 0.18 16.06 7.80
N ALA A 161 0.10 16.42 9.08
CA ALA A 161 -0.96 15.98 9.98
C ALA A 161 -1.66 17.22 10.51
N GLU A 162 -2.99 17.19 10.63
CA GLU A 162 -3.73 18.32 11.22
C GLU A 162 -4.89 17.78 12.04
N GLN A 163 -5.31 18.60 13.00
CA GLN A 163 -6.50 18.27 13.84
C GLN A 163 -7.08 19.55 14.40
N CYS A 164 -8.42 19.67 14.34
N CYS A 164 -8.41 19.69 14.34
CA CYS A 164 -9.23 20.66 15.09
CA CYS A 164 -9.18 20.70 15.12
C CYS A 164 -9.73 20.00 16.37
C CYS A 164 -9.72 20.00 16.36
N ARG A 165 -9.90 20.76 17.44
CA ARG A 165 -10.52 20.26 18.70
C ARG A 165 -11.82 19.53 18.32
N ASN A 166 -11.98 18.28 18.78
CA ASN A 166 -13.20 17.43 18.57
C ASN A 166 -13.35 17.01 17.10
N GLY A 167 -12.32 17.21 16.30
CA GLY A 167 -12.29 16.76 14.89
C GLY A 167 -11.26 15.59 14.73
N PRO A 168 -11.32 14.96 13.53
CA PRO A 168 -10.41 13.87 13.20
C PRO A 168 -8.97 14.39 13.05
N LEU A 169 -8.01 13.56 13.45
CA LEU A 169 -6.58 13.77 13.12
C LEU A 169 -6.37 13.17 11.73
N VAL A 170 -6.12 14.03 10.75
CA VAL A 170 -6.02 13.65 9.32
C VAL A 170 -4.55 13.69 8.92
N VAL A 171 -4.07 12.63 8.28
CA VAL A 171 -2.65 12.49 7.84
C VAL A 171 -2.62 12.48 6.31
N CYS A 172 -1.73 13.28 5.75
CA CYS A 172 -1.42 13.31 4.30
C CYS A 172 0.06 12.97 4.13
N ALA A 173 0.41 12.35 3.01
CA ALA A 173 1.81 12.12 2.65
C ALA A 173 2.00 12.60 1.22
N GLY A 174 3.24 12.78 0.81
CA GLY A 174 3.45 13.28 -0.54
C GLY A 174 4.88 13.14 -0.97
N ILE A 175 5.09 13.50 -2.22
CA ILE A 175 6.43 13.61 -2.82
C ILE A 175 6.41 14.88 -3.67
N LYS A 176 7.46 15.69 -3.56
CA LYS A 176 7.55 16.93 -4.35
C LYS A 176 8.96 17.06 -4.92
N ASP A 177 9.12 18.02 -5.83
CA ASP A 177 10.41 18.25 -6.53
C ASP A 177 10.82 16.95 -7.23
N LEU A 178 9.84 16.24 -7.76
CA LEU A 178 10.06 14.97 -8.47
C LEU A 178 10.07 15.30 -9.95
N LYS A 179 11.22 15.21 -10.59
CA LYS A 179 11.33 15.65 -12.00
C LYS A 179 11.50 14.42 -12.88
N LEU A 180 10.52 14.21 -13.75
CA LEU A 180 10.43 13.02 -14.63
C LEU A 180 10.40 13.52 -16.07
N MET A 181 11.01 12.76 -16.95
N MET A 181 11.01 12.76 -16.95
CA MET A 181 11.06 13.13 -18.38
CA MET A 181 11.06 13.12 -18.38
C MET A 181 11.04 11.85 -19.22
C MET A 181 11.03 11.85 -19.22
N LYS A 182 10.15 11.85 -20.25
CA LYS A 182 10.27 10.86 -21.33
C LYS A 182 10.43 11.59 -22.65
N THR A 183 11.13 10.97 -23.58
CA THR A 183 11.65 11.64 -24.79
C THR A 183 10.72 11.40 -25.96
N THR A 184 9.67 10.59 -25.78
CA THR A 184 8.66 10.29 -26.83
C THR A 184 7.38 9.78 -26.16
N GLN A 185 6.44 9.25 -26.97
CA GLN A 185 5.13 8.76 -26.48
C GLN A 185 4.39 9.91 -25.77
N SER A 186 4.49 11.12 -26.34
CA SER A 186 3.83 12.34 -25.81
C SER A 186 3.41 13.22 -26.97
N GLY A 187 2.18 13.68 -26.93
CA GLY A 187 1.71 14.71 -27.85
C GLY A 187 0.66 15.59 -27.21
N PHE A 188 0.21 16.58 -27.95
CA PHE A 188 -0.95 17.44 -27.62
C PHE A 188 -1.57 17.89 -28.94
N GLU A 189 -2.73 17.31 -29.26
CA GLU A 189 -3.47 17.49 -30.53
C GLU A 189 -4.95 17.67 -30.22
N GLY A 190 -5.72 18.13 -31.19
CA GLY A 190 -7.20 18.16 -31.13
C GLY A 190 -7.68 19.13 -30.06
N PHE A 191 -6.96 20.22 -29.83
CA PHE A 191 -7.27 21.21 -28.77
C PHE A 191 -8.14 22.31 -29.38
N TYR A 192 -8.66 23.21 -28.55
CA TYR A 192 -9.58 24.29 -28.98
C TYR A 192 -8.81 25.30 -29.82
N ARG A 193 -9.35 25.68 -30.97
CA ARG A 193 -8.70 26.68 -31.88
C ARG A 193 -9.39 28.04 -31.74
N ASN A 194 -8.60 29.12 -31.72
CA ASN A 194 -9.15 30.51 -31.70
C ASN A 194 -8.12 31.42 -32.34
N GLU A 195 -8.46 32.69 -32.55
CA GLU A 195 -7.65 33.65 -33.34
C GLU A 195 -6.28 33.91 -32.68
N HIS A 196 -6.10 33.60 -31.38
CA HIS A 196 -4.81 33.82 -30.67
C HIS A 196 -4.09 32.48 -30.40
N THR A 197 -4.51 31.41 -31.05
CA THR A 197 -3.94 30.05 -30.87
C THR A 197 -3.03 29.74 -32.07
N THR A 198 -1.72 29.73 -31.86
CA THR A 198 -0.67 29.52 -32.88
C THR A 198 0.06 28.20 -32.62
N LEU A 199 -0.20 27.55 -31.48
CA LEU A 199 0.48 26.28 -31.10
C LEU A 199 0.21 25.25 -32.21
N PRO A 200 1.24 24.62 -32.80
CA PRO A 200 1.00 23.51 -33.72
C PRO A 200 0.56 22.25 -32.94
N GLU A 201 -0.19 21.40 -33.62
CA GLU A 201 -0.50 20.03 -33.13
C GLU A 201 0.80 19.25 -33.18
N ARG A 202 1.07 18.46 -32.15
CA ARG A 202 2.31 17.65 -32.04
C ARG A 202 1.93 16.26 -31.53
N ASN A 203 2.52 15.21 -32.11
CA ASN A 203 2.28 13.82 -31.65
C ASN A 203 3.58 13.18 -31.15
N ASP A 204 4.70 13.92 -31.02
CA ASP A 204 6.00 13.29 -30.64
C ASP A 204 6.99 14.29 -29.99
N ARG A 205 6.63 14.81 -28.83
CA ARG A 205 7.44 15.78 -28.07
C ARG A 205 8.08 15.12 -26.84
N ILE A 206 9.02 15.82 -26.23
CA ILE A 206 9.54 15.45 -24.87
C ILE A 206 8.48 15.87 -23.85
N LEU A 207 8.12 14.94 -22.96
CA LEU A 207 7.25 15.22 -21.79
C LEU A 207 8.17 15.33 -20.57
N CYS A 208 8.37 16.55 -20.10
CA CYS A 208 9.23 16.84 -18.93
C CYS A 208 8.36 17.56 -17.89
N GLY A 209 8.25 16.98 -16.71
CA GLY A 209 7.36 17.48 -15.65
C GLY A 209 8.04 17.46 -14.29
N GLU A 210 7.86 18.53 -13.53
CA GLU A 210 8.16 18.59 -12.08
C GLU A 210 6.82 18.38 -11.36
N PHE A 211 6.76 17.34 -10.55
CA PHE A 211 5.51 16.88 -9.91
C PHE A 211 5.51 17.26 -8.42
N PHE A 212 4.34 17.74 -7.98
CA PHE A 212 3.95 17.80 -6.55
C PHE A 212 2.79 16.84 -6.43
N CYS A 213 2.91 15.84 -5.55
CA CYS A 213 1.85 14.82 -5.33
C CYS A 213 1.57 14.76 -3.84
N LYS A 214 0.30 14.85 -3.46
CA LYS A 214 -0.08 14.85 -2.04
C LYS A 214 -1.35 14.02 -1.92
N TRP A 215 -1.38 13.09 -0.99
CA TRP A 215 -2.58 12.22 -0.82
C TRP A 215 -2.97 12.15 0.66
N SER A 216 -4.25 12.00 0.90
CA SER A 216 -4.83 11.90 2.26
C SER A 216 -5.15 10.43 2.57
N TYR A 217 -4.80 10.01 3.78
CA TYR A 217 -5.16 8.71 4.36
C TYR A 217 -6.43 8.85 5.21
N GLY A 218 -6.93 10.09 5.35
CA GLY A 218 -7.95 10.46 6.35
C GLY A 218 -7.49 10.05 7.75
N GLU A 219 -8.30 9.24 8.43
CA GLU A 219 -8.02 8.80 9.83
C GLU A 219 -7.39 7.41 9.87
N CYS A 220 -7.32 6.70 8.76
CA CYS A 220 -6.77 5.32 8.69
C CYS A 220 -5.26 5.36 9.02
N ARG A 221 -4.84 4.55 9.99
N ARG A 221 -4.84 4.54 9.98
CA ARG A 221 -3.43 4.47 10.46
CA ARG A 221 -3.42 4.46 10.44
C ARG A 221 -3.06 3.02 10.84
C ARG A 221 -3.06 3.03 10.83
N ASP A 222 -3.66 2.02 10.18
CA ASP A 222 -3.47 0.58 10.53
C ASP A 222 -2.36 -0.07 9.68
N PHE A 223 -1.69 0.68 8.80
CA PHE A 223 -0.77 0.16 7.76
C PHE A 223 0.65 0.72 8.03
N ASP A 224 1.61 0.19 7.28
CA ASP A 224 3.04 0.57 7.33
C ASP A 224 3.20 1.85 6.49
N PHE A 225 3.41 2.99 7.13
CA PHE A 225 3.56 4.30 6.43
C PHE A 225 4.67 4.24 5.36
N ASP A 226 5.81 3.64 5.68
CA ASP A 226 6.98 3.60 4.74
C ASP A 226 6.60 2.74 3.53
N CYS A 227 6.00 1.58 3.77
N CYS A 227 6.00 1.58 3.77
CA CYS A 227 5.60 0.60 2.71
CA CYS A 227 5.60 0.61 2.71
C CYS A 227 4.60 1.27 1.75
C CYS A 227 4.60 1.26 1.75
N ILE A 228 3.58 1.93 2.28
CA ILE A 228 2.53 2.55 1.42
C ILE A 228 3.13 3.76 0.70
N TRP A 229 3.97 4.55 1.35
CA TRP A 229 4.59 5.72 0.66
C TRP A 229 5.38 5.21 -0.55
N SER A 230 6.20 4.17 -0.37
CA SER A 230 7.03 3.57 -1.47
C SER A 230 6.12 3.06 -2.59
N LYS A 231 4.99 2.46 -2.23
CA LYS A 231 4.06 1.86 -3.21
C LYS A 231 3.45 3.00 -4.05
N VAL A 232 3.06 4.11 -3.42
CA VAL A 232 2.46 5.27 -4.13
C VAL A 232 3.53 5.83 -5.09
N ARG A 233 4.77 5.96 -4.62
CA ARG A 233 5.88 6.46 -5.47
C ARG A 233 6.03 5.56 -6.71
N GLU A 234 6.06 4.26 -6.52
CA GLU A 234 6.16 3.25 -7.62
C GLU A 234 5.01 3.47 -8.63
N CYS A 235 3.78 3.66 -8.16
CA CYS A 235 2.61 3.89 -9.03
C CYS A 235 2.83 5.15 -9.88
N ILE A 236 3.31 6.24 -9.26
CA ILE A 236 3.54 7.53 -9.96
C ILE A 236 4.54 7.28 -11.10
N LEU A 237 5.69 6.66 -10.82
CA LEU A 237 6.76 6.44 -11.84
C LEU A 237 6.23 5.53 -12.96
N GLU A 238 5.57 4.43 -12.62
CA GLU A 238 5.11 3.43 -13.64
C GLU A 238 3.99 4.04 -14.49
N ALA A 239 3.06 4.79 -13.90
CA ALA A 239 1.94 5.40 -14.66
C ALA A 239 2.52 6.49 -15.59
N PHE A 240 3.49 7.27 -15.10
CA PHE A 240 4.13 8.31 -15.92
C PHE A 240 4.77 7.66 -17.16
N SER A 241 5.49 6.56 -16.94
CA SER A 241 6.49 5.99 -17.90
C SER A 241 5.81 5.02 -18.87
N GLY A 242 4.80 4.29 -18.40
CA GLY A 242 4.31 3.06 -19.07
C GLY A 242 5.35 1.95 -19.00
N PRO A 243 5.06 0.77 -19.59
CA PRO A 243 5.97 -0.37 -19.53
C PRO A 243 7.33 -0.06 -20.14
N PRO A 244 8.43 -0.62 -19.59
CA PRO A 244 9.78 -0.24 -19.99
C PRO A 244 10.18 -0.63 -21.43
N ASP A 245 9.46 -1.58 -22.04
CA ASP A 245 9.77 -2.12 -23.39
C ASP A 245 9.08 -1.32 -24.51
N CYS A 246 8.08 -0.48 -24.21
CA CYS A 246 7.28 0.19 -25.28
C CYS A 246 6.74 1.55 -24.82
N GLY A 247 6.61 1.78 -23.52
CA GLY A 247 6.00 2.99 -22.96
C GLY A 247 4.51 3.03 -23.23
N GLU A 248 3.92 4.21 -23.10
CA GLU A 248 2.46 4.42 -23.29
C GLU A 248 2.24 5.84 -23.76
N TYR A 249 1.42 6.02 -24.80
CA TYR A 249 1.19 7.35 -25.41
C TYR A 249 0.42 8.23 -24.42
N SER A 250 0.94 9.44 -24.19
CA SER A 250 0.27 10.52 -23.44
C SER A 250 -0.27 11.56 -24.41
N PRO A 251 -1.61 11.80 -24.43
CA PRO A 251 -2.22 12.79 -25.31
C PRO A 251 -2.27 14.21 -24.73
N SER A 252 -1.80 14.39 -23.48
CA SER A 252 -1.70 15.71 -22.79
C SER A 252 -1.04 15.52 -21.43
N TYR A 253 -0.49 16.60 -20.88
CA TYR A 253 -0.01 16.62 -19.48
C TYR A 253 -1.17 16.21 -18.55
N GLN A 254 -2.35 16.75 -18.83
CA GLN A 254 -3.58 16.53 -18.04
C GLN A 254 -3.89 15.02 -17.99
N ARG A 255 -3.82 14.34 -19.14
CA ARG A 255 -4.13 12.89 -19.19
C ARG A 255 -3.09 12.12 -18.37
N THR A 256 -1.83 12.52 -18.44
CA THR A 256 -0.74 11.86 -17.66
C THR A 256 -1.04 12.03 -16.16
N VAL A 257 -1.48 13.21 -15.74
CA VAL A 257 -1.84 13.44 -14.31
C VAL A 257 -2.96 12.45 -13.93
N ASN A 258 -3.98 12.34 -14.77
CA ASN A 258 -5.12 11.43 -14.53
C ASN A 258 -4.63 9.97 -14.43
N CYS A 259 -3.76 9.53 -15.34
CA CYS A 259 -3.22 8.15 -15.36
C CYS A 259 -2.52 7.86 -14.02
N ILE A 260 -1.71 8.81 -13.55
CA ILE A 260 -0.99 8.70 -12.25
C ILE A 260 -2.04 8.55 -11.13
N GLN A 261 -3.03 9.45 -11.07
CA GLN A 261 -4.01 9.46 -9.96
C GLN A 261 -4.82 8.16 -9.99
N MET A 262 -5.27 7.73 -11.16
CA MET A 262 -6.14 6.54 -11.28
C MET A 262 -5.32 5.28 -10.95
N CYS A 263 -4.04 5.25 -11.28
CA CYS A 263 -3.16 4.12 -10.92
C CYS A 263 -3.06 4.05 -9.39
N VAL A 264 -2.75 5.17 -8.72
CA VAL A 264 -2.61 5.20 -7.24
C VAL A 264 -3.94 4.73 -6.61
N LEU A 265 -5.07 5.31 -7.02
CA LEU A 265 -6.38 4.98 -6.41
C LEU A 265 -6.72 3.50 -6.64
N SER A 266 -6.39 2.94 -7.80
CA SER A 266 -6.65 1.53 -8.15
C SER A 266 -5.87 0.57 -7.24
N ARG A 267 -4.64 0.94 -6.86
CA ARG A 267 -3.67 0.00 -6.26
C ARG A 267 -3.51 0.26 -4.76
N VAL A 268 -3.95 1.41 -4.27
CA VAL A 268 -3.67 1.86 -2.89
C VAL A 268 -4.99 2.31 -2.27
N PRO A 269 -5.76 1.36 -1.68
CA PRO A 269 -7.04 1.67 -1.04
C PRO A 269 -6.91 2.70 0.10
N GLN A 270 -5.74 2.78 0.73
CA GLN A 270 -5.49 3.70 1.87
C GLN A 270 -5.59 5.16 1.41
N VAL A 271 -5.33 5.42 0.13
CA VAL A 271 -5.41 6.79 -0.44
C VAL A 271 -6.87 7.11 -0.68
N GLN A 272 -7.39 8.15 -0.01
CA GLN A 272 -8.79 8.60 -0.08
C GLN A 272 -8.93 9.74 -1.08
N VAL A 273 -7.93 10.63 -1.11
CA VAL A 273 -7.94 11.84 -1.97
C VAL A 273 -6.50 12.03 -2.46
N ILE A 274 -6.32 12.32 -3.74
CA ILE A 274 -4.96 12.56 -4.30
C ILE A 274 -4.97 13.83 -5.16
N GLU A 275 -3.98 14.68 -4.89
CA GLU A 275 -3.74 15.94 -5.61
C GLU A 275 -2.40 15.76 -6.34
N VAL A 276 -2.40 16.01 -7.64
CA VAL A 276 -1.15 16.02 -8.45
C VAL A 276 -1.09 17.33 -9.19
N ILE A 277 0.09 17.98 -9.13
CA ILE A 277 0.41 19.21 -9.89
C ILE A 277 1.60 18.86 -10.78
N LEU A 278 1.46 19.05 -12.09
CA LEU A 278 2.53 18.86 -13.07
C LEU A 278 2.92 20.23 -13.61
N ASN A 279 4.15 20.67 -13.31
CA ASN A 279 4.74 21.88 -13.92
C ASN A 279 5.62 21.40 -15.07
N ASN A 280 5.29 21.76 -16.31
CA ASN A 280 6.01 21.17 -17.45
C ASN A 280 7.07 22.14 -17.98
N ASN A 281 8.05 21.59 -18.67
CA ASN A 281 9.01 22.34 -19.51
C ASN A 281 8.92 21.79 -20.93
N PHE A 282 8.64 22.64 -21.90
N PHE A 282 8.64 22.64 -21.90
CA PHE A 282 8.70 22.27 -23.34
CA PHE A 282 8.70 22.27 -23.34
C PHE A 282 10.17 22.26 -23.76
C PHE A 282 10.16 22.28 -23.77
N TYR A 283 10.56 21.25 -24.53
N TYR A 283 10.56 21.26 -24.52
CA TYR A 283 11.89 21.17 -25.17
CA TYR A 283 11.89 21.17 -25.18
C TYR A 283 11.70 21.44 -26.67
C TYR A 283 11.71 21.44 -26.68
N ASN A 284 12.16 22.60 -27.13
N ASN A 284 12.15 22.62 -27.14
CA ASN A 284 12.03 23.05 -28.54
CA ASN A 284 12.03 23.07 -28.56
C ASN A 284 13.12 22.38 -29.39
C ASN A 284 13.12 22.40 -29.40
N VAL A 285 12.74 21.79 -30.52
CA VAL A 285 13.71 21.32 -31.55
C VAL A 285 14.22 22.59 -32.26
N VAL A 286 15.46 23.00 -31.98
CA VAL A 286 16.07 24.25 -32.49
C VAL A 286 16.07 24.23 -34.02
N ASP A 287 15.49 25.23 -34.66
CA ASP A 287 15.59 25.41 -36.13
C ASP A 287 17.03 25.83 -36.45
N MET A 288 17.77 24.98 -37.16
CA MET A 288 19.19 25.24 -37.50
C MET A 288 19.37 25.43 -39.01
N LYS A 289 18.28 25.69 -39.75
CA LYS A 289 18.30 25.89 -41.23
C LYS A 289 19.32 26.98 -41.60
N ALA A 290 19.26 28.14 -40.94
CA ALA A 290 20.11 29.32 -41.23
C ALA A 290 21.58 29.03 -40.86
N LEU A 291 21.84 28.02 -40.02
CA LEU A 291 23.21 27.59 -39.63
C LEU A 291 23.70 26.44 -40.55
N GLY A 292 22.93 26.14 -41.59
CA GLY A 292 23.31 25.20 -42.66
C GLY A 292 23.24 23.74 -42.25
N CYS A 293 22.34 23.37 -41.33
CA CYS A 293 22.09 21.93 -41.06
C CYS A 293 20.66 21.68 -40.61
N THR A 294 20.31 20.40 -40.56
CA THR A 294 18.94 19.88 -40.31
C THR A 294 18.95 19.24 -38.92
N ASN A 295 18.03 19.65 -38.06
CA ASN A 295 17.95 19.13 -36.67
C ASN A 295 16.75 18.18 -36.60
N ASP A 296 16.99 16.88 -36.77
CA ASP A 296 15.96 15.83 -36.76
C ASP A 296 15.77 15.36 -35.32
N LYS A 297 15.14 16.20 -34.48
CA LYS A 297 14.92 15.92 -33.03
C LYS A 297 16.23 15.45 -32.37
N GLU A 298 17.34 16.15 -32.65
CA GLU A 298 18.68 15.80 -32.12
C GLU A 298 19.06 16.77 -31.00
N VAL A 299 18.85 18.06 -31.21
CA VAL A 299 19.22 19.13 -30.24
C VAL A 299 17.95 19.87 -29.84
N LEU A 300 17.61 19.79 -28.55
CA LEU A 300 16.35 20.36 -28.00
C LEU A 300 16.68 21.29 -26.84
N VAL A 301 16.06 22.47 -26.83
CA VAL A 301 16.36 23.52 -25.83
C VAL A 301 15.14 23.66 -24.92
N PRO A 302 15.30 23.45 -23.61
CA PRO A 302 14.19 23.57 -22.67
C PRO A 302 13.76 25.04 -22.47
N VAL A 303 12.45 25.27 -22.40
CA VAL A 303 11.85 26.58 -22.03
C VAL A 303 11.45 26.45 -20.56
N GLU A 304 12.13 27.15 -19.67
CA GLU A 304 11.87 27.06 -18.21
C GLU A 304 10.87 28.11 -17.76
N THR A 305 10.84 29.28 -18.39
CA THR A 305 9.79 30.32 -18.16
C THR A 305 9.45 30.96 -19.50
N PRO A 306 8.16 31.28 -19.75
CA PRO A 306 7.07 30.86 -18.88
C PRO A 306 6.90 29.32 -18.89
N TYR A 307 6.14 28.77 -17.94
CA TYR A 307 5.90 27.32 -17.92
C TYR A 307 4.41 27.05 -17.68
N GLY A 308 3.95 25.95 -18.25
CA GLY A 308 2.58 25.45 -18.07
C GLY A 308 2.46 24.69 -16.77
N SER A 309 1.28 24.72 -16.18
CA SER A 309 0.95 23.87 -15.00
C SER A 309 -0.42 23.27 -15.21
N CYS A 310 -0.62 22.07 -14.71
CA CYS A 310 -1.99 21.54 -14.54
C CYS A 310 -2.05 20.82 -13.20
N ALA A 311 -3.24 20.77 -12.64
CA ALA A 311 -3.45 20.33 -11.25
C ALA A 311 -4.81 19.68 -11.20
N CYS A 312 -4.88 18.53 -10.54
CA CYS A 312 -6.17 17.85 -10.34
C CYS A 312 -6.17 17.25 -8.94
N THR A 313 -7.32 17.32 -8.28
CA THR A 313 -7.58 16.59 -7.03
C THR A 313 -8.77 15.65 -7.26
N LEU A 314 -8.54 14.35 -7.10
CA LEU A 314 -9.59 13.29 -7.18
C LEU A 314 -9.83 12.76 -5.77
N GLY A 315 -11.08 12.49 -5.43
CA GLY A 315 -11.42 11.88 -4.13
C GLY A 315 -12.39 10.73 -4.32
N ARG A 316 -12.34 9.74 -3.44
CA ARG A 316 -13.33 8.63 -3.44
C ARG A 316 -14.68 9.17 -2.99
N LYS A 317 -15.74 8.92 -3.75
CA LYS A 317 -17.13 9.33 -3.38
C LYS A 317 -17.48 8.80 -1.98
N LYS A 318 -17.11 7.56 -1.66
CA LYS A 318 -17.43 6.94 -0.34
C LYS A 318 -16.84 7.79 0.80
N TYR A 319 -15.57 8.23 0.66
CA TYR A 319 -14.86 9.00 1.71
C TYR A 319 -15.50 10.39 1.87
N LEU A 320 -15.84 11.03 0.75
CA LEU A 320 -16.36 12.42 0.73
C LEU A 320 -17.76 12.45 1.37
N GLU A 321 -18.60 11.46 1.05
CA GLU A 321 -19.97 11.27 1.64
C GLU A 321 -19.85 11.07 3.16
N ALA A 322 -18.94 10.21 3.61
CA ALA A 322 -18.66 9.92 5.03
C ALA A 322 -18.29 11.21 5.79
N GLN A 323 -17.68 12.20 5.11
CA GLN A 323 -17.26 13.51 5.71
C GLN A 323 -18.47 14.36 6.09
N SER A 324 -19.34 14.64 5.10
CA SER A 324 -20.45 15.64 5.13
C SER A 324 -20.98 15.87 6.55
N MET B 24 -13.79 -3.10 -8.61
CA MET B 24 -13.06 -3.16 -7.32
C MET B 24 -11.57 -3.46 -7.55
N SER B 25 -11.18 -4.07 -8.68
CA SER B 25 -9.77 -4.34 -9.07
C SER B 25 -9.12 -3.04 -9.52
N GLN B 26 -9.90 -2.16 -10.16
CA GLN B 26 -9.53 -0.74 -10.36
C GLN B 26 -10.74 0.11 -9.98
N VAL B 27 -10.48 1.38 -9.68
CA VAL B 27 -11.54 2.42 -9.56
C VAL B 27 -11.88 2.85 -10.99
N THR B 28 -13.14 3.22 -11.23
CA THR B 28 -13.59 3.87 -12.48
C THR B 28 -13.99 5.31 -12.16
N ILE B 29 -14.23 6.10 -13.19
CA ILE B 29 -14.72 7.51 -13.10
C ILE B 29 -15.95 7.55 -12.17
N LYS B 30 -16.76 6.48 -12.12
CA LYS B 30 -18.03 6.42 -11.33
C LYS B 30 -17.75 6.42 -9.82
N ASP B 31 -16.62 5.87 -9.36
CA ASP B 31 -16.28 5.79 -7.91
C ASP B 31 -15.60 7.09 -7.42
N ILE B 32 -15.21 7.97 -8.35
CA ILE B 32 -14.27 9.10 -8.07
C ILE B 32 -15.00 10.43 -8.32
N GLU B 33 -14.79 11.39 -7.43
CA GLU B 33 -15.22 12.80 -7.60
C GLU B 33 -14.02 13.65 -8.02
N VAL B 34 -14.16 14.46 -9.07
CA VAL B 34 -13.18 15.53 -9.42
C VAL B 34 -13.44 16.70 -8.48
N LEU B 35 -12.58 16.92 -7.48
CA LEU B 35 -12.74 18.00 -6.49
C LEU B 35 -12.20 19.31 -7.07
N ASN B 36 -11.14 19.23 -7.88
CA ASN B 36 -10.51 20.42 -8.50
C ASN B 36 -9.75 19.98 -9.75
N CYS B 37 -9.85 20.78 -10.80
CA CYS B 37 -9.05 20.71 -12.06
C CYS B 37 -8.68 22.15 -12.44
N GLU B 38 -7.39 22.46 -12.56
CA GLU B 38 -6.97 23.85 -12.85
C GLU B 38 -5.69 23.78 -13.68
N TYR B 39 -5.51 24.69 -14.60
CA TYR B 39 -4.28 24.72 -15.42
C TYR B 39 -4.00 26.16 -15.81
N GLY B 40 -2.79 26.42 -16.27
CA GLY B 40 -2.49 27.79 -16.68
C GLY B 40 -1.06 27.97 -17.11
N LYS B 41 -0.73 29.22 -17.33
CA LYS B 41 0.63 29.65 -17.72
C LYS B 41 1.20 30.46 -16.58
N ASN B 42 2.45 30.17 -16.21
CA ASN B 42 3.12 30.74 -15.02
C ASN B 42 4.36 31.52 -15.49
N THR B 43 4.63 32.64 -14.82
CA THR B 43 5.85 33.45 -15.00
C THR B 43 5.96 33.89 -16.46
N ILE B 44 4.90 34.48 -16.97
CA ILE B 44 4.93 35.23 -18.25
C ILE B 44 5.59 36.58 -17.94
N LYS B 45 6.81 36.75 -18.41
CA LYS B 45 7.66 37.91 -18.08
C LYS B 45 7.72 38.81 -19.31
N PHE B 46 7.42 40.08 -19.15
CA PHE B 46 7.60 41.05 -20.25
C PHE B 46 7.65 42.46 -19.66
N LEU B 47 8.23 43.34 -20.46
CA LEU B 47 8.31 44.79 -20.21
C LEU B 47 7.36 45.47 -21.20
N ARG B 48 6.50 46.32 -20.69
CA ARG B 48 5.66 47.22 -21.49
C ARG B 48 6.34 48.59 -21.50
N LEU B 49 6.77 49.03 -22.68
CA LEU B 49 7.49 50.31 -22.86
C LEU B 49 6.51 51.33 -23.45
N HIS B 50 6.46 52.52 -22.86
CA HIS B 50 5.62 53.67 -23.33
C HIS B 50 6.54 54.89 -23.44
N ARG B 51 6.42 55.64 -24.53
CA ARG B 51 7.29 56.83 -24.82
C ARG B 51 6.41 58.06 -24.93
N GLU B 52 6.70 59.09 -24.13
CA GLU B 52 6.14 60.47 -24.27
C GLU B 52 7.28 61.37 -24.74
N GLY B 53 7.45 61.51 -26.06
CA GLY B 53 8.64 62.12 -26.67
C GLY B 53 9.88 61.38 -26.23
N LYS B 54 10.86 62.08 -25.68
CA LYS B 54 12.16 61.52 -25.22
C LYS B 54 11.99 60.70 -23.94
N LYS B 55 10.92 60.94 -23.18
CA LYS B 55 10.76 60.35 -21.84
C LYS B 55 10.16 58.93 -21.98
N HIS B 56 10.88 57.93 -21.47
CA HIS B 56 10.47 56.50 -21.50
C HIS B 56 9.89 56.10 -20.14
N PHE B 57 8.83 55.28 -20.17
CA PHE B 57 8.16 54.71 -18.99
C PHE B 57 8.16 53.20 -19.16
N VAL B 58 8.45 52.48 -18.08
CA VAL B 58 8.51 50.99 -18.14
C VAL B 58 7.56 50.45 -17.09
N LYS B 59 6.93 49.36 -17.44
CA LYS B 59 6.28 48.46 -16.48
C LYS B 59 6.71 47.06 -16.87
N GLU B 60 7.58 46.44 -16.06
CA GLU B 60 7.96 45.04 -16.25
C GLU B 60 7.19 44.21 -15.23
N VAL B 61 6.58 43.15 -15.69
CA VAL B 61 5.70 42.31 -14.86
C VAL B 61 6.01 40.84 -15.08
N GLU B 62 5.55 40.04 -14.12
N GLU B 62 5.55 40.04 -14.11
CA GLU B 62 5.48 38.57 -14.18
CA GLU B 62 5.48 38.57 -14.18
C GLU B 62 4.01 38.23 -13.96
C GLU B 62 4.01 38.22 -13.96
N VAL B 63 3.40 37.55 -14.92
CA VAL B 63 1.94 37.22 -14.91
C VAL B 63 1.78 35.69 -14.83
N CYS B 64 0.85 35.24 -13.98
CA CYS B 64 0.37 33.85 -13.97
C CYS B 64 -1.14 33.92 -14.20
N THR B 65 -1.64 33.21 -15.20
CA THR B 65 -3.11 33.15 -15.45
C THR B 65 -3.51 31.67 -15.39
N HIS B 66 -4.50 31.34 -14.56
CA HIS B 66 -5.02 29.97 -14.39
C HIS B 66 -6.51 29.96 -14.75
N LEU B 67 -6.92 28.86 -15.35
CA LEU B 67 -8.33 28.59 -15.74
C LEU B 67 -8.81 27.33 -15.04
N ARG B 68 -10.11 27.29 -14.72
CA ARG B 68 -10.83 26.02 -14.51
C ARG B 68 -11.89 25.94 -15.62
N LEU B 69 -11.93 24.83 -16.34
CA LEU B 69 -12.90 24.63 -17.44
C LEU B 69 -14.18 23.99 -16.87
N THR B 70 -15.26 24.05 -17.66
CA THR B 70 -16.59 23.53 -17.28
C THR B 70 -16.62 22.01 -17.40
N SER B 71 -15.58 21.39 -17.97
CA SER B 71 -15.47 19.93 -18.16
C SER B 71 -14.02 19.49 -17.94
N ALA B 72 -13.80 18.19 -17.78
CA ALA B 72 -12.44 17.64 -17.50
C ALA B 72 -12.14 16.47 -18.44
N HIS B 73 -12.65 16.51 -19.67
CA HIS B 73 -12.47 15.43 -20.68
C HIS B 73 -10.97 15.20 -20.97
N GLU B 74 -10.15 16.24 -20.91
CA GLU B 74 -8.69 16.14 -21.17
C GLU B 74 -8.06 15.23 -20.11
N TYR B 75 -8.53 15.29 -18.87
CA TYR B 75 -8.05 14.40 -17.76
C TYR B 75 -8.72 13.03 -17.85
N LEU B 76 -10.04 13.01 -17.95
CA LEU B 76 -10.88 11.80 -17.67
C LEU B 76 -10.93 10.89 -18.90
N ASP B 77 -10.83 11.43 -20.12
CA ASP B 77 -11.08 10.71 -21.39
C ASP B 77 -9.92 10.86 -22.38
N GLY B 78 -8.92 11.70 -22.11
CA GLY B 78 -7.82 11.96 -23.05
C GLY B 78 -8.29 12.72 -24.28
N ASN B 79 -9.33 13.54 -24.15
CA ASN B 79 -9.90 14.33 -25.26
C ASN B 79 -9.69 15.82 -24.99
N ASN B 80 -8.99 16.51 -25.88
CA ASN B 80 -8.52 17.90 -25.67
C ASN B 80 -9.44 18.94 -26.33
N SER B 81 -10.60 18.52 -26.87
CA SER B 81 -11.46 19.38 -27.72
C SER B 81 -11.69 20.78 -27.13
N PHE B 82 -11.86 20.87 -25.80
CA PHE B 82 -12.29 22.14 -25.12
C PHE B 82 -11.08 22.86 -24.52
N VAL B 83 -9.90 22.27 -24.58
CA VAL B 83 -8.71 22.85 -23.88
C VAL B 83 -8.17 24.04 -24.69
N ILE B 84 -8.08 25.19 -24.02
CA ILE B 84 -7.35 26.39 -24.52
C ILE B 84 -5.88 26.19 -24.18
N PRO B 85 -4.98 26.03 -25.17
CA PRO B 85 -3.57 25.79 -24.86
C PRO B 85 -3.02 26.88 -23.92
N THR B 86 -2.14 26.50 -23.00
CA THR B 86 -1.46 27.48 -22.10
C THR B 86 -0.66 28.46 -22.97
N ASP B 87 -0.21 28.02 -24.14
CA ASP B 87 0.49 28.90 -25.11
C ASP B 87 -0.46 30.02 -25.54
N THR B 88 -1.75 29.72 -25.75
CA THR B 88 -2.76 30.75 -26.09
C THR B 88 -2.94 31.72 -24.91
N ILE B 89 -2.92 31.23 -23.68
CA ILE B 89 -3.03 32.11 -22.49
C ILE B 89 -1.89 33.15 -22.56
N LYS B 90 -0.67 32.68 -22.82
CA LYS B 90 0.51 33.58 -22.95
C LYS B 90 0.25 34.60 -24.06
N ASN B 91 -0.17 34.15 -25.24
CA ASN B 91 -0.41 35.03 -26.41
C ASN B 91 -1.40 36.13 -26.02
N ILE B 92 -2.49 35.76 -25.36
CA ILE B 92 -3.57 36.72 -24.97
C ILE B 92 -2.99 37.77 -24.02
N VAL B 93 -2.24 37.35 -23.01
CA VAL B 93 -1.64 38.30 -22.03
C VAL B 93 -0.75 39.31 -22.78
N LEU B 94 0.07 38.85 -23.72
CA LEU B 94 1.01 39.73 -24.46
C LEU B 94 0.21 40.67 -25.37
N VAL B 95 -0.80 40.14 -26.06
CA VAL B 95 -1.66 40.94 -26.97
C VAL B 95 -2.38 42.03 -26.16
N LEU B 96 -2.95 41.68 -25.01
CA LEU B 96 -3.69 42.69 -24.20
C LEU B 96 -2.71 43.76 -23.70
N ALA B 97 -1.50 43.40 -23.32
CA ALA B 97 -0.47 44.38 -22.88
C ALA B 97 -0.19 45.36 -24.03
N LYS B 98 -0.04 44.84 -25.24
N LYS B 98 -0.03 44.84 -25.24
CA LYS B 98 0.23 45.68 -26.44
CA LYS B 98 0.23 45.68 -26.45
C LYS B 98 -0.98 46.59 -26.68
C LYS B 98 -0.98 46.60 -26.69
N LYS B 99 -2.19 46.03 -26.74
CA LYS B 99 -3.42 46.77 -27.16
C LYS B 99 -3.84 47.75 -26.06
N ASN B 100 -3.84 47.34 -24.80
CA ASN B 100 -4.44 48.12 -23.68
C ASN B 100 -3.37 48.97 -22.98
N GLY B 101 -2.10 48.60 -23.05
CA GLY B 101 -1.07 49.11 -22.13
C GLY B 101 -1.30 48.59 -20.73
N ILE B 102 -0.49 49.02 -19.77
CA ILE B 102 -0.65 48.68 -18.33
C ILE B 102 -0.67 49.98 -17.54
N SER B 103 -1.84 50.52 -17.24
CA SER B 103 -1.98 51.74 -16.40
C SER B 103 -1.69 51.35 -14.94
N SER B 104 -2.20 50.23 -14.50
CA SER B 104 -1.87 49.57 -13.20
C SER B 104 -1.90 48.07 -13.40
N ILE B 105 -1.18 47.31 -12.59
CA ILE B 105 -1.25 45.83 -12.69
C ILE B 105 -2.68 45.38 -12.38
N GLU B 106 -3.40 46.08 -11.50
CA GLU B 106 -4.79 45.70 -11.12
C GLU B 106 -5.69 45.77 -12.36
N GLN B 107 -5.62 46.88 -13.10
CA GLN B 107 -6.47 47.08 -14.30
C GLN B 107 -6.10 46.01 -15.33
N PHE B 108 -4.82 45.66 -15.45
CA PHE B 108 -4.37 44.65 -16.43
C PHE B 108 -4.92 43.27 -16.03
N ALA B 109 -4.87 42.93 -14.75
CA ALA B 109 -5.42 41.66 -14.21
C ALA B 109 -6.93 41.60 -14.49
N ILE B 110 -7.64 42.70 -14.27
CA ILE B 110 -9.10 42.81 -14.57
C ILE B 110 -9.32 42.54 -16.07
N ASP B 111 -8.56 43.22 -16.92
CA ASP B 111 -8.68 43.09 -18.40
C ASP B 111 -8.47 41.62 -18.82
N ILE B 112 -7.49 40.93 -18.23
CA ILE B 112 -7.21 39.51 -18.58
C ILE B 112 -8.40 38.63 -18.16
N CYS B 113 -8.86 38.75 -16.91
CA CYS B 113 -10.01 37.96 -16.40
C CYS B 113 -11.24 38.20 -17.28
N LYS B 114 -11.56 39.46 -17.56
CA LYS B 114 -12.73 39.84 -18.41
C LYS B 114 -12.59 39.21 -19.78
N HIS B 115 -11.40 39.25 -20.37
CA HIS B 115 -11.17 38.69 -21.73
C HIS B 115 -11.53 37.19 -21.74
N PHE B 116 -11.03 36.44 -20.75
CA PHE B 116 -11.25 34.97 -20.69
C PHE B 116 -12.73 34.69 -20.50
N MET B 117 -13.39 35.40 -19.59
CA MET B 117 -14.81 35.15 -19.24
C MET B 117 -15.70 35.47 -20.45
N THR B 118 -15.39 36.52 -21.20
CA THR B 118 -16.26 36.98 -22.33
C THR B 118 -15.93 36.23 -23.62
N THR B 119 -14.76 35.59 -23.73
CA THR B 119 -14.29 34.96 -24.99
C THR B 119 -14.57 33.45 -25.03
N PHE B 120 -14.46 32.77 -23.89
CA PHE B 120 -14.46 31.29 -23.84
C PHE B 120 -15.58 30.81 -22.93
N CYS B 121 -16.62 30.20 -23.50
N CYS B 121 -16.62 30.20 -23.50
CA CYS B 121 -17.76 29.65 -22.72
CA CYS B 121 -17.77 29.66 -22.72
C CYS B 121 -17.33 28.42 -21.90
C CYS B 121 -17.33 28.44 -21.90
N GLN B 122 -16.20 27.79 -22.23
CA GLN B 122 -15.72 26.61 -21.46
C GLN B 122 -14.96 27.05 -20.19
N VAL B 123 -14.73 28.33 -19.97
CA VAL B 123 -14.05 28.83 -18.74
C VAL B 123 -15.08 29.00 -17.62
N ALA B 124 -14.92 28.24 -16.55
CA ALA B 124 -15.74 28.28 -15.32
C ALA B 124 -15.17 29.32 -14.33
N TYR B 125 -13.87 29.55 -14.39
CA TYR B 125 -13.13 30.36 -13.41
C TYR B 125 -11.82 30.82 -14.03
N VAL B 126 -11.45 32.05 -13.77
CA VAL B 126 -10.13 32.61 -14.17
C VAL B 126 -9.52 33.29 -12.95
N LYS B 127 -8.21 33.13 -12.77
N LYS B 127 -8.21 33.13 -12.77
CA LYS B 127 -7.44 33.88 -11.76
CA LYS B 127 -7.44 33.88 -11.76
C LYS B 127 -6.17 34.39 -12.43
C LYS B 127 -6.17 34.39 -12.43
N THR B 128 -5.89 35.68 -12.29
CA THR B 128 -4.65 36.31 -12.80
C THR B 128 -3.88 36.86 -11.61
N TYR B 129 -2.61 36.47 -11.50
CA TYR B 129 -1.67 36.98 -10.48
C TYR B 129 -0.62 37.78 -11.23
N ILE B 130 -0.33 38.99 -10.78
CA ILE B 130 0.71 39.85 -11.43
C ILE B 130 1.63 40.38 -10.35
N GLN B 131 2.93 40.33 -10.58
CA GLN B 131 3.86 41.06 -9.71
C GLN B 131 4.71 41.99 -10.59
N GLU B 132 5.07 43.12 -10.02
CA GLU B 132 5.90 44.14 -10.68
C GLU B 132 7.35 43.80 -10.43
N VAL B 133 8.16 43.92 -11.46
CA VAL B 133 9.63 44.01 -11.30
C VAL B 133 9.92 45.43 -10.82
N PRO B 134 10.59 45.59 -9.65
CA PRO B 134 10.76 46.91 -9.03
C PRO B 134 11.83 47.82 -9.67
N TRP B 135 11.66 48.16 -10.96
CA TRP B 135 12.47 49.20 -11.64
C TRP B 135 12.12 50.55 -11.04
N GLN B 136 13.13 51.35 -10.69
CA GLN B 136 12.99 52.77 -10.33
C GLN B 136 13.77 53.58 -11.38
N ARG B 137 13.26 54.73 -11.78
CA ARG B 137 13.97 55.69 -12.64
C ARG B 137 15.23 56.14 -11.90
N GLN B 138 16.35 56.22 -12.60
CA GLN B 138 17.59 56.84 -12.06
C GLN B 138 17.38 58.35 -11.97
N TYR B 139 17.97 58.96 -10.95
CA TYR B 139 18.00 60.43 -10.74
C TYR B 139 19.46 60.84 -10.63
N GLN B 140 19.81 61.97 -11.25
CA GLN B 140 21.12 62.65 -11.08
C GLN B 140 20.85 64.03 -10.48
N ASN B 141 21.26 64.21 -9.22
CA ASN B 141 21.08 65.46 -8.46
C ASN B 141 19.62 65.92 -8.54
N GLY B 142 18.72 64.97 -8.28
CA GLY B 142 17.27 65.23 -8.21
C GLY B 142 16.61 65.33 -9.58
N VAL B 143 17.34 65.14 -10.68
CA VAL B 143 16.79 65.23 -12.05
C VAL B 143 16.51 63.83 -12.58
N PRO B 144 15.25 63.52 -12.96
CA PRO B 144 14.89 62.18 -13.43
C PRO B 144 15.56 61.91 -14.79
N HIS B 145 16.15 60.74 -14.94
CA HIS B 145 16.71 60.30 -16.23
C HIS B 145 15.56 59.94 -17.18
N ILE B 146 15.63 60.42 -18.43
CA ILE B 146 14.56 60.14 -19.43
C ILE B 146 14.41 58.64 -19.69
N HIS B 147 15.46 57.82 -19.60
CA HIS B 147 15.37 56.41 -20.09
C HIS B 147 16.29 55.44 -19.36
N SER B 148 16.68 55.73 -18.12
CA SER B 148 17.60 54.84 -17.37
C SER B 148 17.00 54.52 -16.01
N PHE B 149 17.16 53.26 -15.61
CA PHE B 149 16.46 52.64 -14.46
C PHE B 149 17.44 51.79 -13.65
N ILE B 150 17.09 51.55 -12.39
CA ILE B 150 17.87 50.69 -11.47
C ILE B 150 16.86 49.80 -10.74
N LEU B 151 17.23 48.55 -10.52
CA LEU B 151 16.36 47.57 -9.82
C LEU B 151 16.49 47.79 -8.31
N VAL B 152 15.38 48.08 -7.64
CA VAL B 152 15.35 48.39 -6.17
C VAL B 152 14.24 47.58 -5.50
N PRO B 153 14.53 46.32 -5.11
CA PRO B 153 13.52 45.49 -4.43
C PRO B 153 13.35 45.84 -2.94
N ASP B 154 12.53 46.84 -2.60
CA ASP B 154 12.17 47.20 -1.20
C ASP B 154 10.68 46.88 -0.97
N GLY B 155 10.29 45.65 -1.30
N GLY B 155 10.29 45.65 -1.30
CA GLY B 155 8.90 45.16 -1.16
CA GLY B 155 8.91 45.15 -1.16
C GLY B 155 8.25 45.05 -2.52
C GLY B 155 8.25 45.05 -2.52
N ILE B 156 7.91 43.82 -2.93
CA ILE B 156 7.40 43.50 -4.28
C ILE B 156 5.89 43.77 -4.28
N ARG B 157 5.46 44.59 -5.20
CA ARG B 157 4.03 44.91 -5.45
C ARG B 157 3.43 43.76 -6.26
N PHE B 158 2.26 43.30 -5.84
CA PHE B 158 1.51 42.30 -6.61
C PHE B 158 0.00 42.58 -6.50
N CYS B 159 -0.73 41.92 -7.39
CA CYS B 159 -2.21 41.90 -7.33
C CYS B 159 -2.72 40.57 -7.84
N GLU B 160 -4.00 40.37 -7.62
CA GLU B 160 -4.68 39.12 -7.97
C GLU B 160 -6.11 39.51 -8.31
N ALA B 161 -6.60 39.09 -9.47
CA ALA B 161 -8.02 39.22 -9.84
C ALA B 161 -8.55 37.82 -10.11
N GLU B 162 -9.78 37.53 -9.68
CA GLU B 162 -10.39 36.22 -9.98
C GLU B 162 -11.89 36.39 -10.18
N GLN B 163 -12.46 35.48 -10.95
CA GLN B 163 -13.92 35.48 -11.21
C GLN B 163 -14.37 34.06 -11.55
N CYS B 164 -15.50 33.63 -10.95
N CYS B 164 -15.49 33.62 -10.96
CA CYS B 164 -16.27 32.43 -11.36
CA CYS B 164 -16.26 32.42 -11.38
C CYS B 164 -17.37 32.89 -12.33
C CYS B 164 -17.38 32.88 -12.32
N ARG B 165 -17.75 32.03 -13.28
CA ARG B 165 -18.89 32.29 -14.19
C ARG B 165 -20.08 32.73 -13.33
N ASN B 166 -20.71 33.86 -13.67
CA ASN B 166 -21.94 34.40 -13.02
C ASN B 166 -21.62 34.92 -11.61
N GLY B 167 -20.35 35.02 -11.23
CA GLY B 167 -19.94 35.59 -9.94
C GLY B 167 -19.21 36.96 -10.14
N PRO B 168 -18.90 37.63 -9.00
CA PRO B 168 -18.22 38.92 -9.03
C PRO B 168 -16.75 38.74 -9.41
N LEU B 169 -16.21 39.73 -10.14
CA LEU B 169 -14.77 39.85 -10.37
C LEU B 169 -14.17 40.56 -9.15
N VAL B 170 -13.34 39.85 -8.38
CA VAL B 170 -12.79 40.34 -7.09
C VAL B 170 -11.30 40.66 -7.28
N VAL B 171 -10.85 41.83 -6.83
CA VAL B 171 -9.45 42.29 -6.99
C VAL B 171 -8.81 42.41 -5.60
N CYS B 172 -7.60 41.86 -5.48
CA CYS B 172 -6.73 41.99 -4.28
C CYS B 172 -5.42 42.63 -4.71
N ALA B 173 -4.81 43.41 -3.85
CA ALA B 173 -3.46 43.97 -4.06
C ALA B 173 -2.62 43.62 -2.83
N GLY B 174 -1.31 43.71 -2.97
CA GLY B 174 -0.46 43.34 -1.83
C GLY B 174 0.96 43.80 -2.01
N ILE B 175 1.72 43.58 -0.96
CA ILE B 175 3.19 43.79 -0.96
C ILE B 175 3.80 42.60 -0.24
N LYS B 176 4.86 42.02 -0.79
CA LYS B 176 5.54 40.88 -0.14
C LYS B 176 7.05 41.11 -0.15
N ASP B 177 7.76 40.29 0.60
CA ASP B 177 9.24 40.39 0.73
C ASP B 177 9.59 41.77 1.24
N LEU B 178 8.75 42.34 2.10
CA LEU B 178 8.98 43.66 2.73
C LEU B 178 9.65 43.42 4.10
N LYS B 179 10.91 43.79 4.22
CA LYS B 179 11.67 43.45 5.43
C LYS B 179 11.91 44.74 6.23
N LEU B 180 11.35 44.77 7.43
CA LEU B 180 11.39 45.93 8.33
C LEU B 180 12.05 45.49 9.62
N MET B 181 12.77 46.40 10.26
N MET B 181 12.78 46.40 10.25
CA MET B 181 13.47 46.09 11.51
CA MET B 181 13.48 46.08 11.52
C MET B 181 13.52 47.34 12.38
C MET B 181 13.51 47.34 12.38
N LYS B 182 13.16 47.19 13.66
CA LYS B 182 13.47 48.23 14.66
C LYS B 182 14.30 47.60 15.76
N THR B 183 15.15 48.41 16.38
CA THR B 183 16.24 47.93 17.24
C THR B 183 15.81 47.98 18.71
N THR B 184 14.64 48.52 19.00
CA THR B 184 14.09 48.64 20.39
C THR B 184 12.57 48.85 20.31
N GLN B 185 11.94 49.16 21.44
CA GLN B 185 10.47 49.32 21.56
C GLN B 185 9.79 48.01 21.13
N SER B 186 10.37 46.88 21.53
CA SER B 186 9.84 45.53 21.27
C SER B 186 10.14 44.62 22.45
N GLY B 187 9.12 43.88 22.87
CA GLY B 187 9.32 42.82 23.86
C GLY B 187 8.33 41.70 23.66
N PHE B 188 8.45 40.67 24.49
CA PHE B 188 7.48 39.54 24.58
C PHE B 188 7.56 39.02 26.01
N GLU B 189 6.52 39.34 26.78
CA GLU B 189 6.41 39.03 28.22
C GLU B 189 5.01 38.48 28.49
N GLY B 190 4.83 37.87 29.66
CA GLY B 190 3.51 37.45 30.18
C GLY B 190 2.90 36.35 29.34
N PHE B 191 3.72 35.48 28.75
CA PHE B 191 3.24 34.40 27.86
C PHE B 191 2.98 33.15 28.72
N TYR B 192 2.35 32.16 28.12
CA TYR B 192 1.99 30.89 28.80
C TYR B 192 3.27 30.09 29.08
N ARG B 193 3.44 29.64 30.32
CA ARG B 193 4.62 28.88 30.78
C ARG B 193 4.20 27.42 31.00
N ASN B 194 5.11 26.49 30.69
CA ASN B 194 4.91 25.03 30.90
C ASN B 194 6.29 24.39 30.98
N GLU B 195 6.36 23.07 31.23
CA GLU B 195 7.63 22.35 31.51
C GLU B 195 8.60 22.42 30.32
N HIS B 196 8.14 22.72 29.09
CA HIS B 196 9.02 22.77 27.89
C HIS B 196 9.27 24.23 27.45
N THR B 197 8.93 25.20 28.29
CA THR B 197 9.07 26.65 27.99
C THR B 197 10.33 27.19 28.71
N THR B 198 11.37 27.51 27.96
CA THR B 198 12.67 28.02 28.47
C THR B 198 12.85 29.49 28.10
N LEU B 199 11.99 30.04 27.23
CA LEU B 199 12.15 31.41 26.68
C LEU B 199 12.14 32.38 27.86
N PRO B 200 13.15 33.25 28.02
CA PRO B 200 13.06 34.33 29.02
C PRO B 200 12.08 35.42 28.56
N GLU B 201 11.50 36.11 29.53
CA GLU B 201 10.73 37.35 29.31
C GLU B 201 11.74 38.41 28.84
N ARG B 202 11.37 39.20 27.84
CA ARG B 202 12.22 40.27 27.29
C ARG B 202 11.36 41.51 27.07
N ASN B 203 11.88 42.69 27.40
CA ASN B 203 11.17 43.97 27.15
C ASN B 203 11.96 44.89 26.21
N ASP B 204 13.09 44.43 25.62
N ASP B 204 13.08 44.42 25.63
CA ASP B 204 13.94 45.33 24.77
CA ASP B 204 13.96 45.24 24.76
C ASP B 204 14.77 44.58 23.71
C ASP B 204 14.74 44.31 23.85
N ARG B 205 14.10 43.93 22.76
N ARG B 205 14.11 43.94 22.73
CA ARG B 205 14.75 43.12 21.70
CA ARG B 205 14.75 43.10 21.69
C ARG B 205 14.68 43.83 20.34
C ARG B 205 14.67 43.83 20.34
N ILE B 206 15.41 43.33 19.36
CA ILE B 206 15.22 43.73 17.94
C ILE B 206 13.96 43.05 17.42
N LEU B 207 13.06 43.83 16.82
CA LEU B 207 11.90 43.33 16.07
C LEU B 207 12.25 43.39 14.58
N CYS B 208 12.53 42.23 14.00
CA CYS B 208 12.87 42.09 12.56
C CYS B 208 11.83 41.16 11.93
N GLY B 209 11.13 41.67 10.93
CA GLY B 209 10.01 40.94 10.28
C GLY B 209 10.08 41.05 8.77
N GLU B 210 9.83 39.94 8.09
CA GLU B 210 9.56 39.89 6.64
C GLU B 210 8.05 39.76 6.50
N PHE B 211 7.43 40.72 5.84
CA PHE B 211 5.95 40.86 5.78
C PHE B 211 5.45 40.44 4.41
N PHE B 212 4.35 39.68 4.44
CA PHE B 212 3.45 39.43 3.30
C PHE B 212 2.14 40.11 3.69
N CYS B 213 1.67 41.06 2.88
CA CYS B 213 0.42 41.81 3.15
C CYS B 213 -0.46 41.71 1.91
N LYS B 214 -1.71 41.31 2.08
CA LYS B 214 -2.64 41.20 0.94
C LYS B 214 -4.00 41.73 1.38
N TRP B 215 -4.62 42.57 0.56
CA TRP B 215 -5.93 43.16 0.91
C TRP B 215 -6.88 43.08 -0.29
N SER B 216 -8.16 42.98 0.03
CA SER B 216 -9.26 42.87 -0.96
C SER B 216 -9.98 44.21 -1.08
N TYR B 217 -10.27 44.61 -2.31
CA TYR B 217 -11.11 45.78 -2.64
C TYR B 217 -12.55 45.30 -2.90
N GLY B 218 -12.76 43.99 -2.88
CA GLY B 218 -13.97 43.32 -3.42
C GLY B 218 -14.19 43.71 -4.88
N GLU B 219 -15.35 44.28 -5.20
CA GLU B 219 -15.75 44.61 -6.60
C GLU B 219 -15.47 46.09 -6.91
N CYS B 220 -15.12 46.90 -5.92
CA CYS B 220 -14.80 48.34 -6.12
C CYS B 220 -13.52 48.48 -6.96
N ARG B 221 -13.58 49.20 -8.08
CA ARG B 221 -12.42 49.45 -8.98
C ARG B 221 -12.51 50.84 -9.63
N ASP B 222 -13.10 51.80 -8.93
CA ASP B 222 -13.39 53.16 -9.48
C ASP B 222 -12.28 54.17 -9.09
N PHE B 223 -11.23 53.72 -8.39
N PHE B 223 -11.23 53.73 -8.37
CA PHE B 223 -10.23 54.60 -7.73
CA PHE B 223 -10.23 54.64 -7.76
C PHE B 223 -8.86 54.39 -8.37
C PHE B 223 -8.85 54.41 -8.38
N ASP B 224 -7.89 55.23 -7.98
CA ASP B 224 -6.50 55.20 -8.49
C ASP B 224 -5.77 54.06 -7.74
N PHE B 225 -5.59 52.94 -8.42
CA PHE B 225 -4.97 51.72 -7.85
C PHE B 225 -3.56 52.05 -7.32
N ASP B 226 -2.79 52.84 -8.06
CA ASP B 226 -1.38 53.17 -7.67
C ASP B 226 -1.39 54.01 -6.40
N CYS B 227 -2.28 55.01 -6.34
CA CYS B 227 -2.41 55.94 -5.19
C CYS B 227 -2.78 55.16 -3.92
N ILE B 228 -3.76 54.26 -4.01
CA ILE B 228 -4.23 53.50 -2.83
C ILE B 228 -3.14 52.51 -2.40
N TRP B 229 -2.50 51.86 -3.35
CA TRP B 229 -1.40 50.92 -3.02
C TRP B 229 -0.32 51.65 -2.20
N SER B 230 0.11 52.82 -2.66
CA SER B 230 1.16 53.65 -2.00
C SER B 230 0.70 54.04 -0.60
N LYS B 231 -0.59 54.37 -0.45
CA LYS B 231 -1.15 54.78 0.85
C LYS B 231 -1.10 53.61 1.83
N VAL B 232 -1.47 52.41 1.38
CA VAL B 232 -1.46 51.19 2.24
C VAL B 232 -0.01 50.92 2.67
N ARG B 233 0.95 51.02 1.73
CA ARG B 233 2.36 50.79 2.05
C ARG B 233 2.82 51.77 3.15
N GLU B 234 2.49 53.04 3.01
CA GLU B 234 2.81 54.10 4.01
C GLU B 234 2.25 53.70 5.38
N CYS B 235 0.99 53.24 5.44
CA CYS B 235 0.36 52.82 6.71
C CYS B 235 1.14 51.67 7.34
N ILE B 236 1.56 50.68 6.55
CA ILE B 236 2.31 49.51 7.08
C ILE B 236 3.60 50.01 7.74
N LEU B 237 4.38 50.85 7.05
CA LEU B 237 5.69 51.36 7.58
C LEU B 237 5.45 52.18 8.86
N GLU B 238 4.49 53.11 8.84
CA GLU B 238 4.22 54.01 9.99
C GLU B 238 3.70 53.22 11.20
N ALA B 239 2.80 52.25 10.99
CA ALA B 239 2.22 51.46 12.10
C ALA B 239 3.33 50.57 12.68
N PHE B 240 4.18 49.99 11.82
CA PHE B 240 5.30 49.16 12.29
C PHE B 240 6.22 49.98 13.20
N SER B 241 6.54 51.20 12.78
CA SER B 241 7.67 52.02 13.31
C SER B 241 7.23 52.85 14.51
N GLY B 242 5.98 53.33 14.50
CA GLY B 242 5.54 54.39 15.40
C GLY B 242 6.16 55.73 15.02
N PRO B 243 5.86 56.82 15.75
CA PRO B 243 6.38 58.15 15.41
C PRO B 243 7.91 58.19 15.40
N PRO B 244 8.52 58.98 14.50
CA PRO B 244 9.98 58.94 14.31
C PRO B 244 10.83 59.46 15.48
N ASP B 245 10.23 60.22 16.41
CA ASP B 245 10.93 60.86 17.56
C ASP B 245 10.95 59.94 18.79
N CYS B 246 10.14 58.89 18.86
CA CYS B 246 10.01 58.07 20.10
C CYS B 246 9.65 56.61 19.80
N GLY B 247 9.06 56.32 18.64
CA GLY B 247 8.57 54.99 18.31
C GLY B 247 7.35 54.62 19.14
N GLU B 248 7.02 53.32 19.20
CA GLU B 248 5.84 52.80 19.93
C GLU B 248 6.16 51.37 20.38
N TYR B 249 5.89 51.07 21.65
CA TYR B 249 6.22 49.74 22.23
C TYR B 249 5.34 48.67 21.60
N SER B 250 5.97 47.60 21.11
CA SER B 250 5.30 46.37 20.64
C SER B 250 5.46 45.28 21.70
N PRO B 251 4.34 44.75 22.25
CA PRO B 251 4.39 43.67 23.24
C PRO B 251 4.43 42.26 22.63
N SER B 252 4.37 42.13 21.30
CA SER B 252 4.47 40.85 20.56
C SER B 252 4.47 41.13 19.05
N TYR B 253 4.95 40.18 18.27
CA TYR B 253 4.82 40.19 16.79
C TYR B 253 3.35 40.30 16.43
N GLN B 254 2.52 39.53 17.13
CA GLN B 254 1.05 39.44 16.92
C GLN B 254 0.43 40.84 17.07
N ARG B 255 0.80 41.56 18.13
CA ARG B 255 0.22 42.90 18.39
C ARG B 255 0.65 43.86 17.27
N THR B 256 1.89 43.75 16.81
CA THR B 256 2.41 44.61 15.71
C THR B 256 1.59 44.32 14.44
N VAL B 257 1.28 43.05 14.16
CA VAL B 257 0.43 42.70 12.99
C VAL B 257 -0.92 43.41 13.14
N ASN B 258 -1.52 43.33 14.32
CA ASN B 258 -2.83 43.97 14.58
C ASN B 258 -2.74 45.50 14.36
N CYS B 259 -1.69 46.15 14.89
CA CYS B 259 -1.50 47.62 14.75
C CYS B 259 -1.44 48.00 13.27
N ILE B 260 -0.70 47.22 12.47
CA ILE B 260 -0.60 47.43 10.99
C ILE B 260 -2.00 47.32 10.38
N GLN B 261 -2.72 46.24 10.67
CA GLN B 261 -4.04 45.98 10.04
C GLN B 261 -5.01 47.09 10.43
N MET B 262 -5.04 47.48 11.70
CA MET B 262 -6.01 48.48 12.19
C MET B 262 -5.65 49.86 11.62
N CYS B 263 -4.36 50.16 11.44
CA CYS B 263 -3.93 51.43 10.80
C CYS B 263 -4.45 51.45 9.35
N VAL B 264 -4.23 50.38 8.58
CA VAL B 264 -4.68 50.32 7.15
C VAL B 264 -6.20 50.51 7.11
N LEU B 265 -6.94 49.75 7.92
CA LEU B 265 -8.43 49.81 7.87
C LEU B 265 -8.91 51.21 8.27
N SER B 266 -8.26 51.86 9.23
CA SER B 266 -8.63 53.21 9.71
C SER B 266 -8.43 54.27 8.61
N ARG B 267 -7.39 54.12 7.79
N ARG B 267 -7.39 54.12 7.79
CA ARG B 267 -6.91 55.21 6.89
CA ARG B 267 -6.90 55.21 6.89
C ARG B 267 -7.29 54.94 5.42
C ARG B 267 -7.28 54.94 5.43
N VAL B 268 -7.67 53.70 5.08
CA VAL B 268 -7.91 53.30 3.67
C VAL B 268 -9.25 52.60 3.57
N PRO B 269 -10.34 53.38 3.36
CA PRO B 269 -11.69 52.84 3.28
C PRO B 269 -11.87 51.77 2.20
N GLN B 270 -11.07 51.82 1.12
CA GLN B 270 -11.21 50.89 -0.03
C GLN B 270 -10.82 49.47 0.41
N VAL B 271 -10.02 49.34 1.46
CA VAL B 271 -9.59 48.00 1.96
C VAL B 271 -10.75 47.41 2.76
N GLN B 272 -11.25 46.26 2.33
CA GLN B 272 -12.38 45.55 2.97
C GLN B 272 -11.87 44.45 3.90
N VAL B 273 -10.82 43.75 3.48
CA VAL B 273 -10.24 42.59 4.19
C VAL B 273 -8.73 42.69 4.03
N ILE B 274 -7.98 42.47 5.12
CA ILE B 274 -6.49 42.55 5.07
C ILE B 274 -5.90 41.36 5.81
N GLU B 275 -4.95 40.70 5.13
CA GLU B 275 -4.18 39.54 5.62
C GLU B 275 -2.75 40.02 5.76
N VAL B 276 -2.17 39.81 6.93
CA VAL B 276 -0.73 40.13 7.17
C VAL B 276 -0.07 38.88 7.74
N ILE B 277 1.07 38.50 7.18
CA ILE B 277 1.93 37.40 7.67
C ILE B 277 3.28 38.04 8.02
N LEU B 278 3.72 37.87 9.25
CA LEU B 278 5.02 38.36 9.76
C LEU B 278 5.89 37.13 10.02
N ASN B 279 6.96 36.97 9.22
CA ASN B 279 8.01 35.96 9.48
C ASN B 279 9.13 36.67 10.23
N ASN B 280 9.42 36.30 11.46
CA ASN B 280 10.39 37.09 12.26
C ASN B 280 11.75 36.39 12.26
N ASN B 281 12.78 37.19 12.51
CA ASN B 281 14.14 36.71 12.85
C ASN B 281 14.51 37.29 14.21
N PHE B 282 14.86 36.42 15.16
CA PHE B 282 15.38 36.82 16.48
C PHE B 282 16.86 37.18 16.28
N TYR B 283 17.28 38.27 16.88
CA TYR B 283 18.71 38.69 16.94
C TYR B 283 19.18 38.44 18.37
N ASN B 284 20.04 37.44 18.54
CA ASN B 284 20.59 37.03 19.85
C ASN B 284 21.73 37.97 20.24
N VAL B 285 21.70 38.52 21.46
CA VAL B 285 22.89 39.22 22.03
C VAL B 285 23.90 38.15 22.40
N VAL B 286 24.98 38.02 21.63
CA VAL B 286 26.03 36.97 21.80
C VAL B 286 26.61 37.07 23.22
N ASP B 287 26.58 35.98 23.97
CA ASP B 287 27.29 35.91 25.29
C ASP B 287 28.78 35.84 24.99
N MET B 288 29.53 36.86 25.39
N MET B 288 29.53 36.86 25.40
CA MET B 288 30.99 36.96 25.12
CA MET B 288 30.98 36.99 25.13
C MET B 288 31.79 36.88 26.43
C MET B 288 31.79 36.89 26.43
N LYS B 289 31.17 36.43 27.53
CA LYS B 289 31.83 36.30 28.86
C LYS B 289 33.12 35.46 28.73
N ALA B 290 33.03 34.29 28.09
CA ALA B 290 34.13 33.32 27.91
C ALA B 290 35.24 33.90 27.01
N LEU B 291 34.93 34.93 26.21
CA LEU B 291 35.90 35.63 25.31
C LEU B 291 36.47 36.87 26.02
N GLY B 292 36.15 37.05 27.30
CA GLY B 292 36.76 38.07 28.17
C GLY B 292 36.23 39.47 27.92
N CYS B 293 34.99 39.62 27.47
N CYS B 293 34.96 39.59 27.54
CA CYS B 293 34.36 40.96 27.34
CA CYS B 293 34.35 40.89 27.14
C CYS B 293 32.85 40.89 27.49
C CYS B 293 32.84 40.88 27.45
N THR B 294 32.23 42.06 27.61
CA THR B 294 30.80 42.22 27.97
C THR B 294 30.07 42.81 26.77
N ASN B 295 29.00 42.16 26.33
CA ASN B 295 28.23 42.57 25.14
C ASN B 295 26.94 43.23 25.61
N ASP B 296 26.94 44.56 25.72
CA ASP B 296 25.78 45.37 26.18
C ASP B 296 24.91 45.69 24.95
N LYS B 297 24.22 44.69 24.42
CA LYS B 297 23.37 44.80 23.20
C LYS B 297 24.16 45.52 22.08
N GLU B 298 25.41 45.12 21.84
CA GLU B 298 26.28 45.75 20.82
C GLU B 298 26.39 44.83 19.60
N VAL B 299 26.59 43.54 19.83
CA VAL B 299 26.77 42.54 18.74
C VAL B 299 25.64 41.52 18.84
N LEU B 300 24.82 41.46 17.80
CA LEU B 300 23.60 40.60 17.75
C LEU B 300 23.66 39.71 16.52
N VAL B 301 23.37 38.42 16.71
CA VAL B 301 23.47 37.42 15.63
C VAL B 301 22.05 36.99 15.27
N PRO B 302 21.63 37.18 14.01
CA PRO B 302 20.29 36.78 13.59
C PRO B 302 20.15 35.25 13.50
N VAL B 303 19.00 34.73 13.94
CA VAL B 303 18.61 33.30 13.81
C VAL B 303 17.63 33.26 12.64
N GLU B 304 18.03 32.68 11.51
CA GLU B 304 17.19 32.67 10.28
C GLU B 304 16.37 31.39 10.22
N THR B 305 16.86 30.28 10.75
CA THR B 305 16.08 29.04 10.94
C THR B 305 16.45 28.42 12.28
N PRO B 306 15.48 27.85 13.03
CA PRO B 306 14.06 27.95 12.67
C PRO B 306 13.57 29.40 12.80
N TYR B 307 12.40 29.72 12.28
CA TYR B 307 11.84 31.09 12.41
C TYR B 307 10.37 31.03 12.80
N GLY B 308 9.94 32.03 13.55
CA GLY B 308 8.54 32.18 13.95
C GLY B 308 7.74 32.85 12.87
N SER B 309 6.45 32.54 12.80
CA SER B 309 5.52 33.23 11.88
C SER B 309 4.23 33.50 12.64
N CYS B 310 3.58 34.61 12.35
CA CYS B 310 2.18 34.81 12.74
C CYS B 310 1.42 35.44 11.59
N ALA B 311 0.15 35.14 11.53
CA ALA B 311 -0.71 35.52 10.39
C ALA B 311 -2.09 35.85 10.96
N CYS B 312 -2.67 36.94 10.48
CA CYS B 312 -4.04 37.32 10.83
C CYS B 312 -4.74 37.87 9.60
N THR B 313 -6.02 37.55 9.44
CA THR B 313 -6.91 38.19 8.44
C THR B 313 -8.06 38.85 9.19
N LEU B 314 -8.19 40.18 9.03
CA LEU B 314 -9.28 41.02 9.57
C LEU B 314 -10.18 41.46 8.42
N GLY B 315 -11.48 41.53 8.63
CA GLY B 315 -12.41 42.06 7.63
C GLY B 315 -13.41 43.01 8.27
N ARG B 316 -13.92 43.95 7.49
CA ARG B 316 -15.00 44.87 7.93
C ARG B 316 -16.30 44.06 8.04
N LYS B 317 -16.98 44.14 9.18
CA LYS B 317 -18.27 43.42 9.40
C LYS B 317 -19.27 43.77 8.29
N LYS B 318 -19.35 45.04 7.88
CA LYS B 318 -20.29 45.50 6.82
C LYS B 318 -20.06 44.71 5.53
N TYR B 319 -18.79 44.55 5.11
CA TYR B 319 -18.44 43.88 3.84
C TYR B 319 -18.78 42.39 3.91
N LEU B 320 -18.48 41.76 5.05
CA LEU B 320 -18.63 40.28 5.24
C LEU B 320 -20.12 39.93 5.26
N GLU B 321 -20.95 40.75 5.92
CA GLU B 321 -22.43 40.60 5.96
C GLU B 321 -22.99 40.72 4.54
N ALA B 322 -22.57 41.75 3.79
CA ALA B 322 -23.01 42.04 2.40
C ALA B 322 -22.77 40.83 1.48
N GLN B 323 -21.85 39.92 1.80
CA GLN B 323 -21.68 38.64 1.07
C GLN B 323 -21.63 37.48 2.07
N VAL C 27 40.22 -55.87 -5.24
CA VAL C 27 39.73 -54.59 -4.62
C VAL C 27 40.01 -54.66 -3.12
N THR C 28 40.42 -53.55 -2.52
CA THR C 28 40.60 -53.39 -1.05
C THR C 28 40.25 -51.96 -0.67
N ILE C 29 40.15 -51.69 0.63
CA ILE C 29 39.89 -50.33 1.21
C ILE C 29 40.87 -49.32 0.60
N LYS C 30 42.09 -49.76 0.26
CA LYS C 30 43.19 -48.88 -0.24
C LYS C 30 42.88 -48.37 -1.66
N ASP C 31 42.13 -49.10 -2.48
CA ASP C 31 41.78 -48.71 -3.88
C ASP C 31 40.54 -47.80 -3.91
N ILE C 32 39.85 -47.66 -2.77
CA ILE C 32 38.51 -47.00 -2.71
C ILE C 32 38.62 -45.73 -1.88
N GLU C 33 38.13 -44.63 -2.45
CA GLU C 33 38.04 -43.30 -1.82
C GLU C 33 36.61 -43.06 -1.32
N VAL C 34 36.48 -42.61 -0.07
CA VAL C 34 35.21 -42.11 0.53
C VAL C 34 34.96 -40.71 -0.02
N LEU C 35 34.01 -40.53 -0.93
CA LEU C 35 33.72 -39.20 -1.52
C LEU C 35 32.83 -38.39 -0.58
N ASN C 36 31.91 -39.05 0.12
CA ASN C 36 30.93 -38.40 1.01
C ASN C 36 30.43 -39.42 2.03
N CYS C 37 30.27 -38.99 3.28
CA CYS C 37 29.62 -39.72 4.40
C CYS C 37 28.74 -38.72 5.16
N GLU C 38 27.44 -38.96 5.26
CA GLU C 38 26.53 -38.00 5.93
C GLU C 38 25.43 -38.81 6.60
N TYR C 39 24.97 -38.38 7.77
CA TYR C 39 23.89 -39.09 8.49
C TYR C 39 23.09 -38.07 9.28
N GLY C 40 21.90 -38.45 9.73
CA GLY C 40 21.11 -37.50 10.50
C GLY C 40 19.75 -38.03 10.89
N LYS C 41 18.98 -37.13 11.45
CA LYS C 41 17.61 -37.42 11.92
C LYS C 41 16.67 -36.58 11.07
N ASN C 42 15.61 -37.20 10.57
CA ASN C 42 14.68 -36.61 9.59
C ASN C 42 13.30 -36.56 10.20
N THR C 43 12.56 -35.49 9.90
CA THR C 43 11.12 -35.34 10.21
C THR C 43 10.94 -35.43 11.74
N ILE C 44 11.72 -34.66 12.48
CA ILE C 44 11.47 -34.42 13.92
C ILE C 44 10.32 -33.41 13.98
N LYS C 45 9.16 -33.87 14.41
CA LYS C 45 7.92 -33.05 14.42
C LYS C 45 7.62 -32.66 15.85
N PHE C 46 7.41 -31.37 16.10
CA PHE C 46 6.92 -30.92 17.43
C PHE C 46 6.29 -29.55 17.29
N LEU C 47 5.46 -29.25 18.30
CA LEU C 47 4.82 -27.94 18.50
C LEU C 47 5.48 -27.28 19.71
N ARG C 48 5.91 -26.05 19.53
CA ARG C 48 6.40 -25.19 20.62
C ARG C 48 5.25 -24.27 20.99
N LEU C 49 4.76 -24.39 22.22
CA LEU C 49 3.62 -23.61 22.75
C LEU C 49 4.16 -22.53 23.67
N HIS C 50 3.70 -21.29 23.48
CA HIS C 50 4.04 -20.11 24.29
C HIS C 50 2.74 -19.46 24.75
N ARG C 51 2.65 -19.09 26.03
CA ARG C 51 1.42 -18.49 26.64
C ARG C 51 1.77 -17.10 27.17
N GLU C 52 1.05 -16.07 26.73
CA GLU C 52 1.04 -14.71 27.33
C GLU C 52 -0.33 -14.51 28.00
N GLY C 53 -0.43 -14.88 29.27
CA GLY C 53 -1.71 -15.01 29.99
C GLY C 53 -2.61 -16.00 29.26
N LYS C 54 -3.83 -15.59 28.91
CA LYS C 54 -4.84 -16.44 28.23
C LYS C 54 -4.46 -16.67 26.76
N LYS C 55 -3.63 -15.81 26.17
CA LYS C 55 -3.35 -15.85 24.72
C LYS C 55 -2.24 -16.88 24.44
N HIS C 56 -2.54 -17.87 23.61
CA HIS C 56 -1.62 -18.97 23.24
C HIS C 56 -1.03 -18.69 21.85
N PHE C 57 0.24 -19.00 21.67
CA PHE C 57 1.00 -18.89 20.40
C PHE C 57 1.59 -20.25 20.09
N VAL C 58 1.54 -20.66 18.83
CA VAL C 58 2.08 -21.99 18.43
C VAL C 58 3.09 -21.78 17.32
N LYS C 59 4.11 -22.62 17.33
CA LYS C 59 4.97 -22.86 16.16
C LYS C 59 5.16 -24.36 16.09
N GLU C 60 4.55 -24.99 15.08
CA GLU C 60 4.76 -26.43 14.83
C GLU C 60 5.69 -26.53 13.62
N VAL C 61 6.70 -27.37 13.76
CA VAL C 61 7.78 -27.50 12.76
C VAL C 61 8.10 -28.97 12.52
N GLU C 62 8.76 -29.21 11.40
N GLU C 62 8.76 -29.21 11.41
CA GLU C 62 9.41 -30.48 11.03
CA GLU C 62 9.40 -30.48 11.01
C GLU C 62 10.87 -30.14 10.79
C GLU C 62 10.87 -30.14 10.78
N VAL C 63 11.77 -30.78 11.54
CA VAL C 63 13.23 -30.51 11.50
C VAL C 63 13.97 -31.72 10.98
N CYS C 64 14.93 -31.51 10.07
CA CYS C 64 15.93 -32.52 9.68
C CYS C 64 17.30 -31.94 10.03
N THR C 65 18.13 -32.66 10.76
CA THR C 65 19.52 -32.23 11.06
C THR C 65 20.46 -33.34 10.59
N HIS C 66 21.43 -32.99 9.73
CA HIS C 66 22.42 -33.92 9.17
C HIS C 66 23.82 -33.47 9.57
N LEU C 67 24.69 -34.43 9.83
CA LEU C 67 26.10 -34.24 10.21
C LEU C 67 27.00 -34.92 9.19
N ARG C 68 28.17 -34.36 8.94
CA ARG C 68 29.34 -35.11 8.43
C ARG C 68 30.40 -35.11 9.53
N LEU C 69 30.94 -36.27 9.87
CA LEU C 69 32.00 -36.40 10.90
C LEU C 69 33.37 -36.27 10.24
N THR C 70 34.41 -36.03 11.05
CA THR C 70 35.79 -35.83 10.59
C THR C 70 36.44 -37.19 10.25
N SER C 71 35.78 -38.29 10.59
CA SER C 71 36.27 -39.67 10.34
C SER C 71 35.09 -40.55 9.91
N ALA C 72 35.40 -41.72 9.34
CA ALA C 72 34.38 -42.67 8.85
C ALA C 72 34.64 -44.08 9.39
N HIS C 73 35.17 -44.18 10.62
CA HIS C 73 35.45 -45.47 11.29
C HIS C 73 34.18 -46.34 11.41
N GLU C 74 33.01 -45.72 11.57
CA GLU C 74 31.73 -46.48 11.72
C GLU C 74 31.44 -47.23 10.42
N TYR C 75 31.77 -46.64 9.27
CA TYR C 75 31.59 -47.27 7.94
C TYR C 75 32.75 -48.25 7.67
N LEU C 76 33.99 -47.78 7.83
CA LEU C 76 35.21 -48.46 7.32
C LEU C 76 35.67 -49.57 8.27
N ASP C 77 35.42 -49.47 9.57
CA ASP C 77 36.03 -50.34 10.61
C ASP C 77 34.98 -50.97 11.52
N GLY C 78 33.71 -50.55 11.46
CA GLY C 78 32.68 -50.99 12.41
C GLY C 78 32.94 -50.47 13.82
N ASN C 79 33.56 -49.29 13.92
CA ASN C 79 33.87 -48.62 15.22
C ASN C 79 33.01 -47.36 15.35
N ASN C 80 32.15 -47.32 16.36
CA ASN C 80 31.10 -46.28 16.53
C ASN C 80 31.55 -45.18 17.51
N SER C 81 32.81 -45.19 17.98
CA SER C 81 33.31 -44.32 19.08
C SER C 81 32.93 -42.85 18.87
N PHE C 82 32.97 -42.35 17.63
CA PHE C 82 32.78 -40.92 17.32
C PHE C 82 31.32 -40.62 16.92
N VAL C 83 30.49 -41.65 16.77
CA VAL C 83 29.11 -41.45 16.24
C VAL C 83 28.21 -40.89 17.34
N ILE C 84 27.64 -39.72 17.06
CA ILE C 84 26.55 -39.10 17.87
C ILE C 84 25.26 -39.75 17.40
N PRO C 85 24.57 -40.55 18.24
CA PRO C 85 23.35 -41.21 17.80
C PRO C 85 22.35 -40.20 17.21
N THR C 86 21.62 -40.60 16.16
CA THR C 86 20.55 -39.76 15.56
C THR C 86 19.50 -39.49 16.65
N ASP C 87 19.33 -40.41 17.60
CA ASP C 87 18.45 -40.21 18.77
C ASP C 87 18.91 -38.98 19.57
N THR C 88 20.21 -38.79 19.73
CA THR C 88 20.79 -37.62 20.43
C THR C 88 20.51 -36.35 19.61
N ILE C 89 20.58 -36.42 18.29
CA ILE C 89 20.26 -35.24 17.44
C ILE C 89 18.82 -34.81 17.74
N LYS C 90 17.90 -35.76 17.79
CA LYS C 90 16.48 -35.47 18.11
C LYS C 90 16.38 -34.84 19.50
N ASN C 91 17.01 -35.41 20.50
CA ASN C 91 16.96 -34.89 21.89
C ASN C 91 17.46 -33.44 21.91
N ILE C 92 18.56 -33.14 21.22
CA ILE C 92 19.15 -31.78 21.19
C ILE C 92 18.14 -30.80 20.56
N VAL C 93 17.53 -31.16 19.45
CA VAL C 93 16.55 -30.27 18.77
C VAL C 93 15.42 -29.94 19.76
N LEU C 94 14.89 -30.95 20.48
CA LEU C 94 13.75 -30.75 21.41
C LEU C 94 14.20 -29.90 22.59
N VAL C 95 15.39 -30.17 23.13
CA VAL C 95 15.96 -29.41 24.28
C VAL C 95 16.14 -27.94 23.87
N LEU C 96 16.70 -27.66 22.69
CA LEU C 96 16.93 -26.26 22.25
C LEU C 96 15.58 -25.56 22.08
N ALA C 97 14.56 -26.24 21.53
CA ALA C 97 13.21 -25.64 21.37
C ALA C 97 12.67 -25.25 22.75
N LYS C 98 12.82 -26.12 23.74
CA LYS C 98 12.35 -25.85 25.13
C LYS C 98 13.13 -24.66 25.68
N LYS C 99 14.46 -24.70 25.64
CA LYS C 99 15.33 -23.70 26.30
C LYS C 99 15.24 -22.35 25.58
N ASN C 100 15.31 -22.33 24.26
CA ASN C 100 15.47 -21.08 23.46
C ASN C 100 14.11 -20.54 23.01
N GLY C 101 13.08 -21.40 22.89
CA GLY C 101 11.87 -21.07 22.11
C GLY C 101 12.20 -20.99 20.63
N ILE C 102 11.21 -20.64 19.82
CA ILE C 102 11.38 -20.45 18.35
C ILE C 102 10.83 -19.07 17.99
N SER C 103 11.68 -18.06 17.90
CA SER C 103 11.30 -16.70 17.46
C SER C 103 11.07 -16.74 15.94
N SER C 104 11.95 -17.41 15.22
CA SER C 104 11.83 -17.69 13.76
C SER C 104 12.44 -19.05 13.50
N ILE C 105 12.00 -19.76 12.46
CA ILE C 105 12.63 -21.06 12.14
C ILE C 105 14.11 -20.81 11.77
N GLU C 106 14.45 -19.67 11.18
CA GLU C 106 15.84 -19.38 10.77
C GLU C 106 16.72 -19.31 12.02
N GLN C 107 16.29 -18.58 13.05
CA GLN C 107 17.08 -18.44 14.29
C GLN C 107 17.20 -19.81 14.93
N PHE C 108 16.16 -20.65 14.89
CA PHE C 108 16.20 -22.00 15.50
C PHE C 108 17.23 -22.87 14.74
N ALA C 109 17.23 -22.81 13.41
CA ALA C 109 18.19 -23.56 12.56
C ALA C 109 19.62 -23.10 12.89
N ILE C 110 19.82 -21.79 13.05
CA ILE C 110 21.14 -21.22 13.44
C ILE C 110 21.55 -21.80 14.80
N ASP C 111 20.65 -21.76 15.78
CA ASP C 111 20.89 -22.25 17.16
C ASP C 111 21.31 -23.74 17.11
N ILE C 112 20.66 -24.56 16.30
CA ILE C 112 20.96 -26.01 16.19
C ILE C 112 22.37 -26.18 15.59
N CYS C 113 22.66 -25.53 14.47
CA CYS C 113 23.98 -25.64 13.79
C CYS C 113 25.08 -25.19 14.77
N LYS C 114 24.89 -24.05 15.43
N LYS C 114 24.89 -24.05 15.42
CA LYS C 114 25.88 -23.50 16.40
CA LYS C 114 25.87 -23.49 16.41
C LYS C 114 26.10 -24.51 17.54
C LYS C 114 26.09 -24.50 17.53
N HIS C 115 25.03 -25.14 18.04
CA HIS C 115 25.14 -26.11 19.14
C HIS C 115 26.07 -27.26 18.72
N PHE C 116 25.83 -27.83 17.52
CA PHE C 116 26.61 -28.99 17.03
C PHE C 116 28.08 -28.58 16.86
N MET C 117 28.33 -27.43 16.23
N MET C 117 28.34 -27.44 16.22
CA MET C 117 29.70 -26.96 15.93
CA MET C 117 29.72 -26.99 15.91
C MET C 117 30.48 -26.70 17.21
C MET C 117 30.49 -26.69 17.21
N THR C 118 29.82 -26.12 18.24
CA THR C 118 30.51 -25.71 19.49
C THR C 118 30.55 -26.85 20.51
N THR C 119 29.81 -27.94 20.31
CA THR C 119 29.70 -29.05 21.29
C THR C 119 30.57 -30.25 20.89
N PHE C 120 30.64 -30.59 19.60
CA PHE C 120 31.22 -31.87 19.12
C PHE C 120 32.37 -31.60 18.17
N CYS C 121 33.61 -31.87 18.58
N CYS C 121 33.60 -31.90 18.60
CA CYS C 121 34.79 -31.63 17.73
CA CYS C 121 34.84 -31.71 17.81
C CYS C 121 34.86 -32.64 16.57
C CYS C 121 34.85 -32.64 16.60
N GLN C 122 34.13 -33.76 16.64
CA GLN C 122 34.12 -34.76 15.52
C GLN C 122 33.16 -34.32 14.40
N VAL C 123 32.39 -33.24 14.56
CA VAL C 123 31.50 -32.72 13.49
C VAL C 123 32.31 -31.83 12.53
N ALA C 124 32.37 -32.21 11.26
CA ALA C 124 33.00 -31.47 10.16
C ALA C 124 32.02 -30.48 9.54
N TYR C 125 30.72 -30.80 9.59
CA TYR C 125 29.67 -30.08 8.84
C TYR C 125 28.33 -30.40 9.49
N VAL C 126 27.48 -29.40 9.60
CA VAL C 126 26.07 -29.55 10.07
C VAL C 126 25.16 -28.83 9.08
N LYS C 127 24.00 -29.43 8.79
CA LYS C 127 22.95 -28.78 8.01
C LYS C 127 21.63 -29.03 8.73
N THR C 128 20.86 -27.98 8.98
CA THR C 128 19.51 -28.09 9.58
C THR C 128 18.50 -27.55 8.57
N TYR C 129 17.48 -28.36 8.27
CA TYR C 129 16.35 -27.97 7.40
C TYR C 129 15.12 -27.91 8.31
N ILE C 130 14.34 -26.83 8.23
CA ILE C 130 13.11 -26.70 9.03
C ILE C 130 11.98 -26.28 8.10
N GLN C 131 10.81 -26.91 8.24
CA GLN C 131 9.61 -26.35 7.60
C GLN C 131 8.53 -26.14 8.67
N GLU C 132 7.74 -25.10 8.46
CA GLU C 132 6.62 -24.72 9.35
C GLU C 132 5.38 -25.50 8.93
N VAL C 133 4.67 -26.01 9.89
CA VAL C 133 3.25 -26.41 9.70
C VAL C 133 2.42 -25.13 9.69
N PRO C 134 1.66 -24.88 8.61
CA PRO C 134 0.95 -23.61 8.45
C PRO C 134 -0.33 -23.43 9.29
N TRP C 135 -0.21 -23.48 10.62
CA TRP C 135 -1.32 -23.11 11.54
C TRP C 135 -1.56 -21.60 11.43
N GLN C 136 -2.82 -21.20 11.31
CA GLN C 136 -3.26 -19.78 11.39
C GLN C 136 -4.23 -19.68 12.58
N ARG C 137 -4.16 -18.58 13.32
CA ARG C 137 -5.14 -18.30 14.40
C ARG C 137 -6.53 -18.15 13.76
N GLN C 138 -7.53 -18.77 14.39
CA GLN C 138 -8.94 -18.55 13.98
C GLN C 138 -9.39 -17.14 14.38
N TYR C 139 -10.27 -16.56 13.59
CA TYR C 139 -10.95 -15.28 13.88
C TYR C 139 -12.46 -15.50 13.83
N GLN C 140 -13.18 -14.87 14.77
CA GLN C 140 -14.66 -14.80 14.76
C GLN C 140 -15.05 -13.33 14.67
N ASN C 141 -15.67 -12.95 13.56
CA ASN C 141 -16.16 -11.57 13.31
C ASN C 141 -15.01 -10.58 13.55
N GLY C 142 -13.83 -10.90 13.01
CA GLY C 142 -12.64 -10.03 13.09
C GLY C 142 -11.92 -10.10 14.43
N VAL C 143 -12.36 -10.93 15.36
CA VAL C 143 -11.72 -11.04 16.71
C VAL C 143 -10.83 -12.28 16.74
N PRO C 144 -9.52 -12.13 17.02
CA PRO C 144 -8.61 -13.27 17.04
C PRO C 144 -8.90 -14.18 18.24
N HIS C 145 -8.98 -15.49 18.00
CA HIS C 145 -9.21 -16.49 19.07
C HIS C 145 -7.95 -16.64 19.91
N ILE C 146 -8.10 -16.65 21.23
CA ILE C 146 -6.94 -16.76 22.17
C ILE C 146 -6.19 -18.08 21.96
N HIS C 147 -6.83 -19.19 21.57
CA HIS C 147 -6.16 -20.51 21.60
C HIS C 147 -6.68 -21.49 20.55
N SER C 148 -7.25 -21.03 19.45
CA SER C 148 -7.81 -21.92 18.41
C SER C 148 -7.22 -21.55 17.06
N PHE C 149 -6.91 -22.57 16.27
CA PHE C 149 -6.11 -22.48 15.03
C PHE C 149 -6.73 -23.37 13.96
N ILE C 150 -6.41 -23.06 12.71
CA ILE C 150 -6.85 -23.84 11.52
C ILE C 150 -5.63 -23.98 10.61
N LEU C 151 -5.47 -25.14 9.99
CA LEU C 151 -4.37 -25.41 9.05
C LEU C 151 -4.71 -24.77 7.71
N VAL C 152 -3.85 -23.86 7.23
CA VAL C 152 -4.06 -23.12 5.96
C VAL C 152 -2.77 -23.17 5.12
N PRO C 153 -2.56 -24.26 4.35
CA PRO C 153 -1.38 -24.38 3.48
C PRO C 153 -1.48 -23.56 2.20
N ASP C 154 -0.94 -22.34 2.22
CA ASP C 154 -0.87 -21.44 1.02
C ASP C 154 0.61 -21.24 0.64
N GLY C 155 1.38 -22.33 0.55
CA GLY C 155 2.84 -22.28 0.35
C GLY C 155 3.59 -22.53 1.66
N ILE C 156 4.38 -23.59 1.72
CA ILE C 156 5.08 -24.05 2.94
C ILE C 156 6.36 -23.23 3.10
N ARG C 157 6.49 -22.61 4.27
CA ARG C 157 7.70 -21.86 4.67
C ARG C 157 8.75 -22.86 5.13
N PHE C 158 9.97 -22.69 4.64
CA PHE C 158 11.11 -23.49 5.12
C PHE C 158 12.37 -22.62 5.20
N CYS C 159 13.35 -23.17 5.88
CA CYS C 159 14.71 -22.57 5.90
C CYS C 159 15.75 -23.68 6.02
N GLU C 160 16.99 -23.30 5.84
CA GLU C 160 18.13 -24.21 5.82
C GLU C 160 19.30 -23.41 6.35
N ALA C 161 20.00 -23.91 7.35
CA ALA C 161 21.27 -23.35 7.82
C ALA C 161 22.32 -24.45 7.70
N GLU C 162 23.54 -24.08 7.30
CA GLU C 162 24.63 -25.06 7.20
C GLU C 162 25.95 -24.37 7.53
N GLN C 163 26.89 -25.17 8.01
CA GLN C 163 28.24 -24.69 8.36
C GLN C 163 29.23 -25.84 8.30
N CYS C 164 30.40 -25.60 7.68
CA CYS C 164 31.61 -26.45 7.76
C CYS C 164 32.50 -25.90 8.88
N ARG C 165 33.23 -26.77 9.57
CA ARG C 165 34.23 -26.38 10.58
C ARG C 165 35.09 -25.26 9.99
N ASN C 166 35.22 -24.14 10.72
CA ASN C 166 36.08 -22.97 10.37
C ASN C 166 35.54 -22.23 9.13
N GLY C 167 34.32 -22.54 8.69
CA GLY C 167 33.67 -21.84 7.57
C GLY C 167 32.44 -21.00 8.07
N PRO C 168 31.82 -20.25 7.12
CA PRO C 168 30.68 -19.39 7.43
C PRO C 168 29.43 -20.23 7.71
N LEU C 169 28.60 -19.78 8.66
CA LEU C 169 27.24 -20.30 8.86
C LEU C 169 26.35 -19.56 7.86
N VAL C 170 25.81 -20.27 6.87
CA VAL C 170 25.02 -19.69 5.75
C VAL C 170 23.56 -20.07 5.97
N VAL C 171 22.66 -19.09 5.84
CA VAL C 171 21.20 -19.27 6.06
C VAL C 171 20.47 -19.05 4.74
N CYS C 172 19.57 -19.97 4.40
CA CYS C 172 18.65 -19.87 3.25
C CYS C 172 17.21 -19.95 3.78
N ALA C 173 16.29 -19.28 3.11
CA ALA C 173 14.84 -19.38 3.42
C ALA C 173 14.13 -19.68 2.10
N GLY C 174 12.91 -20.16 2.19
CA GLY C 174 12.19 -20.48 0.96
C GLY C 174 10.71 -20.68 1.19
N ILE C 175 10.03 -20.88 0.08
CA ILE C 175 8.60 -21.27 0.05
C ILE C 175 8.45 -22.34 -1.02
N LYS C 176 7.74 -23.42 -0.70
CA LYS C 176 7.53 -24.51 -1.68
C LYS C 176 6.06 -24.92 -1.66
N ASP C 177 5.68 -25.76 -2.63
CA ASP C 177 4.29 -26.26 -2.77
C ASP C 177 3.36 -25.03 -2.90
N LEU C 178 3.84 -23.99 -3.56
CA LEU C 178 3.09 -22.73 -3.79
C LEU C 178 2.48 -22.82 -5.17
N LYS C 179 1.15 -22.97 -5.25
CA LYS C 179 0.50 -23.19 -6.55
C LYS C 179 -0.26 -21.92 -6.91
N LEU C 180 0.13 -21.32 -8.02
CA LEU C 180 -0.40 -20.03 -8.50
C LEU C 180 -0.93 -20.26 -9.90
N MET C 181 -1.99 -19.54 -10.24
N MET C 181 -2.00 -19.55 -10.25
CA MET C 181 -2.61 -19.68 -11.57
CA MET C 181 -2.62 -19.70 -11.58
C MET C 181 -3.19 -18.34 -11.99
C MET C 181 -3.20 -18.34 -11.99
N LYS C 182 -2.90 -17.93 -13.23
CA LYS C 182 -3.64 -16.83 -13.86
C LYS C 182 -4.26 -17.36 -15.15
N THR C 183 -5.40 -16.80 -15.52
CA THR C 183 -6.29 -17.38 -16.55
C THR C 183 -6.04 -16.69 -17.89
N THR C 184 -5.18 -15.67 -17.94
CA THR C 184 -4.83 -14.95 -19.19
C THR C 184 -3.50 -14.21 -19.00
N GLN C 185 -3.14 -13.34 -19.93
CA GLN C 185 -1.86 -12.59 -19.91
C GLN C 185 -0.69 -13.59 -19.91
N SER C 186 -0.82 -14.67 -20.67
CA SER C 186 0.21 -15.72 -20.81
C SER C 186 0.20 -16.25 -22.24
N GLY C 187 1.37 -16.36 -22.83
CA GLY C 187 1.55 -17.05 -24.12
C GLY C 187 2.89 -17.71 -24.21
N PHE C 188 3.12 -18.39 -25.32
CA PHE C 188 4.41 -18.98 -25.73
C PHE C 188 4.42 -19.03 -27.25
N GLU C 189 5.20 -18.13 -27.85
CA GLU C 189 5.27 -17.90 -29.31
C GLU C 189 6.74 -17.73 -29.70
N GLY C 190 7.04 -17.85 -30.99
CA GLY C 190 8.35 -17.54 -31.55
C GLY C 190 9.44 -18.47 -31.04
N PHE C 191 9.09 -19.72 -30.78
CA PHE C 191 10.04 -20.74 -30.25
C PHE C 191 10.69 -21.46 -31.43
N TYR C 192 11.71 -22.26 -31.14
CA TYR C 192 12.47 -23.04 -32.14
C TYR C 192 11.57 -24.14 -32.73
N ARG C 193 11.50 -24.22 -34.05
CA ARG C 193 10.67 -25.20 -34.78
C ARG C 193 11.61 -26.24 -35.42
N ASN C 194 11.15 -27.49 -35.49
CA ASN C 194 11.90 -28.63 -36.08
C ASN C 194 10.86 -29.70 -36.43
N GLU C 195 11.30 -30.80 -37.06
CA GLU C 195 10.41 -31.85 -37.63
C GLU C 195 9.56 -32.53 -36.54
N HIS C 196 9.93 -32.43 -35.26
CA HIS C 196 9.18 -33.09 -34.13
C HIS C 196 8.42 -32.05 -33.30
N THR C 197 8.29 -30.82 -33.80
CA THR C 197 7.62 -29.70 -33.09
C THR C 197 6.21 -29.50 -33.69
N THR C 198 5.18 -29.86 -32.94
CA THR C 198 3.76 -29.76 -33.32
C THR C 198 3.05 -28.70 -32.48
N LEU C 199 3.70 -28.17 -31.45
CA LEU C 199 3.08 -27.18 -30.53
C LEU C 199 2.63 -25.97 -31.33
N PRO C 200 1.35 -25.55 -31.27
CA PRO C 200 0.95 -24.29 -31.88
C PRO C 200 1.47 -23.08 -31.08
N GLU C 201 1.64 -21.96 -31.77
CA GLU C 201 1.87 -20.63 -31.12
C GLU C 201 0.59 -20.29 -30.35
N ARG C 202 0.72 -19.79 -29.12
CA ARG C 202 -0.42 -19.38 -28.29
C ARG C 202 -0.11 -18.04 -27.62
N ASN C 203 -1.06 -17.11 -27.61
CA ASN C 203 -0.87 -15.80 -26.94
C ASN C 203 -1.88 -15.61 -25.80
N ASP C 204 -2.69 -16.62 -25.44
CA ASP C 204 -3.74 -16.44 -24.40
C ASP C 204 -4.14 -17.75 -23.68
N ARG C 205 -3.20 -18.32 -22.93
CA ARG C 205 -3.39 -19.60 -22.21
C ARG C 205 -3.50 -19.34 -20.71
N ILE C 206 -3.94 -20.35 -19.96
CA ILE C 206 -3.83 -20.38 -18.49
C ILE C 206 -2.37 -20.65 -18.13
N LEU C 207 -1.80 -19.82 -17.27
CA LEU C 207 -0.46 -20.04 -16.67
C LEU C 207 -0.68 -20.59 -15.27
N CYS C 208 -0.44 -21.87 -15.09
CA CYS C 208 -0.58 -22.58 -13.80
C CYS C 208 0.79 -23.17 -13.44
N GLY C 209 1.31 -22.80 -12.28
CA GLY C 209 2.64 -23.21 -11.83
C GLY C 209 2.66 -23.60 -10.36
N GLU C 210 3.35 -24.70 -10.05
CA GLU C 210 3.75 -25.06 -8.67
C GLU C 210 5.20 -24.61 -8.51
N PHE C 211 5.45 -23.74 -7.54
CA PHE C 211 6.75 -23.06 -7.33
C PHE C 211 7.49 -23.66 -6.15
N PHE C 212 8.80 -23.84 -6.35
CA PHE C 212 9.80 -24.00 -5.29
C PHE C 212 10.69 -22.76 -5.40
N CYS C 213 10.80 -21.98 -4.33
CA CYS C 213 11.66 -20.75 -4.31
C CYS C 213 12.57 -20.84 -3.09
N LYS C 214 13.87 -20.65 -3.31
CA LYS C 214 14.84 -20.72 -2.21
C LYS C 214 15.85 -19.59 -2.40
N TRP C 215 16.15 -18.86 -1.34
CA TRP C 215 17.10 -17.72 -1.44
C TRP C 215 18.09 -17.76 -0.27
N SER C 216 19.29 -17.25 -0.53
CA SER C 216 20.39 -17.20 0.44
C SER C 216 20.55 -15.77 0.95
N TYR C 217 20.75 -15.66 2.26
CA TYR C 217 21.08 -14.41 2.97
C TYR C 217 22.61 -14.33 3.15
N GLY C 218 23.33 -15.38 2.76
CA GLY C 218 24.74 -15.60 3.11
C GLY C 218 24.89 -15.59 4.63
N GLU C 219 25.76 -14.72 5.15
CA GLU C 219 26.10 -14.64 6.60
C GLU C 219 25.31 -13.52 7.30
N CYS C 220 24.60 -12.68 6.55
CA CYS C 220 23.82 -11.54 7.11
C CYS C 220 22.66 -12.09 7.96
N ARG C 221 22.58 -11.68 9.23
CA ARG C 221 21.54 -12.14 10.19
C ARG C 221 21.11 -11.01 11.14
N ASP C 222 21.17 -9.75 10.68
CA ASP C 222 20.92 -8.55 11.53
C ASP C 222 19.46 -8.08 11.40
N PHE C 223 18.62 -8.78 10.62
CA PHE C 223 17.27 -8.32 10.23
C PHE C 223 16.21 -9.26 10.81
N ASP C 224 14.95 -8.83 10.68
CA ASP C 224 13.76 -9.57 11.14
C ASP C 224 13.46 -10.65 10.08
N PHE C 225 13.80 -11.91 10.40
CA PHE C 225 13.62 -13.06 9.47
C PHE C 225 12.17 -13.17 9.01
N ASP C 226 11.21 -13.00 9.93
CA ASP C 226 9.76 -13.14 9.59
C ASP C 226 9.35 -12.03 8.61
N CYS C 227 9.77 -10.80 8.90
CA CYS C 227 9.44 -9.61 8.08
C CYS C 227 9.99 -9.78 6.65
N ILE C 228 11.25 -10.19 6.52
CA ILE C 228 11.89 -10.33 5.19
C ILE C 228 11.25 -11.53 4.44
N TRP C 229 11.00 -12.64 5.13
CA TRP C 229 10.35 -13.80 4.47
C TRP C 229 9.00 -13.36 3.87
N SER C 230 8.18 -12.62 4.63
CA SER C 230 6.85 -12.14 4.18
C SER C 230 7.02 -11.23 2.97
N LYS C 231 8.04 -10.37 2.99
N LYS C 231 8.04 -10.37 2.99
CA LYS C 231 8.30 -9.41 1.91
CA LYS C 231 8.28 -9.41 1.89
C LYS C 231 8.66 -10.18 0.62
C LYS C 231 8.65 -10.18 0.63
N VAL C 232 9.50 -11.21 0.73
CA VAL C 232 9.91 -12.02 -0.46
C VAL C 232 8.67 -12.73 -1.00
N ARG C 233 7.83 -13.29 -0.14
CA ARG C 233 6.59 -13.98 -0.58
C ARG C 233 5.72 -12.99 -1.37
N GLU C 234 5.52 -11.79 -0.85
CA GLU C 234 4.73 -10.72 -1.51
C GLU C 234 5.30 -10.44 -2.90
N CYS C 235 6.62 -10.31 -3.01
CA CYS C 235 7.29 -10.06 -4.32
C CYS C 235 6.99 -11.20 -5.30
N ILE C 236 7.06 -12.45 -4.86
CA ILE C 236 6.79 -13.64 -5.72
C ILE C 236 5.36 -13.52 -6.27
N LEU C 237 4.36 -13.32 -5.40
CA LEU C 237 2.94 -13.25 -5.82
C LEU C 237 2.73 -12.06 -6.77
N GLU C 238 3.23 -10.88 -6.44
CA GLU C 238 3.02 -9.65 -7.26
C GLU C 238 3.72 -9.79 -8.62
N ALA C 239 4.93 -10.32 -8.67
CA ALA C 239 5.67 -10.47 -9.95
C ALA C 239 4.97 -11.53 -10.81
N PHE C 240 4.49 -12.61 -10.20
CA PHE C 240 3.74 -13.66 -10.93
C PHE C 240 2.52 -13.02 -11.60
N SER C 241 1.78 -12.21 -10.83
CA SER C 241 0.39 -11.80 -11.14
C SER C 241 0.36 -10.55 -12.00
N GLY C 242 1.33 -9.66 -11.80
CA GLY C 242 1.24 -8.27 -12.27
C GLY C 242 0.21 -7.50 -11.45
N PRO C 243 0.01 -6.21 -11.77
CA PRO C 243 -0.93 -5.37 -11.03
C PRO C 243 -2.35 -5.91 -11.07
N PRO C 244 -3.14 -5.72 -9.99
CA PRO C 244 -4.45 -6.35 -9.88
C PRO C 244 -5.52 -5.83 -10.87
N ASP C 245 -5.29 -4.66 -11.46
CA ASP C 245 -6.27 -3.98 -12.37
C ASP C 245 -6.08 -4.40 -13.84
N CYS C 246 -4.95 -5.02 -14.21
CA CYS C 246 -4.65 -5.28 -15.65
C CYS C 246 -3.75 -6.51 -15.83
N GLY C 247 -3.00 -6.91 -14.80
CA GLY C 247 -2.01 -7.98 -14.91
C GLY C 247 -0.82 -7.56 -15.77
N GLU C 248 -0.04 -8.53 -16.22
CA GLU C 248 1.19 -8.29 -17.03
C GLU C 248 1.41 -9.50 -17.93
N TYR C 249 1.66 -9.27 -19.22
CA TYR C 249 1.83 -10.36 -20.21
C TYR C 249 3.10 -11.14 -19.90
N SER C 250 2.98 -12.45 -19.82
CA SER C 250 4.08 -13.43 -19.72
C SER C 250 4.29 -14.10 -21.07
N PRO C 251 5.47 -13.95 -21.70
CA PRO C 251 5.77 -14.60 -22.99
C PRO C 251 6.33 -16.02 -22.87
N SER C 252 6.55 -16.51 -21.64
CA SER C 252 7.01 -17.89 -21.34
C SER C 252 7.02 -18.12 -19.84
N TYR C 253 6.98 -19.37 -19.40
CA TYR C 253 7.20 -19.75 -17.98
C TYR C 253 8.56 -19.19 -17.53
N GLN C 254 9.56 -19.33 -18.40
CA GLN C 254 10.96 -18.90 -18.13
C GLN C 254 10.99 -17.40 -17.83
N ARG C 255 10.27 -16.59 -18.62
CA ARG C 255 10.27 -15.13 -18.40
C ARG C 255 9.59 -14.81 -17.07
N THR C 256 8.52 -15.53 -16.73
CA THR C 256 7.81 -15.33 -15.45
C THR C 256 8.77 -15.65 -14.29
N VAL C 257 9.57 -16.70 -14.42
CA VAL C 257 10.57 -17.04 -13.37
C VAL C 257 11.53 -15.85 -13.21
N ASN C 258 12.01 -15.31 -14.33
CA ASN C 258 12.95 -14.16 -14.31
C ASN C 258 12.28 -12.95 -13.64
N CYS C 259 11.04 -12.63 -13.98
CA CYS C 259 10.30 -11.48 -13.41
C CYS C 259 10.22 -11.64 -11.88
N ILE C 260 9.92 -12.85 -11.41
CA ILE C 260 9.88 -13.15 -9.94
C ILE C 260 11.26 -12.87 -9.33
N GLN C 261 12.31 -13.44 -9.90
CA GLN C 261 13.67 -13.32 -9.33
C GLN C 261 14.10 -11.85 -9.32
N MET C 262 13.86 -11.14 -10.42
CA MET C 262 14.32 -9.73 -10.55
C MET C 262 13.52 -8.84 -9.61
N CYS C 263 12.23 -9.13 -9.40
CA CYS C 263 11.40 -8.40 -8.41
C CYS C 263 11.99 -8.58 -7.02
N VAL C 264 12.27 -9.82 -6.61
CA VAL C 264 12.84 -10.10 -5.26
C VAL C 264 14.17 -9.36 -5.11
N LEU C 265 15.08 -9.50 -6.07
CA LEU C 265 16.43 -8.90 -5.97
C LEU C 265 16.32 -7.38 -5.91
N SER C 266 15.40 -6.79 -6.66
CA SER C 266 15.18 -5.32 -6.71
C SER C 266 14.70 -4.78 -5.37
N ARG C 267 13.86 -5.54 -4.65
N ARG C 267 13.86 -5.55 -4.65
CA ARG C 267 13.09 -5.02 -3.49
CA ARG C 267 13.08 -5.03 -3.49
C ARG C 267 13.68 -5.53 -2.16
C ARG C 267 13.68 -5.52 -2.17
N VAL C 268 14.51 -6.56 -2.18
CA VAL C 268 14.99 -7.24 -0.94
C VAL C 268 16.50 -7.35 -1.01
N PRO C 269 17.23 -6.33 -0.52
CA PRO C 269 18.69 -6.31 -0.54
C PRO C 269 19.32 -7.50 0.19
N GLN C 270 18.63 -8.07 1.19
CA GLN C 270 19.17 -9.18 2.02
C GLN C 270 19.32 -10.44 1.16
N VAL C 271 18.55 -10.55 0.09
CA VAL C 271 18.63 -11.74 -0.82
C VAL C 271 19.85 -11.57 -1.71
N GLN C 272 20.79 -12.52 -1.61
CA GLN C 272 22.06 -12.53 -2.39
C GLN C 272 21.92 -13.43 -3.62
N VAL C 273 21.22 -14.56 -3.47
CA VAL C 273 21.07 -15.60 -4.53
C VAL C 273 19.64 -16.13 -4.41
N ILE C 274 18.96 -16.29 -5.55
CA ILE C 274 17.58 -16.82 -5.56
C ILE C 274 17.42 -17.88 -6.65
N GLU C 275 16.87 -19.01 -6.25
CA GLU C 275 16.57 -20.17 -7.12
C GLU C 275 15.05 -20.28 -7.17
N VAL C 276 14.50 -20.34 -8.38
CA VAL C 276 13.05 -20.56 -8.57
C VAL C 276 12.88 -21.73 -9.53
N ILE C 277 12.00 -22.68 -9.17
CA ILE C 277 11.61 -23.82 -10.03
C ILE C 277 10.10 -23.69 -10.23
N LEU C 278 9.67 -23.61 -11.48
CA LEU C 278 8.25 -23.57 -11.89
C LEU C 278 7.91 -24.89 -12.57
N ASN C 279 7.06 -25.70 -11.94
CA ASN C 279 6.48 -26.92 -12.55
C ASN C 279 5.11 -26.53 -13.09
N ASN C 280 4.90 -26.58 -14.39
CA ASN C 280 3.64 -26.02 -14.96
C ASN C 280 2.65 -27.15 -15.24
N ASN C 281 1.38 -26.77 -15.30
CA ASN C 281 0.28 -27.59 -15.82
C ASN C 281 -0.39 -26.84 -16.96
N PHE C 282 -0.44 -27.43 -18.14
CA PHE C 282 -1.20 -26.89 -19.30
C PHE C 282 -2.68 -27.21 -19.06
N TYR C 283 -3.55 -26.25 -19.31
CA TYR C 283 -5.02 -26.42 -19.31
C TYR C 283 -5.47 -26.39 -20.77
N ASN C 284 -5.89 -27.55 -21.29
N ASN C 284 -5.87 -27.56 -21.29
CA ASN C 284 -6.33 -27.71 -22.69
CA ASN C 284 -6.33 -27.72 -22.70
C ASN C 284 -7.79 -27.22 -22.82
C ASN C 284 -7.79 -27.23 -22.82
N VAL C 285 -8.07 -26.37 -23.80
CA VAL C 285 -9.46 -26.02 -24.17
C VAL C 285 -10.02 -27.25 -24.93
N VAL C 286 -10.90 -28.01 -24.28
CA VAL C 286 -11.46 -29.28 -24.81
C VAL C 286 -12.14 -29.00 -26.15
N ASP C 287 -11.75 -29.72 -27.21
CA ASP C 287 -12.46 -29.68 -28.51
C ASP C 287 -13.80 -30.40 -28.32
N MET C 288 -14.91 -29.68 -28.42
CA MET C 288 -16.28 -30.22 -28.20
C MET C 288 -17.08 -30.20 -29.51
N LYS C 289 -16.42 -30.01 -30.66
CA LYS C 289 -17.06 -29.99 -32.01
C LYS C 289 -17.89 -31.26 -32.21
N ALA C 290 -17.30 -32.43 -31.96
CA ALA C 290 -17.93 -33.76 -32.16
C ALA C 290 -19.11 -33.96 -31.19
N LEU C 291 -19.19 -33.18 -30.11
CA LEU C 291 -20.30 -33.24 -29.12
C LEU C 291 -21.36 -32.18 -29.44
N GLY C 292 -21.21 -31.48 -30.57
CA GLY C 292 -22.21 -30.53 -31.10
C GLY C 292 -22.26 -29.22 -30.33
N CYS C 293 -21.14 -28.75 -29.78
CA CYS C 293 -21.06 -27.35 -29.28
C CYS C 293 -19.65 -26.79 -29.40
N THR C 294 -19.54 -25.48 -29.17
CA THR C 294 -18.31 -24.67 -29.36
C THR C 294 -17.77 -24.26 -27.98
N ASN C 295 -16.51 -24.54 -27.71
CA ASN C 295 -15.89 -24.25 -26.40
C ASN C 295 -14.96 -23.04 -26.56
N ASP C 296 -15.47 -21.84 -26.30
CA ASP C 296 -14.70 -20.57 -26.43
C ASP C 296 -13.99 -20.33 -25.09
N LYS C 297 -12.93 -21.09 -24.81
CA LYS C 297 -12.13 -21.01 -23.57
C LYS C 297 -13.07 -21.01 -22.34
N GLU C 298 -14.04 -21.92 -22.33
CA GLU C 298 -15.04 -22.04 -21.23
C GLU C 298 -14.69 -23.24 -20.36
N VAL C 299 -14.35 -24.37 -20.96
CA VAL C 299 -14.06 -25.65 -20.25
C VAL C 299 -12.64 -26.05 -20.59
N LEU C 300 -11.77 -26.10 -19.59
CA LEU C 300 -10.33 -26.41 -19.76
C LEU C 300 -9.95 -27.59 -18.86
N VAL C 301 -9.19 -28.52 -19.40
CA VAL C 301 -8.81 -29.76 -18.68
C VAL C 301 -7.31 -29.69 -18.42
N PRO C 302 -6.89 -29.74 -17.14
CA PRO C 302 -5.47 -29.71 -16.80
C PRO C 302 -4.75 -31.01 -17.19
N VAL C 303 -3.53 -30.88 -17.72
CA VAL C 303 -2.59 -32.00 -17.97
C VAL C 303 -1.59 -31.99 -16.82
N GLU C 304 -1.65 -33.00 -15.95
CA GLU C 304 -0.79 -33.05 -14.74
C GLU C 304 0.49 -33.84 -15.02
N THR C 305 0.42 -34.85 -15.89
CA THR C 305 1.61 -35.58 -16.41
C THR C 305 1.39 -35.89 -17.88
N PRO C 306 2.42 -35.79 -18.73
CA PRO C 306 3.71 -35.24 -18.33
C PRO C 306 3.60 -33.75 -17.99
N TYR C 307 4.61 -33.18 -17.34
CA TYR C 307 4.60 -31.73 -17.01
C TYR C 307 5.96 -31.12 -17.34
N GLY C 308 5.92 -29.86 -17.74
CA GLY C 308 7.12 -29.05 -18.00
C GLY C 308 7.67 -28.49 -16.72
N SER C 309 8.97 -28.28 -16.65
CA SER C 309 9.62 -27.59 -15.52
C SER C 309 10.64 -26.61 -16.09
N CYS C 310 10.83 -25.49 -15.43
CA CYS C 310 12.00 -24.65 -15.68
C CYS C 310 12.53 -24.15 -14.34
N ALA C 311 13.83 -23.91 -14.31
CA ALA C 311 14.55 -23.61 -13.06
C ALA C 311 15.64 -22.60 -13.41
N CYS C 312 15.79 -21.59 -12.58
CA CYS C 312 16.89 -20.61 -12.75
C CYS C 312 17.41 -20.22 -11.37
N THR C 313 18.73 -20.08 -11.26
CA THR C 313 19.37 -19.49 -10.07
C THR C 313 20.13 -18.23 -10.52
N LEU C 314 19.77 -17.08 -9.97
CA LEU C 314 20.43 -15.77 -10.18
C LEU C 314 21.17 -15.40 -8.88
N GLY C 315 22.35 -14.82 -9.00
CA GLY C 315 23.07 -14.28 -7.84
C GLY C 315 23.59 -12.91 -8.15
N ARG C 316 23.75 -12.10 -7.11
CA ARG C 316 24.41 -10.76 -7.21
C ARG C 316 25.90 -10.98 -7.52
N LYS C 317 26.41 -10.34 -8.58
CA LYS C 317 27.84 -10.45 -8.99
C LYS C 317 28.75 -10.13 -7.79
N LYS C 318 28.44 -9.09 -7.03
CA LYS C 318 29.31 -8.63 -5.91
C LYS C 318 29.41 -9.74 -4.85
N TYR C 319 28.31 -10.44 -4.54
CA TYR C 319 28.29 -11.52 -3.51
C TYR C 319 29.13 -12.71 -3.98
N LEU C 320 28.98 -13.08 -5.26
CA LEU C 320 29.63 -14.28 -5.85
C LEU C 320 31.15 -14.06 -5.93
N GLU C 321 31.58 -12.85 -6.33
CA GLU C 321 33.01 -12.44 -6.38
C GLU C 321 33.62 -12.52 -4.97
N ALA C 322 32.92 -11.97 -3.95
CA ALA C 322 33.33 -11.97 -2.54
C ALA C 322 33.55 -13.40 -2.03
N GLN C 323 32.84 -14.40 -2.60
CA GLN C 323 32.95 -15.84 -2.21
C GLN C 323 34.33 -16.41 -2.59
N SER C 324 34.71 -16.30 -3.88
CA SER C 324 35.96 -16.84 -4.49
C SER C 324 36.77 -17.69 -3.48
N GLN D 26 -18.33 -74.14 -12.95
CA GLN D 26 -19.29 -75.23 -12.65
C GLN D 26 -20.51 -74.67 -11.89
N VAL D 27 -20.41 -73.50 -11.26
CA VAL D 27 -21.61 -72.71 -10.85
C VAL D 27 -22.11 -71.96 -12.09
N THR D 28 -23.43 -71.81 -12.23
CA THR D 28 -24.07 -71.11 -13.36
C THR D 28 -24.81 -69.88 -12.80
N ILE D 29 -25.30 -69.03 -13.70
CA ILE D 29 -26.14 -67.83 -13.37
C ILE D 29 -27.28 -68.26 -12.44
N LYS D 30 -27.79 -69.49 -12.56
CA LYS D 30 -28.96 -70.00 -11.78
C LYS D 30 -28.61 -70.16 -10.29
N ASP D 31 -27.36 -70.48 -9.94
CA ASP D 31 -26.93 -70.71 -8.53
C ASP D 31 -26.59 -69.38 -7.84
N ILE D 32 -26.45 -68.28 -8.59
CA ILE D 32 -25.81 -67.03 -8.08
C ILE D 32 -26.81 -65.87 -8.16
N GLU D 33 -26.85 -65.03 -7.13
CA GLU D 33 -27.64 -63.77 -7.12
C GLU D 33 -26.69 -62.57 -7.35
N VAL D 34 -27.05 -61.67 -8.27
CA VAL D 34 -26.40 -60.34 -8.45
C VAL D 34 -26.93 -59.43 -7.34
N LEU D 35 -26.12 -59.12 -6.32
CA LEU D 35 -26.57 -58.25 -5.20
C LEU D 35 -26.46 -56.77 -5.58
N ASN D 36 -25.46 -56.42 -6.38
N ASN D 36 -25.36 -56.37 -6.22
CA ASN D 36 -25.16 -55.02 -6.78
CA ASN D 36 -25.13 -54.98 -6.68
C ASN D 36 -24.28 -55.04 -8.03
C ASN D 36 -24.21 -55.05 -7.89
N CYS D 37 -24.52 -54.10 -8.95
N CYS D 37 -24.45 -54.20 -8.89
CA CYS D 37 -23.69 -53.80 -10.15
CA CYS D 37 -23.42 -53.83 -9.89
C CYS D 37 -23.61 -52.28 -10.30
C CYS D 37 -23.56 -52.35 -10.23
N GLU D 38 -22.40 -51.70 -10.36
CA GLU D 38 -22.28 -50.23 -10.46
C GLU D 38 -21.03 -49.92 -11.28
N TYR D 39 -21.06 -48.85 -12.06
CA TYR D 39 -19.87 -48.46 -12.86
C TYR D 39 -19.91 -46.96 -13.03
N GLY D 40 -18.77 -46.39 -13.44
CA GLY D 40 -18.78 -44.94 -13.68
C GLY D 40 -17.44 -44.40 -14.05
N LYS D 41 -17.37 -43.08 -14.11
CA LYS D 41 -16.16 -42.33 -14.45
C LYS D 41 -15.72 -41.56 -13.21
N ASN D 42 -14.44 -41.64 -12.89
CA ASN D 42 -13.85 -41.11 -11.64
C ASN D 42 -12.84 -40.03 -12.00
N THR D 43 -12.79 -38.97 -11.19
CA THR D 43 -11.76 -37.91 -11.24
C THR D 43 -11.78 -37.26 -12.63
N ILE D 44 -12.95 -36.83 -13.07
CA ILE D 44 -13.11 -35.93 -14.24
C ILE D 44 -12.72 -34.53 -13.75
N LYS D 45 -11.56 -34.04 -14.18
CA LYS D 45 -10.99 -32.76 -13.72
C LYS D 45 -11.17 -31.72 -14.82
N PHE D 46 -11.74 -30.58 -14.51
CA PHE D 46 -11.78 -29.44 -15.45
C PHE D 46 -12.00 -28.14 -14.68
N LEU D 47 -11.63 -27.05 -15.35
CA LEU D 47 -11.85 -25.67 -14.91
C LEU D 47 -12.92 -25.06 -15.81
N ARG D 48 -13.95 -24.50 -15.20
CA ARG D 48 -14.98 -23.69 -15.89
C ARG D 48 -14.60 -22.23 -15.69
N LEU D 49 -14.30 -21.55 -16.79
CA LEU D 49 -13.88 -20.13 -16.79
C LEU D 49 -15.07 -19.26 -17.23
N HIS D 50 -15.33 -18.19 -16.48
N HIS D 50 -15.37 -18.19 -16.49
CA HIS D 50 -16.37 -17.17 -16.78
CA HIS D 50 -16.36 -17.18 -16.94
C HIS D 50 -15.70 -15.79 -16.75
C HIS D 50 -15.79 -15.78 -16.72
N ARG D 51 -15.99 -14.93 -17.73
CA ARG D 51 -15.39 -13.57 -17.84
C ARG D 51 -16.53 -12.54 -17.79
N GLU D 52 -16.45 -11.60 -16.85
CA GLU D 52 -17.29 -10.36 -16.82
C GLU D 52 -16.38 -9.18 -17.12
N GLY D 53 -16.27 -8.82 -18.40
CA GLY D 53 -15.24 -7.88 -18.90
C GLY D 53 -13.87 -8.42 -18.58
N LYS D 54 -13.01 -7.65 -17.92
CA LYS D 54 -11.62 -8.10 -17.63
C LYS D 54 -11.60 -8.99 -16.38
N LYS D 55 -12.68 -9.06 -15.59
CA LYS D 55 -12.69 -9.87 -14.35
C LYS D 55 -12.99 -11.33 -14.71
N HIS D 56 -12.08 -12.23 -14.34
CA HIS D 56 -12.18 -13.69 -14.58
C HIS D 56 -12.63 -14.39 -13.29
N PHE D 57 -13.48 -15.40 -13.44
CA PHE D 57 -14.00 -16.26 -12.35
C PHE D 57 -13.70 -17.70 -12.72
N VAL D 58 -13.23 -18.48 -11.75
CA VAL D 58 -12.88 -19.90 -12.01
C VAL D 58 -13.67 -20.77 -11.05
N LYS D 59 -14.07 -21.91 -11.56
CA LYS D 59 -14.51 -23.05 -10.75
C LYS D 59 -13.81 -24.28 -11.30
N GLU D 60 -12.82 -24.79 -10.58
CA GLU D 60 -12.15 -26.04 -10.96
C GLU D 60 -12.69 -27.14 -10.06
N VAL D 61 -13.09 -28.24 -10.67
CA VAL D 61 -13.77 -29.35 -9.95
C VAL D 61 -13.16 -30.68 -10.36
N GLU D 62 -13.42 -31.67 -9.51
CA GLU D 62 -13.20 -33.11 -9.77
C GLU D 62 -14.55 -33.78 -9.60
N VAL D 63 -15.03 -34.43 -10.64
CA VAL D 63 -16.38 -35.08 -10.69
C VAL D 63 -16.21 -36.60 -10.80
N CYS D 64 -16.99 -37.33 -10.02
CA CYS D 64 -17.18 -38.79 -10.19
C CYS D 64 -18.69 -38.99 -10.43
N THR D 65 -19.06 -39.65 -11.52
CA THR D 65 -20.48 -40.00 -11.76
C THR D 65 -20.57 -41.51 -11.91
N HIS D 66 -21.43 -42.15 -11.12
N HIS D 66 -21.39 -42.16 -11.08
CA HIS D 66 -21.64 -43.62 -11.12
CA HIS D 66 -21.62 -43.63 -11.08
C HIS D 66 -23.10 -43.91 -11.47
C HIS D 66 -23.08 -43.91 -11.47
N LEU D 67 -23.30 -45.00 -12.21
CA LEU D 67 -24.63 -45.47 -12.65
C LEU D 67 -24.82 -46.89 -12.13
N ARG D 68 -26.06 -47.25 -11.81
CA ARG D 68 -26.53 -48.65 -11.79
C ARG D 68 -27.57 -48.79 -12.91
N LEU D 69 -27.40 -49.80 -13.77
CA LEU D 69 -28.33 -50.07 -14.88
C LEU D 69 -29.45 -51.01 -14.41
N THR D 70 -30.54 -51.06 -15.16
CA THR D 70 -31.72 -51.90 -14.86
C THR D 70 -31.45 -53.36 -15.19
N SER D 71 -30.31 -53.67 -15.85
CA SER D 71 -29.93 -55.04 -16.25
C SER D 71 -28.42 -55.22 -16.09
N ALA D 72 -27.95 -56.47 -16.11
CA ALA D 72 -26.52 -56.80 -15.88
C ALA D 72 -25.99 -57.73 -16.99
N HIS D 73 -26.55 -57.62 -18.19
CA HIS D 73 -26.19 -58.47 -19.36
C HIS D 73 -24.70 -58.32 -19.69
N GLU D 74 -24.11 -57.15 -19.48
CA GLU D 74 -22.67 -56.91 -19.77
C GLU D 74 -21.81 -57.83 -18.88
N TYR D 75 -22.22 -58.05 -17.62
CA TYR D 75 -21.53 -58.96 -16.68
C TYR D 75 -21.91 -60.42 -16.98
N LEU D 76 -23.21 -60.71 -17.08
CA LEU D 76 -23.76 -62.09 -17.06
C LEU D 76 -23.63 -62.78 -18.43
N ASP D 77 -23.67 -62.04 -19.53
CA ASP D 77 -23.85 -62.57 -20.91
C ASP D 77 -22.79 -62.05 -21.87
N GLY D 78 -21.98 -61.06 -21.48
CA GLY D 78 -21.05 -60.38 -22.39
C GLY D 78 -21.76 -59.58 -23.45
N ASN D 79 -22.95 -59.06 -23.14
CA ASN D 79 -23.79 -58.23 -24.05
C ASN D 79 -23.80 -56.78 -23.55
N ASN D 80 -23.25 -55.87 -24.35
CA ASN D 80 -22.98 -54.48 -23.94
C ASN D 80 -24.07 -53.53 -24.46
N SER D 81 -25.13 -54.04 -25.07
CA SER D 81 -26.18 -53.25 -25.77
C SER D 81 -26.64 -52.05 -24.93
N PHE D 82 -26.79 -52.22 -23.60
CA PHE D 82 -27.41 -51.19 -22.72
C PHE D 82 -26.34 -50.33 -22.03
N VAL D 83 -25.05 -50.66 -22.21
CA VAL D 83 -23.96 -49.97 -21.47
C VAL D 83 -23.68 -48.62 -22.12
N ILE D 84 -23.82 -47.56 -21.33
CA ILE D 84 -23.37 -46.17 -21.67
C ILE D 84 -21.89 -46.12 -21.35
N PRO D 85 -21.01 -45.96 -22.36
CA PRO D 85 -19.57 -45.93 -22.07
C PRO D 85 -19.24 -44.89 -20.99
N THR D 86 -18.28 -45.19 -20.12
CA THR D 86 -17.80 -44.23 -19.10
C THR D 86 -17.25 -42.99 -19.83
N ASP D 87 -16.72 -43.17 -21.03
CA ASP D 87 -16.27 -42.05 -21.90
C ASP D 87 -17.44 -41.11 -22.19
N THR D 88 -18.64 -41.64 -22.41
CA THR D 88 -19.86 -40.82 -22.63
C THR D 88 -20.22 -40.07 -21.34
N ILE D 89 -20.07 -40.70 -20.18
CA ILE D 89 -20.32 -40.01 -18.88
C ILE D 89 -19.42 -38.77 -18.82
N LYS D 90 -18.15 -38.92 -19.14
CA LYS D 90 -17.18 -37.80 -19.14
C LYS D 90 -17.66 -36.72 -20.11
N ASN D 91 -18.02 -37.10 -21.34
CA ASN D 91 -18.46 -36.13 -22.39
C ASN D 91 -19.65 -35.32 -21.86
N ILE D 92 -20.61 -35.99 -21.25
CA ILE D 92 -21.86 -35.35 -20.75
C ILE D 92 -21.50 -34.33 -19.66
N VAL D 93 -20.64 -34.71 -18.72
CA VAL D 93 -20.22 -33.79 -17.62
C VAL D 93 -19.61 -32.52 -18.24
N LEU D 94 -18.73 -32.67 -19.22
CA LEU D 94 -18.01 -31.53 -19.84
C LEU D 94 -19.01 -30.67 -20.61
N VAL D 95 -19.90 -31.30 -21.37
CA VAL D 95 -20.93 -30.59 -22.18
C VAL D 95 -21.85 -29.80 -21.26
N LEU D 96 -22.31 -30.40 -20.15
CA LEU D 96 -23.22 -29.68 -19.22
C LEU D 96 -22.48 -28.49 -18.60
N ALA D 97 -21.21 -28.64 -18.24
CA ALA D 97 -20.42 -27.52 -17.67
C ALA D 97 -20.36 -26.36 -18.69
N LYS D 98 -20.12 -26.67 -19.97
CA LYS D 98 -20.06 -25.66 -21.05
C LYS D 98 -21.45 -25.00 -21.18
N LYS D 99 -22.50 -25.79 -21.32
CA LYS D 99 -23.86 -25.28 -21.64
C LYS D 99 -24.47 -24.56 -20.43
N ASN D 100 -24.36 -25.13 -19.23
CA ASN D 100 -25.09 -24.65 -18.03
C ASN D 100 -24.21 -23.69 -17.21
N GLY D 101 -22.88 -23.79 -17.33
CA GLY D 101 -21.96 -23.20 -16.33
C GLY D 101 -22.07 -23.95 -15.02
N ILE D 102 -21.37 -23.47 -14.01
CA ILE D 102 -21.42 -24.02 -12.62
C ILE D 102 -21.69 -22.84 -11.69
N SER D 103 -22.94 -22.60 -11.32
CA SER D 103 -23.31 -21.56 -10.34
C SER D 103 -22.88 -22.04 -8.95
N SER D 104 -23.14 -23.30 -8.64
CA SER D 104 -22.67 -24.03 -7.44
C SER D 104 -22.39 -25.48 -7.84
N ILE D 105 -21.50 -26.16 -7.14
CA ILE D 105 -21.25 -27.60 -7.44
C ILE D 105 -22.57 -28.37 -7.17
N GLU D 106 -23.37 -27.95 -6.20
CA GLU D 106 -24.64 -28.67 -5.87
C GLU D 106 -25.56 -28.63 -7.09
N GLN D 107 -25.75 -27.45 -7.69
CA GLN D 107 -26.65 -27.29 -8.86
C GLN D 107 -26.09 -28.11 -10.02
N PHE D 108 -24.75 -28.16 -10.17
CA PHE D 108 -24.12 -28.94 -11.26
C PHE D 108 -24.37 -30.43 -11.04
N ALA D 109 -24.24 -30.92 -9.80
CA ALA D 109 -24.49 -32.33 -9.46
C ALA D 109 -25.95 -32.68 -9.74
N ILE D 110 -26.87 -31.77 -9.39
CA ILE D 110 -28.33 -31.94 -9.67
C ILE D 110 -28.51 -32.06 -11.19
N ASP D 111 -27.95 -31.13 -11.95
CA ASP D 111 -28.07 -31.10 -13.43
C ASP D 111 -27.56 -32.42 -14.02
N ILE D 112 -26.43 -32.95 -13.53
CA ILE D 112 -25.86 -34.23 -14.06
C ILE D 112 -26.83 -35.38 -13.76
N CYS D 113 -27.29 -35.53 -12.52
CA CYS D 113 -28.20 -36.62 -12.12
C CYS D 113 -29.49 -36.54 -12.95
N LYS D 114 -30.07 -35.33 -13.07
CA LYS D 114 -31.33 -35.12 -13.84
C LYS D 114 -31.09 -35.52 -15.31
N HIS D 115 -29.94 -35.15 -15.88
CA HIS D 115 -29.63 -35.46 -17.30
C HIS D 115 -29.66 -36.97 -17.50
N PHE D 116 -28.99 -37.73 -16.62
CA PHE D 116 -28.89 -39.21 -16.75
C PHE D 116 -30.28 -39.82 -16.62
N MET D 117 -31.05 -39.40 -15.62
CA MET D 117 -32.38 -39.97 -15.32
C MET D 117 -33.36 -39.69 -16.47
N THR D 118 -33.30 -38.52 -17.08
N THR D 118 -33.33 -38.50 -17.06
CA THR D 118 -34.26 -38.09 -18.15
CA THR D 118 -34.24 -38.12 -18.17
C THR D 118 -33.78 -38.53 -19.53
C THR D 118 -33.82 -38.84 -19.45
N THR D 119 -32.51 -38.95 -19.69
CA THR D 119 -31.94 -39.28 -21.03
C THR D 119 -31.91 -40.79 -21.26
N PHE D 120 -31.62 -41.58 -20.23
CA PHE D 120 -31.32 -43.03 -20.37
C PHE D 120 -32.29 -43.85 -19.53
N CYS D 121 -33.21 -44.56 -20.18
CA CYS D 121 -34.20 -45.38 -19.42
C CYS D 121 -33.54 -46.64 -18.86
N GLN D 122 -32.32 -47.00 -19.26
CA GLN D 122 -31.60 -48.16 -18.66
C GLN D 122 -30.91 -47.78 -17.34
N VAL D 123 -30.93 -46.51 -16.94
CA VAL D 123 -30.34 -46.06 -15.64
C VAL D 123 -31.35 -46.25 -14.52
N ALA D 124 -31.01 -47.08 -13.54
CA ALA D 124 -31.80 -47.35 -12.32
C ALA D 124 -31.45 -46.34 -11.22
N TYR D 125 -30.22 -45.85 -11.23
CA TYR D 125 -29.65 -45.05 -10.13
C TYR D 125 -28.48 -44.26 -10.69
N VAL D 126 -28.37 -43.01 -10.27
CA VAL D 126 -27.19 -42.16 -10.59
C VAL D 126 -26.72 -41.51 -9.30
N LYS D 127 -25.39 -41.43 -9.13
CA LYS D 127 -24.78 -40.66 -8.02
C LYS D 127 -23.66 -39.82 -8.62
N THR D 128 -23.64 -38.53 -8.32
CA THR D 128 -22.58 -37.59 -8.74
C THR D 128 -21.92 -37.04 -7.49
N TYR D 129 -20.59 -37.16 -7.42
CA TYR D 129 -19.78 -36.60 -6.32
C TYR D 129 -18.90 -35.52 -6.96
N ILE D 130 -18.86 -34.34 -6.37
CA ILE D 130 -18.05 -33.20 -6.91
C ILE D 130 -17.24 -32.63 -5.75
N GLN D 131 -15.96 -32.39 -5.99
CA GLN D 131 -15.18 -31.59 -5.02
C GLN D 131 -14.56 -30.42 -5.77
N GLU D 132 -14.46 -29.30 -5.07
CA GLU D 132 -13.87 -28.06 -5.59
C GLU D 132 -12.38 -28.11 -5.35
N VAL D 133 -11.62 -27.71 -6.34
CA VAL D 133 -10.20 -27.33 -6.16
C VAL D 133 -10.20 -25.95 -5.50
N PRO D 134 -9.56 -25.81 -4.32
CA PRO D 134 -9.67 -24.58 -3.53
C PRO D 134 -8.81 -23.41 -4.04
N TRP D 135 -9.08 -22.93 -5.26
CA TRP D 135 -8.52 -21.66 -5.79
C TRP D 135 -9.14 -20.50 -5.01
N GLN D 136 -8.31 -19.57 -4.54
CA GLN D 136 -8.73 -18.26 -3.97
C GLN D 136 -8.17 -17.18 -4.88
N ARG D 137 -8.94 -16.13 -5.14
CA ARG D 137 -8.45 -14.93 -5.85
C ARG D 137 -7.30 -14.31 -5.03
N GLN D 138 -6.22 -13.95 -5.72
CA GLN D 138 -5.12 -13.19 -5.10
C GLN D 138 -5.58 -11.76 -4.80
N TYR D 139 -5.06 -11.19 -3.73
CA TYR D 139 -5.22 -9.76 -3.37
C TYR D 139 -3.83 -9.14 -3.25
N GLN D 140 -3.69 -7.92 -3.75
CA GLN D 140 -2.49 -7.07 -3.54
C GLN D 140 -2.93 -5.82 -2.81
N ASN D 141 -2.46 -5.65 -1.56
CA ASN D 141 -2.75 -4.46 -0.73
C ASN D 141 -4.26 -4.29 -0.65
N GLY D 142 -4.99 -5.38 -0.41
CA GLY D 142 -6.46 -5.37 -0.25
C GLY D 142 -7.23 -5.26 -1.56
N VAL D 143 -6.56 -5.26 -2.72
CA VAL D 143 -7.23 -5.12 -4.04
C VAL D 143 -7.31 -6.48 -4.70
N PRO D 144 -8.54 -6.96 -5.04
CA PRO D 144 -8.69 -8.27 -5.66
C PRO D 144 -8.11 -8.29 -7.08
N HIS D 145 -7.33 -9.30 -7.42
CA HIS D 145 -6.74 -9.45 -8.76
C HIS D 145 -7.82 -9.89 -9.75
N ILE D 146 -7.88 -9.25 -10.92
CA ILE D 146 -8.88 -9.61 -11.98
C ILE D 146 -8.75 -11.07 -12.43
N HIS D 147 -7.56 -11.68 -12.44
CA HIS D 147 -7.38 -13.00 -13.11
C HIS D 147 -6.27 -13.85 -12.52
N SER D 148 -5.91 -13.66 -11.26
CA SER D 148 -4.81 -14.43 -10.62
C SER D 148 -5.31 -15.05 -9.32
N PHE D 149 -4.90 -16.28 -9.09
CA PHE D 149 -5.44 -17.18 -8.03
C PHE D 149 -4.29 -17.93 -7.36
N ILE D 150 -4.53 -18.37 -6.13
CA ILE D 150 -3.57 -19.16 -5.32
C ILE D 150 -4.34 -20.33 -4.73
N LEU D 151 -3.71 -21.50 -4.67
CA LEU D 151 -4.35 -22.73 -4.12
C LEU D 151 -4.23 -22.67 -2.59
N VAL D 152 -5.37 -22.72 -1.91
CA VAL D 152 -5.44 -22.59 -0.41
C VAL D 152 -6.35 -23.70 0.11
N PRO D 153 -5.82 -24.92 0.33
CA PRO D 153 -6.63 -26.02 0.87
C PRO D 153 -6.86 -25.91 2.40
N ASP D 154 -7.85 -25.13 2.85
CA ASP D 154 -8.23 -25.00 4.28
C ASP D 154 -9.63 -25.65 4.49
N GLY D 155 -9.76 -26.86 4.01
CA GLY D 155 -11.00 -27.64 4.02
C GLY D 155 -11.61 -27.69 2.63
N ILE D 156 -11.72 -28.90 2.08
CA ILE D 156 -12.17 -29.15 0.69
C ILE D 156 -13.70 -29.18 0.70
N ARG D 157 -14.30 -28.32 -0.13
CA ARG D 157 -15.76 -28.29 -0.34
C ARG D 157 -16.14 -29.43 -1.28
N PHE D 158 -17.19 -30.17 -0.95
CA PHE D 158 -17.71 -31.21 -1.84
C PHE D 158 -19.25 -31.25 -1.73
N CYS D 159 -19.83 -31.95 -2.67
CA CYS D 159 -21.27 -32.28 -2.64
C CYS D 159 -21.49 -33.64 -3.29
N GLU D 160 -22.70 -34.13 -3.13
CA GLU D 160 -23.11 -35.45 -3.63
C GLU D 160 -24.59 -35.30 -3.94
N ALA D 161 -25.00 -35.67 -5.14
CA ALA D 161 -26.43 -35.82 -5.48
C ALA D 161 -26.66 -37.26 -5.93
N GLU D 162 -27.81 -37.83 -5.58
CA GLU D 162 -28.11 -39.22 -6.01
C GLU D 162 -29.62 -39.33 -6.19
N GLN D 163 -30.02 -40.27 -7.05
CA GLN D 163 -31.45 -40.53 -7.33
C GLN D 163 -31.61 -41.95 -7.85
N CYS D 164 -32.59 -42.67 -7.32
CA CYS D 164 -33.11 -43.95 -7.89
C CYS D 164 -34.32 -43.62 -8.76
N ARG D 165 -34.54 -44.38 -9.83
CA ARG D 165 -35.72 -44.25 -10.71
C ARG D 165 -36.96 -44.17 -9.83
N ASN D 166 -37.78 -43.12 -10.02
CA ASN D 166 -39.09 -42.88 -9.33
C ASN D 166 -38.87 -42.58 -7.85
N GLY D 167 -37.63 -42.29 -7.42
CA GLY D 167 -37.33 -41.83 -6.06
C GLY D 167 -36.90 -40.32 -6.08
N PRO D 168 -36.72 -39.75 -4.86
CA PRO D 168 -36.31 -38.36 -4.73
C PRO D 168 -34.84 -38.19 -5.13
N LEU D 169 -34.54 -37.04 -5.74
CA LEU D 169 -33.15 -36.57 -5.95
C LEU D 169 -32.71 -35.91 -4.64
N VAL D 170 -31.72 -36.52 -3.97
CA VAL D 170 -31.25 -36.08 -2.63
C VAL D 170 -29.88 -35.44 -2.78
N VAL D 171 -29.68 -34.26 -2.21
CA VAL D 171 -28.42 -33.48 -2.31
C VAL D 171 -27.80 -33.38 -0.93
N CYS D 172 -26.50 -33.69 -0.86
CA CYS D 172 -25.67 -33.52 0.35
C CYS D 172 -24.53 -32.56 0.00
N ALA D 173 -24.09 -31.78 0.97
CA ALA D 173 -22.88 -30.93 0.83
C ALA D 173 -21.97 -31.23 2.01
N GLY D 174 -20.71 -30.86 1.89
CA GLY D 174 -19.78 -31.21 2.97
C GLY D 174 -18.49 -30.44 2.87
N ILE D 175 -17.68 -30.63 3.89
CA ILE D 175 -16.29 -30.13 3.94
C ILE D 175 -15.45 -31.26 4.54
N LYS D 176 -14.29 -31.53 3.94
CA LYS D 176 -13.39 -32.59 4.43
C LYS D 176 -11.95 -32.06 4.47
N ASP D 177 -11.07 -32.81 5.10
CA ASP D 177 -9.65 -32.45 5.26
C ASP D 177 -9.57 -31.09 5.97
N LEU D 178 -10.49 -30.83 6.89
CA LEU D 178 -10.54 -29.56 7.66
C LEU D 178 -9.82 -29.80 9.00
N LYS D 179 -8.66 -29.18 9.17
CA LYS D 179 -7.81 -29.50 10.33
C LYS D 179 -7.84 -28.32 11.29
N LEU D 180 -8.39 -28.56 12.48
CA LEU D 180 -8.61 -27.55 13.52
C LEU D 180 -7.84 -28.00 14.76
N MET D 181 -7.32 -27.04 15.51
N MET D 181 -7.32 -27.04 15.51
CA MET D 181 -6.54 -27.35 16.73
CA MET D 181 -6.55 -27.35 16.74
C MET D 181 -6.77 -26.24 17.75
C MET D 181 -6.80 -26.24 17.75
N LYS D 182 -7.07 -26.63 18.99
CA LYS D 182 -6.98 -25.70 20.13
C LYS D 182 -6.01 -26.26 21.15
N THR D 183 -5.35 -25.38 21.88
CA THR D 183 -4.16 -25.73 22.68
C THR D 183 -4.58 -25.97 24.14
N THR D 184 -5.84 -25.72 24.48
CA THR D 184 -6.37 -25.92 25.86
C THR D 184 -7.90 -26.05 25.80
N GLN D 185 -8.57 -26.01 26.95
CA GLN D 185 -10.05 -26.17 27.06
C GLN D 185 -10.44 -27.53 26.46
N SER D 186 -9.65 -28.55 26.73
CA SER D 186 -9.89 -29.95 26.27
C SER D 186 -9.39 -30.92 27.33
N GLY D 187 -10.21 -31.90 27.65
CA GLY D 187 -9.81 -33.02 28.50
C GLY D 187 -10.55 -34.28 28.14
N PHE D 188 -10.23 -35.35 28.84
CA PHE D 188 -10.93 -36.65 28.77
C PHE D 188 -10.73 -37.33 30.12
N GLU D 189 -11.81 -37.34 30.91
CA GLU D 189 -11.82 -37.86 32.29
C GLU D 189 -13.08 -38.74 32.48
N GLY D 190 -13.09 -39.54 33.54
CA GLY D 190 -14.26 -40.30 33.98
C GLY D 190 -14.67 -41.35 32.96
N PHE D 191 -13.72 -41.93 32.25
CA PHE D 191 -13.97 -42.98 31.23
C PHE D 191 -13.94 -44.35 31.92
N TYR D 192 -14.38 -45.37 31.20
CA TYR D 192 -14.45 -46.78 31.69
C TYR D 192 -13.02 -47.30 31.91
N ARG D 193 -12.76 -47.87 33.09
CA ARG D 193 -11.44 -48.43 33.45
C ARG D 193 -11.54 -49.96 33.48
N ASN D 194 -10.45 -50.64 33.12
CA ASN D 194 -10.35 -52.13 33.11
C ASN D 194 -8.86 -52.47 33.15
N GLU D 195 -8.52 -53.76 33.21
CA GLU D 195 -7.14 -54.25 33.43
C GLU D 195 -6.20 -53.84 32.27
N HIS D 196 -6.71 -53.46 31.10
CA HIS D 196 -5.88 -53.07 29.93
C HIS D 196 -5.94 -51.55 29.69
N THR D 197 -6.46 -50.78 30.66
CA THR D 197 -6.63 -49.30 30.54
C THR D 197 -5.51 -48.60 31.32
N THR D 198 -4.58 -47.97 30.60
CA THR D 198 -3.41 -47.26 31.19
C THR D 198 -3.55 -45.75 30.98
N LEU D 199 -4.51 -45.29 30.18
CA LEU D 199 -4.65 -43.85 29.85
C LEU D 199 -4.87 -43.07 31.14
N PRO D 200 -4.06 -42.03 31.44
CA PRO D 200 -4.35 -41.17 32.58
C PRO D 200 -5.55 -40.26 32.28
N GLU D 201 -6.24 -39.83 33.33
CA GLU D 201 -7.25 -38.75 33.27
C GLU D 201 -6.51 -37.46 32.92
N ARG D 202 -7.04 -36.66 32.01
CA ARG D 202 -6.42 -35.37 31.62
C ARG D 202 -7.51 -34.30 31.54
N ASN D 203 -7.23 -33.09 32.03
CA ASN D 203 -8.20 -31.96 31.93
C ASN D 203 -7.61 -30.80 31.13
N ASP D 204 -6.42 -30.94 30.49
N ASP D 204 -6.33 -30.94 30.77
CA ASP D 204 -5.78 -29.79 29.77
CA ASP D 204 -5.61 -30.04 29.84
C ASP D 204 -4.83 -30.21 28.64
C ASP D 204 -4.93 -30.95 28.82
N ARG D 205 -5.36 -30.83 27.60
N ARG D 205 -5.17 -30.64 27.55
CA ARG D 205 -4.59 -31.34 26.44
CA ARG D 205 -4.51 -31.31 26.41
C ARG D 205 -4.81 -30.45 25.20
C ARG D 205 -4.82 -30.48 25.17
N ILE D 206 -3.98 -30.63 24.17
CA ILE D 206 -4.24 -30.08 22.82
C ILE D 206 -5.33 -30.94 22.17
N LEU D 207 -6.39 -30.29 21.67
CA LEU D 207 -7.43 -30.93 20.86
C LEU D 207 -7.13 -30.62 19.39
N CYS D 208 -6.64 -31.61 18.67
CA CYS D 208 -6.29 -31.50 17.23
C CYS D 208 -7.10 -32.53 16.48
N GLY D 209 -7.92 -32.07 15.54
CA GLY D 209 -8.86 -32.91 14.79
C GLY D 209 -8.83 -32.60 13.30
N GLU D 210 -8.86 -33.64 12.48
CA GLU D 210 -9.14 -33.56 11.04
C GLU D 210 -10.60 -33.99 10.88
N PHE D 211 -11.42 -33.11 10.34
CA PHE D 211 -12.89 -33.25 10.28
C PHE D 211 -13.32 -33.62 8.86
N PHE D 212 -14.24 -34.58 8.78
CA PHE D 212 -15.09 -34.85 7.62
C PHE D 212 -16.51 -34.52 8.08
N CYS D 213 -17.17 -33.58 7.40
CA CYS D 213 -18.56 -33.15 7.74
C CYS D 213 -19.41 -33.26 6.48
N LYS D 214 -20.55 -33.93 6.59
CA LYS D 214 -21.45 -34.10 5.43
C LYS D 214 -22.87 -33.89 5.93
N TRP D 215 -23.66 -33.11 5.21
CA TRP D 215 -25.06 -32.84 5.63
C TRP D 215 -25.99 -32.97 4.44
N SER D 216 -27.21 -33.37 4.73
CA SER D 216 -28.27 -33.59 3.73
C SER D 216 -29.27 -32.41 3.78
N TYR D 217 -29.64 -31.94 2.60
CA TYR D 217 -30.71 -30.95 2.41
C TYR D 217 -32.02 -31.67 2.07
N GLY D 218 -31.97 -33.00 1.93
CA GLY D 218 -33.05 -33.82 1.35
C GLY D 218 -33.34 -33.36 -0.06
N GLU D 219 -34.59 -33.01 -0.32
CA GLU D 219 -35.08 -32.61 -1.69
C GLU D 219 -35.11 -31.09 -1.83
N CYS D 220 -34.94 -30.34 -0.74
CA CYS D 220 -34.97 -28.86 -0.76
C CYS D 220 -33.76 -28.33 -1.55
N ARG D 221 -33.99 -27.52 -2.59
CA ARG D 221 -32.90 -26.93 -3.43
C ARG D 221 -33.29 -25.53 -3.94
N ASP D 222 -34.07 -24.78 -3.16
CA ASP D 222 -34.63 -23.46 -3.55
C ASP D 222 -33.74 -22.31 -3.03
N PHE D 223 -32.62 -22.60 -2.35
CA PHE D 223 -31.82 -21.60 -1.58
C PHE D 223 -30.44 -21.41 -2.20
N ASP D 224 -29.68 -20.44 -1.70
CA ASP D 224 -28.31 -20.11 -2.17
C ASP D 224 -27.34 -21.15 -1.56
N PHE D 225 -26.93 -22.12 -2.38
CA PHE D 225 -26.06 -23.24 -1.95
C PHE D 225 -24.74 -22.69 -1.38
N ASP D 226 -24.16 -21.67 -2.02
CA ASP D 226 -22.85 -21.10 -1.58
C ASP D 226 -23.02 -20.42 -0.23
N CYS D 227 -24.08 -19.65 -0.05
CA CYS D 227 -24.39 -18.91 1.20
C CYS D 227 -24.56 -19.90 2.37
N ILE D 228 -25.35 -20.96 2.17
CA ILE D 228 -25.63 -21.95 3.24
C ILE D 228 -24.35 -22.73 3.55
N TRP D 229 -23.59 -23.12 2.52
CA TRP D 229 -22.33 -23.88 2.75
C TRP D 229 -21.40 -23.05 3.66
N SER D 230 -21.23 -21.76 3.36
CA SER D 230 -20.36 -20.83 4.14
C SER D 230 -20.86 -20.74 5.57
N LYS D 231 -22.19 -20.68 5.74
CA LYS D 231 -22.79 -20.55 7.08
C LYS D 231 -22.48 -21.82 7.90
N VAL D 232 -22.63 -23.00 7.30
CA VAL D 232 -22.36 -24.29 7.99
C VAL D 232 -20.88 -24.31 8.39
N ARG D 233 -19.98 -23.91 7.48
CA ARG D 233 -18.52 -23.89 7.80
C ARG D 233 -18.27 -23.00 9.03
N GLU D 234 -18.86 -21.82 9.05
CA GLU D 234 -18.75 -20.85 10.18
C GLU D 234 -19.20 -21.53 11.48
N CYS D 235 -20.33 -22.23 11.46
CA CYS D 235 -20.85 -22.94 12.66
C CYS D 235 -19.84 -23.98 13.14
N ILE D 236 -19.24 -24.76 12.23
CA ILE D 236 -18.24 -25.80 12.60
C ILE D 236 -17.09 -25.12 13.35
N LEU D 237 -16.50 -24.07 12.78
CA LEU D 237 -15.33 -23.37 13.40
C LEU D 237 -15.72 -22.78 14.76
N GLU D 238 -16.85 -22.09 14.85
CA GLU D 238 -17.29 -21.41 16.11
C GLU D 238 -17.62 -22.43 17.20
N ALA D 239 -18.30 -23.54 16.86
CA ALA D 239 -18.67 -24.58 17.84
C ALA D 239 -17.41 -25.29 18.31
N PHE D 240 -16.47 -25.56 17.39
CA PHE D 240 -15.18 -26.19 17.75
C PHE D 240 -14.45 -25.32 18.78
N SER D 241 -14.39 -24.02 18.53
CA SER D 241 -13.45 -23.07 19.18
C SER D 241 -14.04 -22.51 20.47
N GLY D 242 -15.36 -22.30 20.49
CA GLY D 242 -16.02 -21.48 21.51
C GLY D 242 -15.69 -20.00 21.30
N PRO D 243 -16.19 -19.09 22.18
CA PRO D 243 -15.97 -17.66 22.02
C PRO D 243 -14.49 -17.30 22.06
N PRO D 244 -14.05 -16.29 21.27
CA PRO D 244 -12.61 -16.02 21.10
C PRO D 244 -11.87 -15.50 22.34
N ASP D 245 -12.60 -14.99 23.33
CA ASP D 245 -12.03 -14.36 24.57
C ASP D 245 -11.81 -15.40 25.69
N CYS D 246 -12.39 -16.60 25.61
CA CYS D 246 -12.33 -17.57 26.74
C CYS D 246 -12.39 -19.03 26.25
N GLY D 247 -12.91 -19.28 25.05
CA GLY D 247 -13.14 -20.64 24.53
C GLY D 247 -14.23 -21.36 25.29
N GLU D 248 -14.27 -22.68 25.18
CA GLU D 248 -15.31 -23.53 25.81
C GLU D 248 -14.70 -24.91 26.08
N TYR D 249 -14.90 -25.43 27.30
CA TYR D 249 -14.28 -26.71 27.71
C TYR D 249 -14.92 -27.85 26.92
N SER D 250 -14.07 -28.70 26.34
CA SER D 250 -14.47 -29.97 25.68
C SER D 250 -14.10 -31.14 26.59
N PRO D 251 -15.10 -31.94 27.04
CA PRO D 251 -14.82 -33.11 27.90
C PRO D 251 -14.50 -34.39 27.12
N SER D 252 -14.55 -34.36 25.79
CA SER D 252 -14.19 -35.48 24.88
C SER D 252 -14.27 -35.01 23.44
N TYR D 253 -13.61 -35.74 22.54
CA TYR D 253 -13.75 -35.55 21.07
C TYR D 253 -15.22 -35.71 20.70
N GLN D 254 -15.87 -36.72 21.30
CA GLN D 254 -17.28 -37.09 21.03
C GLN D 254 -18.18 -35.89 21.36
N ARG D 255 -17.96 -35.25 22.51
CA ARG D 255 -18.80 -34.10 22.93
C ARG D 255 -18.58 -32.94 21.95
N THR D 256 -17.34 -32.73 21.50
CA THR D 256 -17.04 -31.65 20.52
C THR D 256 -17.78 -31.93 19.21
N VAL D 257 -17.82 -33.18 18.77
CA VAL D 257 -18.59 -33.55 17.55
C VAL D 257 -20.06 -33.16 17.77
N ASN D 258 -20.62 -33.50 18.91
CA ASN D 258 -22.03 -33.18 19.24
C ASN D 258 -22.25 -31.66 19.23
N CYS D 259 -21.35 -30.87 19.84
CA CYS D 259 -21.45 -29.39 19.90
C CYS D 259 -21.49 -28.83 18.48
N ILE D 260 -20.62 -29.33 17.60
CA ILE D 260 -20.60 -28.92 16.17
C ILE D 260 -21.95 -29.25 15.53
N GLN D 261 -22.42 -30.48 15.66
CA GLN D 261 -23.68 -30.93 15.00
C GLN D 261 -24.86 -30.10 15.52
N MET D 262 -24.94 -29.89 16.83
CA MET D 262 -26.09 -29.17 17.44
C MET D 262 -26.03 -27.69 17.05
N CYS D 263 -24.84 -27.11 16.92
CA CYS D 263 -24.69 -25.70 16.46
C CYS D 263 -25.22 -25.59 15.02
N VAL D 264 -24.80 -26.49 14.12
CA VAL D 264 -25.26 -26.45 12.71
C VAL D 264 -26.80 -26.58 12.67
N LEU D 265 -27.36 -27.57 13.36
CA LEU D 265 -28.81 -27.81 13.31
C LEU D 265 -29.57 -26.60 13.88
N SER D 266 -29.05 -25.96 14.93
CA SER D 266 -29.67 -24.79 15.58
C SER D 266 -29.72 -23.59 14.62
N ARG D 267 -28.69 -23.40 13.80
N ARG D 267 -28.68 -23.40 13.80
CA ARG D 267 -28.46 -22.14 13.04
CA ARG D 267 -28.42 -22.15 13.06
C ARG D 267 -28.80 -22.29 11.57
C ARG D 267 -28.79 -22.29 11.58
N VAL D 268 -28.92 -23.52 11.06
CA VAL D 268 -29.09 -23.78 9.60
C VAL D 268 -30.28 -24.73 9.41
N PRO D 269 -31.50 -24.17 9.29
CA PRO D 269 -32.72 -24.96 9.12
C PRO D 269 -32.68 -25.90 7.91
N GLN D 270 -31.91 -25.55 6.86
CA GLN D 270 -31.86 -26.33 5.60
C GLN D 270 -31.20 -27.69 5.86
N VAL D 271 -30.38 -27.80 6.90
CA VAL D 271 -29.67 -29.05 7.24
C VAL D 271 -30.67 -29.97 7.95
N GLN D 272 -30.93 -31.15 7.37
CA GLN D 272 -31.88 -32.16 7.90
C GLN D 272 -31.11 -33.21 8.69
N VAL D 273 -29.94 -33.62 8.20
CA VAL D 273 -29.13 -34.73 8.75
C VAL D 273 -27.67 -34.30 8.64
N ILE D 274 -26.88 -34.50 9.69
CA ILE D 274 -25.45 -34.10 9.68
C ILE D 274 -24.60 -35.23 10.26
N GLU D 275 -23.57 -35.59 9.50
CA GLU D 275 -22.55 -36.59 9.84
C GLU D 275 -21.25 -35.84 10.07
N VAL D 276 -20.61 -36.07 11.21
CA VAL D 276 -19.26 -35.51 11.49
C VAL D 276 -18.36 -36.67 11.90
N ILE D 277 -17.16 -36.73 11.32
CA ILE D 277 -16.08 -37.68 11.69
C ILE D 277 -14.89 -36.81 12.13
N LEU D 278 -14.42 -37.04 13.34
CA LEU D 278 -13.23 -36.38 13.92
C LEU D 278 -12.12 -37.42 14.02
N ASN D 279 -11.06 -37.25 13.22
CA ASN D 279 -9.82 -38.04 13.35
C ASN D 279 -8.85 -37.21 14.19
N ASN D 280 -8.47 -37.67 15.37
CA ASN D 280 -7.69 -36.81 16.27
C ASN D 280 -6.21 -37.20 16.20
N ASN D 281 -5.37 -36.26 16.61
CA ASN D 281 -3.94 -36.47 16.89
C ASN D 281 -3.68 -36.02 18.33
N PHE D 282 -3.15 -36.91 19.16
CA PHE D 282 -2.67 -36.57 20.52
C PHE D 282 -1.31 -35.87 20.38
N TYR D 283 -1.12 -34.79 21.12
CA TYR D 283 0.18 -34.10 21.26
C TYR D 283 0.73 -34.41 22.65
N ASN D 284 1.79 -35.23 22.71
N ASN D 284 1.76 -35.26 22.71
CA ASN D 284 2.42 -35.68 23.97
CA ASN D 284 2.41 -35.69 23.99
C ASN D 284 3.37 -34.59 24.48
C ASN D 284 3.34 -34.58 24.48
N VAL D 285 3.25 -34.23 25.76
CA VAL D 285 4.27 -33.37 26.43
C VAL D 285 5.50 -34.25 26.67
N VAL D 286 6.56 -34.05 25.90
CA VAL D 286 7.80 -34.89 25.93
C VAL D 286 8.39 -34.85 27.34
N ASP D 287 8.58 -36.02 27.96
CA ASP D 287 9.30 -36.13 29.25
C ASP D 287 10.77 -35.84 28.97
N MET D 288 11.30 -34.75 29.53
N MET D 288 11.29 -34.75 29.55
CA MET D 288 12.69 -34.30 29.31
CA MET D 288 12.67 -34.26 29.33
C MET D 288 13.51 -34.40 30.61
C MET D 288 13.50 -34.39 30.62
N LYS D 289 13.00 -35.12 31.62
CA LYS D 289 13.70 -35.33 32.92
C LYS D 289 15.13 -35.85 32.68
N ALA D 290 15.28 -36.90 31.86
CA ALA D 290 16.57 -37.57 31.58
C ALA D 290 17.52 -36.64 30.80
N LEU D 291 16.99 -35.58 30.16
CA LEU D 291 17.79 -34.57 29.41
C LEU D 291 18.09 -33.36 30.30
N GLY D 292 17.75 -33.45 31.59
CA GLY D 292 18.12 -32.48 32.63
C GLY D 292 17.31 -31.20 32.56
N CYS D 293 16.07 -31.24 32.10
CA CYS D 293 15.17 -30.07 32.16
C CYS D 293 13.70 -30.48 32.25
N THR D 294 12.84 -29.49 32.51
CA THR D 294 11.41 -29.66 32.86
C THR D 294 10.60 -29.08 31.70
N ASN D 295 9.67 -29.85 31.16
CA ASN D 295 8.85 -29.44 30.01
C ASN D 295 7.44 -29.11 30.53
N ASP D 296 7.18 -27.83 30.80
CA ASP D 296 5.88 -27.35 31.35
C ASP D 296 4.95 -27.06 30.17
N LYS D 297 4.47 -28.10 29.49
CA LYS D 297 3.60 -28.00 28.28
C LYS D 297 4.21 -26.97 27.29
N GLU D 298 5.51 -27.08 27.04
CA GLU D 298 6.25 -26.17 26.13
C GLU D 298 6.52 -26.88 24.80
N VAL D 299 6.95 -28.13 24.85
CA VAL D 299 7.33 -28.92 23.64
C VAL D 299 6.42 -30.15 23.59
N LEU D 300 5.61 -30.24 22.55
CA LEU D 300 4.62 -31.33 22.38
C LEU D 300 4.84 -32.03 21.04
N VAL D 301 4.82 -33.36 21.05
CA VAL D 301 5.10 -34.18 19.86
C VAL D 301 3.80 -34.83 19.43
N PRO D 302 3.33 -34.59 18.20
CA PRO D 302 2.10 -35.22 17.72
C PRO D 302 2.28 -36.72 17.44
N VAL D 303 1.27 -37.51 17.80
CA VAL D 303 1.16 -38.95 17.44
C VAL D 303 0.19 -39.01 16.26
N GLU D 304 0.69 -39.34 15.06
CA GLU D 304 -0.16 -39.36 13.84
C GLU D 304 -0.72 -40.75 13.59
N THR D 305 0.00 -41.81 13.96
CA THR D 305 -0.50 -43.21 13.92
C THR D 305 0.04 -43.93 15.15
N PRO D 306 -0.77 -44.80 15.80
CA PRO D 306 -2.19 -44.95 15.47
C PRO D 306 -2.96 -43.68 15.82
N TYR D 307 -4.20 -43.55 15.34
CA TYR D 307 -5.02 -42.35 15.64
C TYR D 307 -6.44 -42.79 16.00
N GLY D 308 -7.04 -42.00 16.88
CA GLY D 308 -8.45 -42.19 17.29
C GLY D 308 -9.38 -41.57 16.28
N SER D 309 -10.57 -42.12 16.14
CA SER D 309 -11.63 -41.53 15.31
C SER D 309 -12.93 -41.65 16.10
N CYS D 310 -13.80 -40.67 15.94
CA CYS D 310 -15.21 -40.83 16.35
C CYS D 310 -16.10 -40.22 15.27
N ALA D 311 -17.30 -40.76 15.16
CA ALA D 311 -18.24 -40.41 14.08
C ALA D 311 -19.64 -40.43 14.67
N CYS D 312 -20.43 -39.45 14.31
CA CYS D 312 -21.87 -39.44 14.69
C CYS D 312 -22.68 -38.89 13.52
N THR D 313 -23.86 -39.45 13.30
CA THR D 313 -24.88 -38.89 12.39
C THR D 313 -26.13 -38.60 13.20
N LEU D 314 -26.56 -37.33 13.23
CA LEU D 314 -27.80 -36.83 13.87
C LEU D 314 -28.77 -36.43 12.75
N GLY D 315 -30.06 -36.65 12.96
CA GLY D 315 -31.10 -36.15 12.04
C GLY D 315 -32.24 -35.52 12.80
N ARG D 316 -32.96 -34.61 12.16
CA ARG D 316 -34.20 -33.99 12.70
C ARG D 316 -35.28 -35.07 12.73
N LYS D 317 -35.93 -35.28 13.87
CA LYS D 317 -37.06 -36.25 14.01
C LYS D 317 -38.14 -35.98 12.95
N LYS D 318 -38.46 -34.71 12.69
CA LYS D 318 -39.51 -34.31 11.70
C LYS D 318 -39.15 -34.88 10.32
N TYR D 319 -37.90 -34.74 9.89
CA TYR D 319 -37.44 -35.15 8.54
C TYR D 319 -37.47 -36.68 8.44
N LEU D 320 -37.03 -37.37 9.49
CA LEU D 320 -36.89 -38.86 9.49
C LEU D 320 -38.28 -39.50 9.47
N GLU D 321 -39.24 -38.95 10.22
CA GLU D 321 -40.67 -39.39 10.24
C GLU D 321 -41.28 -39.21 8.83
N ALA D 322 -41.06 -38.04 8.21
CA ALA D 322 -41.54 -37.71 6.84
C ALA D 322 -41.01 -38.73 5.81
N GLN D 323 -39.85 -39.37 6.07
CA GLN D 323 -39.23 -40.38 5.16
C GLN D 323 -40.07 -41.66 5.12
N SER D 324 -40.42 -42.22 6.30
CA SER D 324 -41.11 -43.53 6.53
C SER D 324 -41.73 -44.07 5.22
N1 AZA E . -1.61 20.55 -22.26
C2 AZA E . -0.63 19.90 -22.95
O2 AZA E . -0.45 18.69 -22.84
N3 AZA E . 0.17 20.68 -23.77
C4 AZA E . -0.04 22.01 -23.86
C5 AZA E . -1.05 22.66 -23.22
C6 AZA E . -1.94 21.88 -22.34
O6 AZA E . -2.87 22.32 -21.69
N7 AZA E . -1.02 23.97 -23.57
N8 AZA E . -0.02 24.12 -24.41
N9 AZA E . 0.60 22.93 -24.60
O1 OXY F . 7.56 34.05 16.89
O2 OXY F . 8.60 33.68 17.37
C1 EDO G . 0.62 8.32 -19.16
O1 EDO G . -0.19 9.32 -19.73
C2 EDO G . 1.72 7.91 -20.05
O2 EDO G . 2.84 8.78 -19.98
C1 EDO H . -4.93 15.58 -0.27
O1 EDO H . -5.79 16.11 0.71
C2 EDO H . -4.82 16.48 -1.42
O2 EDO H . -4.19 17.71 -1.09
C1 EDO I . 8.39 17.96 -31.11
O1 EDO I . 8.24 19.05 -30.29
C2 EDO I . 9.61 17.17 -30.88
O2 EDO I . 9.87 16.29 -31.97
C1 EDO J . 6.26 16.85 -33.43
O1 EDO J . 6.15 16.37 -32.10
C2 EDO J . 5.64 15.94 -34.42
O2 EDO J . 4.22 15.96 -34.40
C1 EDO K . 18.26 18.57 0.86
O1 EDO K . 17.06 18.35 1.57
C2 EDO K . 18.32 17.85 -0.44
O2 EDO K . 17.14 17.94 -1.21
C1 EDO L . 19.60 0.65 4.69
O1 EDO L . 20.45 0.81 3.57
C2 EDO L . 19.27 1.90 5.40
O2 EDO L . 19.19 1.71 6.79
C1 EDO M . 32.88 37.62 -47.36
O1 EDO M . 32.52 38.57 -48.36
C2 EDO M . 33.52 36.40 -47.92
O2 EDO M . 32.85 35.87 -49.05
CL CL N . -13.68 3.71 -4.02
CL CL O . -10.68 7.71 6.86
CL CL P . -10.48 36.97 21.58
O1 OXY Q . 1.77 23.54 -21.47
O2 OXY Q . 0.98 23.47 -20.58
N1 AZA R . 5.50 36.12 19.73
C2 AZA R . 6.49 37.04 20.03
O2 AZA R . 6.34 38.24 19.87
N3 AZA R . 7.67 36.51 20.47
C4 AZA R . 7.82 35.17 20.57
C5 AZA R . 6.80 34.27 20.32
C6 AZA R . 5.55 34.75 19.88
O6 AZA R . 4.58 34.05 19.65
N7 AZA R . 7.29 33.03 20.49
N8 AZA R . 8.56 33.13 20.82
N9 AZA R . 8.90 34.44 20.87
C1 EDO S . 3.37 48.52 16.56
O1 EDO S . 3.30 47.32 17.33
C2 EDO S . 4.63 49.27 16.78
O2 EDO S . 5.81 48.50 16.60
C1 EDO T . -7.39 39.48 1.69
O1 EDO T . -7.91 39.35 0.39
C2 EDO T . -7.08 38.17 2.27
O2 EDO T . -6.06 37.50 1.56
C1 EDO U . -4.09 47.25 -32.06
O1 EDO U . -3.07 47.70 -31.19
C2 EDO U . -3.61 46.31 -33.10
O2 EDO U . -2.25 46.53 -33.46
C1 EDO V . -14.69 10.76 -27.01
C1 EDO V . -14.20 10.94 -24.90
O1 EDO V . -14.92 9.77 -27.99
O1 EDO V . -13.77 10.89 -26.25
C2 EDO V . -14.85 10.25 -25.61
C2 EDO V . -15.67 11.03 -24.72
O2 EDO V . -16.15 10.41 -25.09
O2 EDO V . -16.06 11.70 -23.53
C1 EDO W . 12.28 34.79 6.59
O1 EDO W . 11.23 34.03 6.05
C2 EDO W . 12.72 34.35 7.93
O2 EDO W . 13.96 33.65 7.94
C1 EDO X . 6.79 35.43 -23.04
O1 EDO X . 7.42 34.30 -23.57
C2 EDO X . 6.84 35.59 -21.54
O2 EDO X . 8.12 35.58 -20.92
CL CL Y . -16.08 16.03 -17.51
CL CL Z . 19.74 56.60 -9.10
CL CL AA . 10.83 54.77 4.66
CL CL BA . 17.18 40.56 23.43
CL CL CA . -4.52 55.03 12.41
N1 AZA DA . 7.99 -22.61 -22.09
C2 AZA DA . 6.70 -22.13 -22.14
O2 AZA DA . 6.40 -21.04 -21.65
N3 AZA DA . 5.78 -22.91 -22.76
C4 AZA DA . 6.13 -24.11 -23.27
C5 AZA DA . 7.41 -24.60 -23.22
C6 AZA DA . 8.44 -23.81 -22.61
O6 AZA DA . 9.62 -24.10 -22.50
N7 AZA DA . 7.42 -25.82 -23.84
N8 AZA DA . 6.19 -26.06 -24.24
N9 AZA DA . 5.40 -25.03 -23.91
O1 OXY EA . 7.14 -26.33 -20.12
O2 OXY EA . 6.16 -26.54 -20.80
C1 EDO FA . 3.78 -11.89 -15.29
O1 EDO FA . 3.17 -13.18 -15.25
C2 EDO FA . 5.24 -12.01 -15.17
O2 EDO FA . 5.80 -12.76 -16.22
C1 EDO GA . 38.61 -43.19 9.18
C1 EDO GA . 38.65 -42.55 7.48
O1 EDO GA . 38.44 -44.59 9.23
O1 EDO GA . 38.33 -42.36 8.85
C2 EDO GA . 38.43 -42.63 7.83
C2 EDO GA . 38.42 -41.36 6.61
O2 EDO GA . 38.23 -41.23 7.81
O2 EDO GA . 38.32 -41.68 5.24
C1 EDO HA . 19.50 -20.95 -3.90
O1 EDO HA . 19.56 -22.36 -3.86
C2 EDO HA . 20.25 -20.32 -2.79
O2 EDO HA . 21.36 -21.10 -2.37
C1 EDO IA . -6.37 -21.02 -24.35
O1 EDO IA . -7.27 -20.12 -24.99
C2 EDO IA . -5.58 -21.85 -25.30
O2 EDO IA . -4.41 -22.36 -24.74
C1 EDO JA . 29.99 -19.19 14.22
O1 EDO JA . 29.68 -18.39 13.11
C2 EDO JA . 28.82 -19.95 14.73
O2 EDO JA . 28.95 -21.36 14.62
C1 EDO KA . 0.13 -18.52 14.83
C1 EDO KA . 0.01 -19.35 14.71
O1 EDO KA . -0.76 -17.98 13.87
O1 EDO KA . 1.33 -19.78 14.44
C2 EDO KA . 0.22 -17.68 16.05
C2 EDO KA . -0.05 -18.26 15.73
O2 EDO KA . 0.85 -18.33 17.14
O2 EDO KA . 0.53 -18.60 16.96
CL CL LA . -11.01 -18.67 10.93
N1 AZA MA . -12.25 -39.80 23.50
C2 AZA MA . -11.46 -38.75 23.89
O2 AZA MA . -11.84 -37.58 23.85
N3 AZA MA . -10.17 -39.07 24.26
C4 AZA MA . -9.73 -40.34 24.17
C5 AZA MA . -10.52 -41.39 23.79
C6 AZA MA . -11.90 -41.14 23.43
O6 AZA MA . -12.71 -41.98 23.10
N7 AZA MA . -9.78 -42.52 23.82
N8 AZA MA . -8.56 -42.18 24.21
N9 AZA MA . -8.52 -40.85 24.42
O1 OXY NA . -9.76 -40.91 20.38
O2 OXY NA . -8.64 -40.99 20.83
C1 EDO OA . -15.66 -26.80 22.31
O1 EDO OA . -14.37 -27.26 21.91
C2 EDO OA . -16.75 -27.69 21.84
O2 EDO OA . -16.75 -28.96 22.46
C1 EDO PA . 15.54 -25.98 32.42
O1 EDO PA . 14.21 -26.45 32.55
C2 EDO PA . 15.92 -25.59 31.04
O2 EDO PA . 15.55 -24.26 30.70
C1 EDO QA . -13.68 -14.94 -6.10
O1 EDO QA . -13.12 -13.81 -5.45
C2 EDO QA . -14.94 -14.64 -6.80
O2 EDO QA . -15.19 -13.25 -6.94
C1 EDO RA . -30.22 -59.94 -14.08
O1 EDO RA . -29.84 -59.65 -12.74
C2 EDO RA . -30.28 -58.73 -14.95
O2 EDO RA . -29.68 -58.93 -16.22
C1 EDO SA . -6.59 -29.18 -3.94
O1 EDO SA . -5.65 -29.22 -2.87
C2 EDO SA . -6.45 -30.23 -4.97
O2 EDO SA . -5.76 -29.77 -6.13
C1 EDO TA . -26.44 -37.35 5.39
O1 EDO TA . -25.92 -36.84 4.17
C2 EDO TA . -25.36 -37.65 6.36
O2 EDO TA . -24.33 -38.40 5.78
C1 EDO UA . -5.58 -38.24 10.52
O1 EDO UA . -5.02 -39.25 9.70
C2 EDO UA . -4.91 -38.12 11.84
O2 EDO UA . -3.56 -38.56 11.86
C1 EDO VA . -19.54 -20.49 -13.97
O1 EDO VA . -19.74 -20.81 -15.31
C2 EDO VA . -18.32 -21.09 -13.37
O2 EDO VA . -17.13 -20.29 -13.48
CL CL WA . -2.87 -13.45 -2.19
CL CL XA . -35.89 -29.65 14.36
CL CL YA . -1.62 -33.43 28.01
#